data_3M9B
#
_entry.id   3M9B
#
_cell.length_a   176.787
_cell.length_b   176.652
_cell.length_c   176.633
_cell.angle_alpha   90.000
_cell.angle_beta   90.040
_cell.angle_gamma   90.000
#
_symmetry.space_group_name_H-M   'P 1 21 1'
#
_entity_poly.entity_id   1
_entity_poly.type   'polypeptide(L)'
_entity_poly.pdbx_seq_one_letter_code
;MGESERSEAFGIPRDSPLSSGDAAELEQLRREAAVLREQLENAVGSHAPTRSARDIHQLEARIDSLAARNSKLMETLKEA
RQQLLALREEVDRLGQPPSGYGVLLATHDDDTVDVFTSGRKMRLTCSPNIDAASLKKGQTVRLNEALTVVEAGTFEAVGE
ISTLREILADGHRALVVGHADEERVVWLADPLIAEDLPDGLPEALNDDTRPRKLRPGDSLLVDTKAGYAFERIPLVPRGS
AAALEHHHHHH
;
_entity_poly.pdbx_strand_id   A,B,C,D,E,F,G,H,I,J,K,L
#
# COMPACT_ATOMS: atom_id res chain seq x y z
N SER A 52 9.04 -11.38 39.32
CA SER A 52 9.67 -12.25 38.29
C SER A 52 8.67 -12.59 37.18
N ALA A 53 7.45 -12.07 37.30
CA ALA A 53 6.36 -12.45 36.41
C ALA A 53 6.07 -11.45 35.33
N ARG A 54 6.39 -10.19 35.57
CA ARG A 54 6.31 -9.19 34.51
C ARG A 54 7.36 -9.53 33.48
N ASP A 55 8.53 -9.96 33.93
CA ASP A 55 9.56 -10.38 33.01
C ASP A 55 8.95 -11.29 31.95
N ILE A 56 8.10 -12.23 32.33
CA ILE A 56 7.60 -13.15 31.32
C ILE A 56 6.45 -12.63 30.49
N HIS A 57 5.87 -11.49 30.86
CA HIS A 57 4.91 -10.88 29.96
C HIS A 57 5.69 -10.17 28.89
N GLN A 58 6.56 -9.27 29.34
CA GLN A 58 7.44 -8.57 28.43
C GLN A 58 7.90 -9.48 27.33
N LEU A 59 8.60 -10.54 27.67
CA LEU A 59 9.07 -11.44 26.65
C LEU A 59 7.94 -11.93 25.77
N GLU A 60 6.99 -12.66 26.33
CA GLU A 60 5.88 -13.19 25.56
C GLU A 60 5.20 -12.10 24.75
N ALA A 61 5.56 -10.85 24.98
CA ALA A 61 4.92 -9.77 24.25
C ALA A 61 5.83 -9.18 23.21
N ARG A 62 7.14 -9.35 23.36
CA ARG A 62 8.04 -8.97 22.28
C ARG A 62 7.89 -10.05 21.22
N ILE A 63 7.98 -11.31 21.64
CA ILE A 63 7.82 -12.44 20.74
C ILE A 63 6.54 -12.34 19.92
N ASP A 64 5.39 -12.49 20.56
CA ASP A 64 4.10 -12.44 19.87
C ASP A 64 4.01 -11.22 18.90
N SER A 65 4.91 -10.24 19.05
CA SER A 65 4.90 -9.05 18.20
C SER A 65 5.85 -9.18 17.03
N LEU A 66 6.99 -9.79 17.24
CA LEU A 66 7.90 -9.98 16.14
C LEU A 66 7.30 -11.02 15.21
N ALA A 67 6.99 -12.19 15.73
CA ALA A 67 6.51 -13.28 14.90
C ALA A 67 5.31 -12.94 14.03
N ALA A 68 4.75 -11.76 14.20
CA ALA A 68 3.67 -11.37 13.32
C ALA A 68 4.04 -10.12 12.58
N ARG A 69 5.26 -9.64 12.78
CA ARG A 69 5.89 -8.74 11.81
C ARG A 69 6.63 -9.68 10.85
N ASN A 70 7.23 -10.73 11.40
CA ASN A 70 7.92 -11.74 10.63
C ASN A 70 7.00 -12.41 9.64
N SER A 71 5.71 -12.42 9.91
CA SER A 71 4.83 -13.10 9.00
C SER A 71 4.13 -12.14 8.08
N LYS A 72 4.24 -10.84 8.31
CA LYS A 72 3.73 -9.88 7.33
C LYS A 72 4.79 -9.66 6.28
N LEU A 73 6.04 -9.82 6.67
CA LEU A 73 7.12 -9.71 5.71
C LEU A 73 7.15 -10.98 4.90
N MET A 74 7.23 -12.13 5.57
CA MET A 74 7.11 -13.41 4.88
C MET A 74 6.24 -13.31 3.65
N GLU A 75 5.06 -12.71 3.84
CA GLU A 75 4.00 -12.68 2.84
C GLU A 75 4.23 -11.61 1.78
N THR A 76 4.67 -10.41 2.16
CA THR A 76 5.01 -9.41 1.13
C THR A 76 6.29 -9.76 0.33
N LEU A 77 7.25 -10.47 0.92
CA LEU A 77 8.44 -10.89 0.20
C LEU A 77 8.08 -11.99 -0.77
N LYS A 78 7.02 -12.71 -0.45
CA LYS A 78 6.56 -13.73 -1.35
C LYS A 78 6.00 -13.04 -2.58
N GLU A 79 5.14 -12.06 -2.35
CA GLU A 79 4.54 -11.31 -3.43
C GLU A 79 5.51 -10.36 -4.14
N ALA A 80 6.74 -10.25 -3.64
CA ALA A 80 7.78 -9.57 -4.40
C ALA A 80 8.47 -10.52 -5.31
N ARG A 81 8.92 -11.67 -4.80
CA ARG A 81 9.53 -12.67 -5.67
C ARG A 81 8.60 -13.08 -6.84
N GLN A 82 7.29 -13.18 -6.57
CA GLN A 82 6.27 -13.58 -7.59
C GLN A 82 6.02 -12.55 -8.73
N GLN A 83 6.45 -11.30 -8.52
CA GLN A 83 6.36 -10.27 -9.56
C GLN A 83 7.70 -10.07 -10.23
N LEU A 84 8.78 -10.34 -9.51
CA LEU A 84 10.13 -10.18 -10.05
C LEU A 84 10.46 -11.39 -10.85
N LEU A 85 9.79 -12.51 -10.62
CA LEU A 85 10.08 -13.65 -11.48
C LEU A 85 9.19 -13.75 -12.72
N ALA A 86 7.93 -13.30 -12.62
CA ALA A 86 7.04 -13.18 -13.81
C ALA A 86 7.50 -12.09 -14.80
N LEU A 87 8.10 -11.03 -14.28
CA LEU A 87 8.69 -10.03 -15.13
C LEU A 87 9.95 -10.60 -15.70
N ARG A 88 10.86 -11.13 -14.90
CA ARG A 88 12.13 -11.56 -15.49
C ARG A 88 12.00 -12.58 -16.65
N GLU A 89 10.96 -13.45 -16.63
CA GLU A 89 10.72 -14.34 -17.80
C GLU A 89 10.27 -13.57 -19.07
N GLU A 90 9.28 -12.65 -18.97
CA GLU A 90 8.96 -11.75 -20.11
C GLU A 90 10.20 -11.15 -20.70
N VAL A 91 11.05 -10.50 -19.91
CA VAL A 91 12.30 -9.95 -20.43
C VAL A 91 13.28 -11.01 -20.98
N ASP A 92 13.35 -12.18 -20.31
CA ASP A 92 14.24 -13.26 -20.79
C ASP A 92 13.84 -13.78 -22.19
N ARG A 93 12.54 -13.66 -22.50
CA ARG A 93 11.99 -13.92 -23.85
C ARG A 93 12.38 -12.90 -24.96
N LEU A 94 12.59 -11.65 -24.58
CA LEU A 94 12.87 -10.64 -25.56
C LEU A 94 14.27 -10.80 -26.14
N GLY A 95 15.10 -11.56 -25.43
CA GLY A 95 16.46 -11.91 -25.87
C GLY A 95 16.54 -12.81 -27.11
N GLN A 96 15.72 -13.87 -27.11
CA GLN A 96 15.66 -14.85 -28.22
C GLN A 96 15.18 -14.19 -29.52
N PRO A 97 15.99 -14.30 -30.59
CA PRO A 97 15.72 -13.64 -31.86
C PRO A 97 14.37 -14.00 -32.45
N PRO A 98 13.81 -13.08 -33.26
CA PRO A 98 12.48 -13.04 -33.86
C PRO A 98 12.37 -14.00 -35.02
N SER A 99 11.25 -14.02 -35.72
CA SER A 99 11.10 -15.05 -36.72
C SER A 99 10.80 -14.51 -38.09
N GLY A 100 11.44 -15.12 -39.11
CA GLY A 100 11.11 -14.93 -40.54
C GLY A 100 9.99 -15.82 -41.11
N TYR A 101 9.34 -15.36 -42.18
CA TYR A 101 8.29 -16.11 -42.88
C TYR A 101 8.58 -16.19 -44.39
N GLY A 102 8.13 -17.26 -45.03
CA GLY A 102 8.32 -17.43 -46.46
C GLY A 102 7.37 -18.45 -47.07
N VAL A 103 7.25 -18.47 -48.40
CA VAL A 103 6.29 -19.34 -49.09
C VAL A 103 7.01 -20.61 -49.35
N LEU A 104 6.24 -21.68 -49.57
CA LEU A 104 6.74 -23.06 -49.71
C LEU A 104 6.77 -23.53 -51.15
N LEU A 105 7.94 -23.81 -51.64
CA LEU A 105 7.97 -24.01 -53.04
C LEU A 105 7.95 -25.44 -53.52
N ALA A 106 8.48 -26.39 -52.75
CA ALA A 106 8.22 -27.79 -53.08
C ALA A 106 8.86 -28.82 -52.14
N THR A 107 8.11 -29.85 -51.75
CA THR A 107 8.65 -30.95 -50.96
C THR A 107 9.76 -31.65 -51.72
N HIS A 108 10.81 -32.01 -51.00
CA HIS A 108 11.85 -32.88 -51.52
C HIS A 108 11.86 -34.28 -50.82
N ASP A 109 12.04 -35.36 -51.58
CA ASP A 109 12.10 -36.71 -50.98
C ASP A 109 13.34 -36.87 -50.11
N ASP A 110 13.94 -35.71 -49.83
CA ASP A 110 14.99 -35.52 -48.87
C ASP A 110 14.25 -35.11 -47.60
N ASP A 111 14.93 -34.42 -46.70
CA ASP A 111 14.25 -33.77 -45.58
C ASP A 111 13.92 -32.32 -45.91
N THR A 112 14.43 -31.85 -47.03
CA THR A 112 14.59 -30.43 -47.29
C THR A 112 13.39 -29.80 -47.96
N VAL A 113 13.22 -28.49 -47.78
CA VAL A 113 12.27 -27.73 -48.59
C VAL A 113 12.84 -26.55 -49.34
N ASP A 114 12.24 -26.28 -50.50
CA ASP A 114 12.51 -25.15 -51.31
C ASP A 114 11.47 -24.11 -50.92
N VAL A 115 11.82 -23.17 -50.05
CA VAL A 115 10.87 -22.12 -49.66
C VAL A 115 11.34 -20.88 -50.31
N PHE A 116 10.75 -19.76 -49.93
CA PHE A 116 11.06 -18.51 -50.57
C PHE A 116 10.94 -17.48 -49.53
N THR A 117 12.06 -16.98 -49.07
CA THR A 117 12.02 -16.19 -47.87
C THR A 117 12.26 -14.66 -48.02
N SER A 118 13.34 -14.18 -47.46
CA SER A 118 13.65 -12.78 -47.54
C SER A 118 13.93 -12.52 -48.99
N GLY A 119 12.89 -12.51 -49.80
CA GLY A 119 13.06 -12.24 -51.23
C GLY A 119 13.59 -13.28 -52.20
N ARG A 120 14.51 -14.12 -51.78
CA ARG A 120 15.07 -15.11 -52.71
C ARG A 120 14.52 -16.54 -52.54
N LYS A 121 15.14 -17.50 -53.23
CA LYS A 121 14.60 -18.84 -53.32
C LYS A 121 15.55 -19.74 -52.64
N MET A 122 15.37 -20.00 -51.36
CA MET A 122 16.29 -20.93 -50.75
C MET A 122 15.74 -22.29 -50.30
N ARG A 123 16.68 -23.24 -50.17
CA ARG A 123 16.41 -24.63 -49.79
C ARG A 123 17.03 -24.87 -48.45
N LEU A 124 16.20 -25.28 -47.51
CA LEU A 124 16.58 -25.35 -46.12
C LEU A 124 15.82 -26.44 -45.34
N THR A 125 16.40 -26.89 -44.21
CA THR A 125 15.93 -28.06 -43.45
C THR A 125 14.76 -27.78 -42.53
N CYS A 126 14.00 -28.83 -42.23
CA CYS A 126 12.92 -28.74 -41.28
C CYS A 126 13.32 -29.26 -39.91
N SER A 127 12.64 -28.74 -38.90
CA SER A 127 12.91 -29.12 -37.54
C SER A 127 12.20 -30.41 -37.26
N PRO A 128 12.90 -31.35 -36.60
CA PRO A 128 12.32 -32.56 -36.10
C PRO A 128 10.79 -32.48 -36.00
N ASN A 129 10.27 -31.43 -35.36
CA ASN A 129 8.88 -31.46 -34.94
C ASN A 129 7.76 -31.13 -35.95
N ILE A 130 8.08 -30.91 -37.23
CA ILE A 130 6.95 -30.80 -38.18
C ILE A 130 6.89 -31.84 -39.27
N ASP A 131 5.68 -32.04 -39.78
CA ASP A 131 5.37 -33.25 -40.52
C ASP A 131 6.03 -33.29 -41.89
N ALA A 132 7.28 -33.80 -41.88
CA ALA A 132 8.19 -33.87 -43.04
C ALA A 132 7.61 -33.76 -44.49
N ALA A 133 6.40 -34.29 -44.71
CA ALA A 133 5.82 -34.33 -46.06
C ALA A 133 4.39 -33.77 -46.19
N SER A 134 3.64 -33.76 -45.07
CA SER A 134 2.20 -33.43 -45.09
C SER A 134 1.80 -31.94 -45.23
N LEU A 135 2.77 -31.02 -45.40
CA LEU A 135 2.52 -29.59 -45.73
C LEU A 135 2.37 -29.42 -47.23
N LYS A 136 1.43 -28.56 -47.63
CA LYS A 136 0.96 -28.51 -49.02
C LYS A 136 1.67 -27.43 -49.87
N LYS A 137 1.90 -27.74 -51.15
CA LYS A 137 2.65 -26.85 -52.06
C LYS A 137 2.17 -25.40 -52.03
N GLY A 138 2.98 -24.56 -51.43
CA GLY A 138 2.78 -23.16 -51.53
C GLY A 138 1.94 -22.68 -50.39
N GLN A 139 2.32 -23.00 -49.18
CA GLN A 139 1.63 -22.39 -48.07
C GLN A 139 2.65 -21.63 -47.30
N THR A 140 2.22 -20.61 -46.58
CA THR A 140 3.09 -19.81 -45.73
C THR A 140 3.75 -20.63 -44.65
N VAL A 141 5.04 -20.46 -44.38
CA VAL A 141 5.68 -21.15 -43.25
C VAL A 141 6.52 -20.18 -42.43
N ARG A 142 6.90 -20.55 -41.22
CA ARG A 142 7.63 -19.68 -40.33
C ARG A 142 9.04 -20.15 -40.32
N LEU A 143 9.99 -19.32 -39.94
CA LEU A 143 11.39 -19.71 -40.00
C LEU A 143 12.18 -19.04 -38.90
N ASN A 144 13.12 -19.74 -38.29
CA ASN A 144 13.85 -19.15 -37.17
C ASN A 144 15.07 -18.37 -37.61
N GLU A 145 15.99 -18.08 -36.67
CA GLU A 145 17.11 -17.18 -36.98
C GLU A 145 18.07 -17.81 -37.95
N ALA A 146 18.34 -19.10 -37.78
CA ALA A 146 19.29 -19.75 -38.67
C ALA A 146 18.58 -20.36 -39.84
N LEU A 147 17.36 -19.92 -40.08
CA LEU A 147 16.55 -20.35 -41.21
C LEU A 147 16.36 -21.88 -41.21
N THR A 148 15.27 -22.33 -40.62
CA THR A 148 14.97 -23.74 -40.36
C THR A 148 13.52 -23.72 -40.03
N VAL A 149 12.69 -24.25 -40.92
CA VAL A 149 11.23 -24.08 -40.84
C VAL A 149 10.76 -24.63 -39.54
N VAL A 150 9.57 -24.23 -39.08
CA VAL A 150 9.11 -24.69 -37.78
C VAL A 150 7.62 -24.80 -37.66
N GLU A 151 6.87 -24.40 -38.67
CA GLU A 151 5.41 -24.42 -38.54
C GLU A 151 4.78 -24.50 -39.92
N ALA A 152 3.48 -24.66 -40.01
CA ALA A 152 2.85 -24.46 -41.28
C ALA A 152 1.98 -23.29 -41.00
N GLY A 153 1.17 -22.89 -41.98
CA GLY A 153 0.33 -21.72 -41.79
C GLY A 153 -0.85 -21.67 -42.73
N THR A 154 -1.29 -20.46 -43.03
CA THR A 154 -2.47 -20.27 -43.85
C THR A 154 -2.00 -20.06 -45.26
N PHE A 155 -2.83 -19.36 -46.01
CA PHE A 155 -2.46 -19.05 -47.36
C PHE A 155 -2.40 -17.53 -47.59
N GLU A 156 -1.26 -17.05 -48.10
CA GLU A 156 -1.13 -15.62 -48.29
C GLU A 156 -2.39 -15.16 -48.99
N ALA A 157 -3.03 -14.20 -48.35
CA ALA A 157 -4.42 -13.96 -48.59
C ALA A 157 -4.66 -12.61 -49.24
N VAL A 158 -3.61 -11.98 -49.77
CA VAL A 158 -3.71 -10.62 -50.22
C VAL A 158 -2.63 -10.44 -51.25
N GLY A 159 -2.89 -9.73 -52.32
CA GLY A 159 -1.82 -9.54 -53.30
C GLY A 159 -2.41 -9.17 -54.63
N GLU A 160 -1.74 -9.57 -55.70
CA GLU A 160 -2.20 -9.27 -57.04
C GLU A 160 -3.40 -10.11 -57.45
N ILE A 161 -4.21 -9.62 -58.38
CA ILE A 161 -5.28 -10.40 -59.00
C ILE A 161 -5.02 -10.50 -60.50
N SER A 162 -4.99 -11.71 -61.02
CA SER A 162 -4.71 -11.92 -62.42
C SER A 162 -5.87 -12.68 -62.96
N THR A 163 -6.05 -12.73 -64.27
CA THR A 163 -6.91 -13.75 -64.77
C THR A 163 -6.10 -14.88 -65.29
N LEU A 164 -6.79 -16.02 -65.40
CA LEU A 164 -6.24 -17.34 -65.66
C LEU A 164 -6.43 -17.72 -67.09
N ARG A 165 -5.33 -17.81 -67.79
CA ARG A 165 -5.43 -17.90 -69.18
C ARG A 165 -5.71 -19.34 -69.58
N GLU A 166 -4.93 -20.29 -69.06
CA GLU A 166 -5.25 -21.72 -69.25
C GLU A 166 -4.32 -22.51 -68.35
N ILE A 167 -4.84 -23.58 -67.73
CA ILE A 167 -4.03 -24.36 -66.81
C ILE A 167 -3.04 -25.07 -67.67
N LEU A 168 -2.01 -25.59 -67.08
CA LEU A 168 -0.90 -25.92 -67.93
C LEU A 168 -0.69 -27.41 -68.19
N ALA A 169 -0.09 -27.69 -69.36
CA ALA A 169 0.44 -29.00 -69.71
C ALA A 169 0.23 -30.05 -68.57
N ASP A 170 1.10 -29.98 -67.56
CA ASP A 170 1.23 -30.99 -66.50
C ASP A 170 0.24 -30.93 -65.35
N GLY A 171 -0.52 -29.85 -65.25
CA GLY A 171 -1.58 -29.73 -64.23
C GLY A 171 -1.11 -29.11 -62.92
N HIS A 172 0.03 -28.45 -63.01
CA HIS A 172 0.73 -27.81 -61.88
C HIS A 172 1.02 -26.28 -61.95
N ARG A 173 1.28 -25.83 -63.17
CA ARG A 173 1.59 -24.47 -63.46
C ARG A 173 0.38 -23.86 -64.17
N ALA A 174 0.08 -22.60 -63.89
CA ALA A 174 -0.88 -21.87 -64.73
C ALA A 174 -0.16 -20.83 -65.58
N LEU A 175 -0.80 -20.44 -66.66
CA LEU A 175 -0.34 -19.26 -67.36
C LEU A 175 -1.38 -18.22 -67.07
N VAL A 176 -1.05 -17.15 -66.32
CA VAL A 176 -2.02 -16.10 -65.94
C VAL A 176 -1.61 -14.79 -66.49
N VAL A 177 -2.56 -13.91 -66.75
CA VAL A 177 -2.18 -12.61 -67.26
C VAL A 177 -2.44 -11.67 -66.14
N GLY A 178 -1.40 -10.93 -65.74
CA GLY A 178 -1.44 -9.89 -64.71
C GLY A 178 -2.25 -8.63 -65.06
N HIS A 179 -1.78 -7.48 -64.56
CA HIS A 179 -2.69 -6.34 -64.45
C HIS A 179 -2.62 -5.44 -65.66
N ALA A 180 -1.41 -5.24 -66.17
CA ALA A 180 -1.23 -4.81 -67.53
C ALA A 180 -0.74 -6.07 -68.15
N ASP A 181 -0.81 -6.14 -69.45
CA ASP A 181 -0.97 -7.41 -70.12
C ASP A 181 0.09 -8.51 -69.93
N GLU A 182 1.04 -8.40 -69.00
CA GLU A 182 2.13 -9.40 -68.98
C GLU A 182 1.69 -10.75 -68.52
N GLU A 183 2.17 -11.77 -69.19
CA GLU A 183 1.73 -13.11 -68.94
C GLU A 183 2.87 -13.85 -68.24
N ARG A 184 2.59 -14.33 -67.04
CA ARG A 184 3.56 -15.06 -66.23
C ARG A 184 2.99 -16.42 -65.93
N VAL A 185 3.87 -17.31 -65.49
CA VAL A 185 3.51 -18.71 -65.41
C VAL A 185 3.82 -19.23 -64.02
N VAL A 186 2.78 -19.56 -63.29
CA VAL A 186 2.87 -19.57 -61.85
C VAL A 186 2.66 -20.97 -61.45
N TRP A 187 3.20 -21.41 -60.32
CA TRP A 187 2.71 -22.67 -59.71
C TRP A 187 1.34 -22.41 -59.07
N LEU A 188 0.44 -23.44 -59.00
CA LEU A 188 -0.84 -23.40 -58.21
C LEU A 188 -0.66 -24.08 -56.92
N ALA A 189 -1.36 -23.66 -55.90
CA ALA A 189 -1.07 -24.24 -54.62
C ALA A 189 -2.16 -25.21 -54.27
N ASP A 190 -1.81 -26.25 -53.54
CA ASP A 190 -2.68 -27.42 -53.49
C ASP A 190 -4.19 -27.11 -53.60
N PRO A 191 -4.77 -26.34 -52.67
CA PRO A 191 -6.20 -26.12 -52.65
C PRO A 191 -6.73 -25.48 -53.91
N LEU A 192 -6.01 -25.53 -54.99
CA LEU A 192 -6.60 -25.02 -56.19
C LEU A 192 -6.78 -26.15 -57.13
N ILE A 193 -5.96 -27.19 -56.94
CA ILE A 193 -6.08 -28.48 -57.66
C ILE A 193 -6.26 -29.74 -56.80
N ALA A 194 -6.55 -29.56 -55.51
CA ALA A 194 -6.79 -30.68 -54.61
C ALA A 194 -7.74 -31.69 -55.28
N GLU A 195 -7.73 -32.94 -54.80
CA GLU A 195 -8.41 -34.00 -55.52
C GLU A 195 -9.95 -33.97 -55.53
N ASP A 196 -10.61 -33.49 -54.47
CA ASP A 196 -12.10 -33.52 -54.44
C ASP A 196 -12.81 -32.09 -54.54
N LEU A 197 -12.68 -31.59 -55.74
CA LEU A 197 -13.36 -30.31 -56.01
C LEU A 197 -14.48 -30.45 -57.10
N PRO A 198 -15.72 -30.04 -56.75
CA PRO A 198 -16.87 -30.20 -57.63
C PRO A 198 -16.53 -29.80 -59.06
N ASP A 199 -16.80 -30.62 -60.06
CA ASP A 199 -16.63 -30.33 -61.50
C ASP A 199 -17.11 -28.95 -61.92
N GLY A 200 -18.10 -28.45 -61.18
CA GLY A 200 -18.57 -27.04 -61.38
C GLY A 200 -20.09 -26.77 -61.50
N LEU A 201 -20.69 -27.33 -62.56
CA LEU A 201 -22.01 -26.94 -63.13
C LEU A 201 -21.82 -25.82 -64.19
N PRO A 202 -22.73 -25.67 -65.20
CA PRO A 202 -22.43 -24.72 -66.31
C PRO A 202 -22.48 -23.21 -65.94
N GLU A 203 -23.63 -22.76 -65.41
CA GLU A 203 -23.82 -21.41 -64.79
C GLU A 203 -25.31 -20.95 -64.82
N ALA A 204 -26.22 -21.84 -65.21
CA ALA A 204 -27.65 -21.50 -65.39
C ALA A 204 -28.47 -21.26 -64.09
N LEU A 205 -27.76 -21.05 -62.97
CA LEU A 205 -28.28 -20.50 -61.68
C LEU A 205 -27.09 -19.77 -61.03
N ASN A 206 -27.31 -18.56 -60.50
CA ASN A 206 -26.16 -17.75 -60.07
C ASN A 206 -25.70 -17.81 -58.59
N ASP A 207 -24.42 -17.52 -58.41
CA ASP A 207 -23.64 -17.63 -57.16
C ASP A 207 -22.60 -18.73 -57.31
N ASP A 208 -21.32 -18.36 -57.18
CA ASP A 208 -20.16 -19.25 -57.41
C ASP A 208 -19.27 -19.44 -56.21
N THR A 209 -19.60 -18.74 -55.12
CA THR A 209 -18.72 -18.59 -53.97
C THR A 209 -18.15 -19.90 -53.38
N ARG A 210 -18.55 -21.06 -53.93
CA ARG A 210 -18.19 -22.35 -53.33
C ARG A 210 -17.11 -23.13 -54.09
N PRO A 211 -16.12 -23.73 -53.35
CA PRO A 211 -14.93 -24.37 -53.90
C PRO A 211 -15.17 -25.17 -55.24
N ARG A 212 -14.30 -24.96 -56.27
CA ARG A 212 -14.42 -25.66 -57.60
C ARG A 212 -13.09 -25.94 -58.37
N LYS A 213 -13.17 -26.52 -59.56
CA LYS A 213 -12.01 -26.81 -60.37
C LYS A 213 -11.86 -25.55 -61.16
N LEU A 214 -10.63 -25.22 -61.46
CA LEU A 214 -10.38 -23.94 -62.06
C LEU A 214 -10.78 -23.91 -63.49
N ARG A 215 -11.69 -23.00 -63.77
CA ARG A 215 -12.13 -22.77 -65.12
C ARG A 215 -11.36 -21.60 -65.65
N PRO A 216 -10.92 -21.64 -66.91
CA PRO A 216 -10.20 -20.48 -67.37
C PRO A 216 -11.15 -19.33 -67.37
N GLY A 217 -10.62 -18.12 -67.24
CA GLY A 217 -11.45 -16.97 -66.97
C GLY A 217 -11.36 -16.51 -65.52
N ASP A 218 -11.48 -17.46 -64.59
CA ASP A 218 -11.43 -17.14 -63.18
C ASP A 218 -10.25 -16.28 -62.84
N SER A 219 -10.54 -15.25 -62.07
CA SER A 219 -9.55 -14.38 -61.53
C SER A 219 -9.09 -15.05 -60.28
N LEU A 220 -7.82 -15.39 -60.22
CA LEU A 220 -7.28 -15.93 -59.01
C LEU A 220 -6.12 -15.09 -58.55
N LEU A 221 -5.72 -15.20 -57.29
CA LEU A 221 -4.79 -14.27 -56.66
C LEU A 221 -3.38 -14.84 -56.62
N VAL A 222 -2.36 -14.02 -56.77
CA VAL A 222 -1.04 -14.55 -57.05
C VAL A 222 0.16 -13.69 -56.59
N ASP A 223 1.33 -14.30 -56.37
CA ASP A 223 2.49 -13.58 -55.79
C ASP A 223 3.71 -13.60 -56.69
N THR A 224 3.56 -13.05 -57.89
CA THR A 224 4.51 -13.21 -59.00
C THR A 224 5.99 -13.24 -58.66
N LYS A 225 6.41 -12.61 -57.58
CA LYS A 225 7.82 -12.72 -57.20
C LYS A 225 8.12 -14.03 -56.54
N ALA A 226 7.14 -14.86 -56.27
CA ALA A 226 7.45 -16.11 -55.64
C ALA A 226 7.00 -17.29 -56.50
N GLY A 227 5.87 -17.09 -57.15
CA GLY A 227 5.53 -17.88 -58.27
C GLY A 227 4.25 -18.61 -58.04
N TYR A 228 3.58 -18.37 -56.95
CA TYR A 228 2.40 -19.17 -56.74
C TYR A 228 1.12 -18.41 -56.98
N ALA A 229 0.03 -19.16 -57.16
CA ALA A 229 -1.31 -18.64 -56.98
C ALA A 229 -1.87 -19.29 -55.69
N PHE A 230 -2.96 -18.83 -55.12
CA PHE A 230 -3.17 -19.16 -53.75
C PHE A 230 -4.60 -19.34 -53.41
N GLU A 231 -5.51 -18.90 -54.27
CA GLU A 231 -6.91 -18.98 -53.94
C GLU A 231 -7.71 -18.31 -55.02
N ARG A 232 -8.98 -18.63 -55.11
CA ARG A 232 -9.81 -18.24 -56.22
C ARG A 232 -10.57 -17.00 -55.83
N ILE A 233 -11.19 -16.33 -56.77
CA ILE A 233 -12.00 -15.21 -56.41
C ILE A 233 -13.36 -15.20 -57.08
N PRO A 234 -14.41 -15.15 -56.27
CA PRO A 234 -15.74 -14.81 -56.69
C PRO A 234 -15.74 -13.61 -57.62
N LEU A 235 -15.94 -13.86 -58.90
CA LEU A 235 -16.22 -12.77 -59.81
C LEU A 235 -17.70 -12.34 -59.65
N VAL A 236 -17.98 -11.06 -59.95
CA VAL A 236 -19.35 -10.51 -60.23
C VAL A 236 -19.25 -9.42 -61.39
N PRO A 237 -20.05 -9.56 -62.51
CA PRO A 237 -20.51 -8.35 -63.26
C PRO A 237 -22.06 -8.13 -63.18
N SER B 52 11.66 -21.53 37.67
CA SER B 52 12.74 -22.08 36.80
C SER B 52 13.49 -20.98 36.06
N ALA B 53 14.74 -21.29 35.68
CA ALA B 53 15.61 -20.34 34.98
C ALA B 53 16.07 -20.83 33.59
N ARG B 54 15.49 -21.92 33.09
CA ARG B 54 15.80 -22.42 31.74
C ARG B 54 14.87 -21.83 30.66
N ASP B 55 13.61 -21.56 31.04
CA ASP B 55 12.61 -20.97 30.16
C ASP B 55 13.02 -19.57 29.72
N ILE B 56 13.47 -18.75 30.66
CA ILE B 56 13.96 -17.39 30.39
C ILE B 56 15.08 -17.41 29.34
N HIS B 57 16.08 -18.28 29.52
CA HIS B 57 17.16 -18.44 28.54
C HIS B 57 16.68 -19.04 27.21
N GLN B 58 15.54 -19.74 27.23
CA GLN B 58 14.95 -20.35 26.03
C GLN B 58 14.20 -19.33 25.18
N LEU B 59 13.68 -18.29 25.82
CA LEU B 59 12.99 -17.24 25.09
C LEU B 59 13.97 -16.21 24.58
N GLU B 60 14.85 -15.74 25.46
CA GLU B 60 15.92 -14.81 25.10
C GLU B 60 16.73 -15.33 23.91
N ALA B 61 16.57 -16.61 23.60
CA ALA B 61 17.25 -17.23 22.49
C ALA B 61 16.36 -17.30 21.26
N ARG B 62 15.04 -17.41 21.46
CA ARG B 62 14.12 -17.37 20.34
C ARG B 62 14.00 -15.94 19.82
N ILE B 63 14.01 -14.97 20.73
CA ILE B 63 13.93 -13.56 20.33
C ILE B 63 15.12 -13.15 19.45
N ASP B 64 16.29 -13.72 19.70
CA ASP B 64 17.44 -13.44 18.85
C ASP B 64 17.34 -14.21 17.55
N SER B 65 16.89 -15.46 17.64
CA SER B 65 16.65 -16.29 16.47
C SER B 65 15.54 -15.71 15.61
N LEU B 66 14.81 -14.75 16.14
CA LEU B 66 13.78 -14.07 15.36
C LEU B 66 14.16 -12.65 14.98
N ALA B 67 15.02 -12.02 15.78
CA ALA B 67 15.52 -10.70 15.41
C ALA B 67 16.47 -10.85 14.23
N ALA B 68 17.13 -11.99 14.16
CA ALA B 68 18.08 -12.28 13.09
C ALA B 68 17.35 -12.54 11.78
N ARG B 69 16.29 -13.36 11.83
CA ARG B 69 15.46 -13.53 10.65
C ARG B 69 14.75 -12.24 10.27
N ASN B 70 14.64 -11.30 11.19
CA ASN B 70 14.04 -10.02 10.80
C ASN B 70 14.99 -9.00 10.22
N SER B 71 16.27 -9.10 10.57
CA SER B 71 17.24 -8.21 9.96
C SER B 71 17.46 -8.64 8.51
N LYS B 72 17.59 -9.94 8.29
CA LYS B 72 17.92 -10.49 6.96
C LYS B 72 16.74 -10.52 5.98
N LEU B 73 15.53 -10.47 6.50
CA LEU B 73 14.40 -10.41 5.60
C LEU B 73 14.22 -8.98 5.16
N MET B 74 14.21 -8.04 6.10
CA MET B 74 14.05 -6.65 5.71
C MET B 74 15.04 -6.29 4.63
N GLU B 75 16.21 -6.91 4.62
CA GLU B 75 17.19 -6.64 3.55
C GLU B 75 16.84 -7.33 2.21
N THR B 76 16.46 -8.60 2.22
CA THR B 76 16.17 -9.26 0.95
C THR B 76 15.06 -8.53 0.21
N LEU B 77 14.09 -7.98 0.94
CA LEU B 77 13.08 -7.13 0.27
C LEU B 77 13.72 -5.94 -0.45
N LYS B 78 14.53 -5.17 0.26
CA LYS B 78 15.18 -4.02 -0.37
C LYS B 78 15.90 -4.50 -1.59
N GLU B 79 16.46 -5.70 -1.52
CA GLU B 79 17.14 -6.29 -2.68
C GLU B 79 16.19 -6.60 -3.82
N ALA B 80 15.02 -7.15 -3.51
CA ALA B 80 14.06 -7.35 -4.56
C ALA B 80 13.43 -6.04 -5.04
N ARG B 81 13.11 -5.10 -4.15
CA ARG B 81 12.49 -3.85 -4.61
C ARG B 81 13.48 -2.95 -5.38
N GLN B 82 14.78 -3.05 -5.08
CA GLN B 82 15.82 -2.41 -5.93
C GLN B 82 15.90 -3.16 -7.26
N GLN B 83 15.90 -4.50 -7.22
CA GLN B 83 15.94 -5.26 -8.47
C GLN B 83 14.78 -4.97 -9.41
N LEU B 84 13.54 -5.00 -8.94
CA LEU B 84 12.46 -4.60 -9.82
C LEU B 84 12.60 -3.17 -10.33
N LEU B 85 12.95 -2.18 -9.49
CA LEU B 85 13.07 -0.81 -10.06
C LEU B 85 14.15 -0.73 -11.15
N ALA B 86 15.04 -1.73 -11.20
CA ALA B 86 16.05 -1.80 -12.26
C ALA B 86 15.53 -2.51 -13.50
N LEU B 87 14.84 -3.62 -13.33
CA LEU B 87 14.27 -4.31 -14.46
C LEU B 87 13.24 -3.45 -15.13
N ARG B 88 12.34 -2.86 -14.37
CA ARG B 88 11.37 -1.99 -15.02
C ARG B 88 11.97 -0.65 -15.51
N GLU B 89 13.11 -0.18 -14.96
CA GLU B 89 13.82 0.93 -15.61
C GLU B 89 14.36 0.45 -17.00
N GLU B 90 14.68 -0.86 -17.10
CA GLU B 90 15.23 -1.46 -18.34
C GLU B 90 14.21 -1.52 -19.41
N VAL B 91 12.98 -1.72 -19.01
CA VAL B 91 11.97 -1.83 -19.98
C VAL B 91 11.63 -0.50 -20.69
N ASP B 92 11.88 0.62 -20.01
CA ASP B 92 11.76 1.93 -20.68
C ASP B 92 13.01 2.25 -21.53
N ARG B 93 14.15 1.64 -21.19
CA ARG B 93 15.42 1.72 -21.98
C ARG B 93 15.25 1.02 -23.35
N LEU B 94 14.29 0.09 -23.40
CA LEU B 94 13.92 -0.61 -24.61
C LEU B 94 13.13 0.27 -25.58
N GLY B 95 12.28 1.12 -25.02
CA GLY B 95 11.47 2.00 -25.85
C GLY B 95 12.22 3.24 -26.24
N GLN B 96 13.52 3.19 -26.11
CA GLN B 96 14.33 4.34 -26.39
C GLN B 96 14.58 4.48 -27.90
N PRO B 97 14.63 5.73 -28.43
CA PRO B 97 15.12 6.08 -29.75
C PRO B 97 16.58 5.64 -29.95
N PRO B 98 17.01 5.34 -31.20
CA PRO B 98 16.38 5.41 -32.52
C PRO B 98 15.55 4.18 -32.80
N SER B 99 14.38 4.37 -33.38
CA SER B 99 13.46 3.27 -33.51
C SER B 99 12.70 3.26 -34.76
N GLY B 100 12.46 2.05 -35.26
CA GLY B 100 11.80 1.85 -36.52
C GLY B 100 10.36 1.45 -36.42
N TYR B 101 9.66 1.55 -37.54
CA TYR B 101 8.22 1.49 -37.56
C TYR B 101 7.69 0.42 -38.55
N GLY B 102 6.89 -0.48 -38.03
CA GLY B 102 6.25 -1.46 -38.89
C GLY B 102 4.72 -1.48 -38.77
N VAL B 103 4.07 -2.11 -39.76
CA VAL B 103 2.62 -2.32 -39.74
C VAL B 103 2.45 -3.64 -39.11
N LEU B 104 1.38 -3.73 -38.29
CA LEU B 104 1.00 -4.94 -37.57
C LEU B 104 0.00 -5.81 -38.33
N LEU B 105 0.44 -6.97 -38.82
CA LEU B 105 -0.45 -7.88 -39.52
C LEU B 105 -1.44 -8.61 -38.63
N ALA B 106 -1.01 -9.63 -37.87
CA ALA B 106 -1.96 -10.16 -36.87
C ALA B 106 -1.32 -10.57 -35.56
N THR B 107 -2.16 -10.59 -34.51
CA THR B 107 -1.80 -10.83 -33.09
C THR B 107 -1.84 -12.29 -32.76
N HIS B 108 -0.94 -12.69 -31.88
CA HIS B 108 -0.96 -14.04 -31.34
C HIS B 108 -1.34 -14.09 -29.88
N ASP B 109 -1.66 -15.30 -29.43
CA ASP B 109 -1.89 -15.56 -28.01
C ASP B 109 -0.60 -15.35 -27.19
N ASP B 110 0.52 -15.98 -27.58
CA ASP B 110 1.72 -15.95 -26.73
C ASP B 110 2.65 -14.69 -26.77
N ASP B 111 2.04 -13.54 -27.08
CA ASP B 111 2.73 -12.25 -27.02
C ASP B 111 3.62 -11.96 -28.21
N THR B 112 3.27 -12.58 -29.32
CA THR B 112 3.97 -12.33 -30.54
C THR B 112 3.11 -11.52 -31.52
N VAL B 113 3.80 -10.83 -32.38
CA VAL B 113 3.12 -10.19 -33.44
C VAL B 113 3.71 -10.53 -34.84
N ASP B 114 2.79 -10.70 -35.80
CA ASP B 114 3.09 -10.58 -37.20
C ASP B 114 3.11 -9.07 -37.56
N VAL B 115 4.30 -8.50 -37.61
CA VAL B 115 4.43 -7.16 -38.12
C VAL B 115 5.09 -7.20 -39.43
N PHE B 116 4.97 -6.12 -40.16
CA PHE B 116 5.56 -6.08 -41.45
C PHE B 116 6.32 -4.81 -41.43
N THR B 117 7.63 -4.97 -41.38
CA THR B 117 8.59 -3.90 -41.30
C THR B 117 9.71 -4.18 -42.31
N SER B 118 10.18 -3.17 -43.04
CA SER B 118 11.32 -3.39 -43.93
C SER B 118 11.03 -4.62 -44.78
N GLY B 119 9.81 -4.71 -45.27
CA GLY B 119 9.55 -5.55 -46.42
C GLY B 119 9.34 -7.03 -46.26
N ARG B 120 9.55 -7.59 -45.08
CA ARG B 120 9.09 -8.99 -44.86
C ARG B 120 8.03 -9.15 -43.74
N LYS B 121 7.51 -10.36 -43.57
CA LYS B 121 6.52 -10.61 -42.56
C LYS B 121 7.37 -11.06 -41.42
N MET B 122 7.23 -10.47 -40.25
CA MET B 122 7.99 -10.98 -39.15
C MET B 122 7.19 -11.29 -37.90
N ARG B 123 7.62 -12.31 -37.18
CA ARG B 123 6.92 -12.74 -35.98
C ARG B 123 7.72 -12.37 -34.76
N LEU B 124 7.22 -11.36 -34.09
CA LEU B 124 8.02 -10.55 -33.27
C LEU B 124 7.52 -10.49 -31.81
N THR B 125 8.47 -10.55 -30.89
CA THR B 125 8.20 -10.47 -29.43
C THR B 125 8.08 -9.04 -29.02
N CYS B 126 7.13 -8.74 -28.14
CA CYS B 126 6.98 -7.35 -27.70
C CYS B 126 7.23 -7.10 -26.21
N SER B 127 7.25 -5.82 -25.85
CA SER B 127 7.62 -5.42 -24.51
C SER B 127 6.46 -5.60 -23.56
N PRO B 128 6.77 -6.14 -22.37
CA PRO B 128 6.07 -5.87 -21.16
C PRO B 128 5.08 -4.72 -21.27
N ASN B 129 5.60 -3.50 -21.43
CA ASN B 129 4.78 -2.29 -21.37
C ASN B 129 3.55 -2.31 -22.27
N ILE B 130 3.41 -3.35 -23.08
CA ILE B 130 2.46 -3.26 -24.16
C ILE B 130 1.24 -4.17 -24.12
N ASP B 131 0.08 -3.50 -24.22
CA ASP B 131 -1.24 -4.10 -24.00
C ASP B 131 -1.82 -4.95 -25.19
N ALA B 132 -1.41 -6.23 -25.26
CA ALA B 132 -1.58 -7.05 -26.49
C ALA B 132 -3.02 -7.29 -26.97
N ALA B 133 -3.99 -6.82 -26.20
CA ALA B 133 -5.38 -7.00 -26.59
C ALA B 133 -5.95 -5.70 -27.15
N SER B 134 -5.26 -4.59 -26.85
CA SER B 134 -5.66 -3.32 -27.45
C SER B 134 -4.93 -3.08 -28.82
N LEU B 135 -4.18 -4.09 -29.28
CA LEU B 135 -3.56 -4.04 -30.61
C LEU B 135 -4.58 -4.31 -31.71
N LYS B 136 -4.70 -3.38 -32.66
CA LYS B 136 -5.68 -3.50 -33.76
C LYS B 136 -4.99 -3.82 -35.11
N LYS B 137 -5.41 -4.91 -35.74
CA LYS B 137 -4.90 -5.31 -37.08
C LYS B 137 -4.68 -4.10 -37.98
N GLY B 138 -3.42 -3.89 -38.31
CA GLY B 138 -3.05 -2.88 -39.30
C GLY B 138 -2.95 -1.57 -38.60
N GLN B 139 -1.99 -1.48 -37.71
CA GLN B 139 -1.85 -0.33 -36.88
C GLN B 139 -0.38 -0.25 -36.84
N THR B 140 0.06 0.98 -36.91
CA THR B 140 1.46 1.22 -37.03
C THR B 140 2.03 0.99 -35.65
N VAL B 141 3.02 0.11 -35.55
CA VAL B 141 3.68 -0.12 -34.28
C VAL B 141 5.07 0.57 -34.31
N ARG B 142 5.82 0.54 -33.21
CA ARG B 142 7.22 1.06 -33.16
C ARG B 142 8.20 -0.07 -32.77
N LEU B 143 9.49 0.00 -33.08
CA LEU B 143 10.37 -1.12 -32.74
C LEU B 143 11.80 -0.67 -32.58
N ASN B 144 12.49 -1.19 -31.56
CA ASN B 144 13.85 -0.73 -31.24
C ASN B 144 14.89 -1.38 -32.13
N GLU B 145 16.13 -1.45 -31.65
CA GLU B 145 17.24 -2.00 -32.43
C GLU B 145 16.95 -3.41 -32.94
N ALA B 146 17.10 -4.41 -32.05
CA ALA B 146 16.64 -5.77 -32.30
C ALA B 146 15.17 -5.60 -32.26
N LEU B 147 14.47 -6.24 -33.16
CA LEU B 147 13.12 -5.86 -33.34
C LEU B 147 12.34 -6.42 -32.18
N THR B 148 11.60 -5.57 -31.47
CA THR B 148 10.95 -5.92 -30.20
C THR B 148 9.97 -4.78 -30.06
N VAL B 149 8.68 -5.02 -30.19
CA VAL B 149 7.74 -3.90 -30.33
C VAL B 149 7.81 -3.00 -29.10
N VAL B 150 7.43 -1.73 -29.18
CA VAL B 150 7.47 -0.89 -28.00
C VAL B 150 6.44 0.21 -27.89
N GLU B 151 5.42 0.20 -28.74
CA GLU B 151 4.29 1.19 -28.63
C GLU B 151 3.21 0.76 -29.62
N ALA B 152 2.04 1.39 -29.58
CA ALA B 152 1.10 1.25 -30.70
C ALA B 152 0.98 2.64 -31.17
N GLY B 153 0.22 2.86 -32.23
CA GLY B 153 0.23 4.20 -32.82
C GLY B 153 -0.94 4.47 -33.73
N THR B 154 -0.98 5.70 -34.25
CA THR B 154 -2.02 6.10 -35.19
C THR B 154 -2.13 5.09 -36.31
N PHE B 155 -2.69 5.55 -37.41
CA PHE B 155 -2.70 4.79 -38.63
C PHE B 155 -1.91 5.49 -39.71
N GLU B 156 -1.22 4.70 -40.52
CA GLU B 156 -0.43 5.33 -41.53
C GLU B 156 -1.40 6.24 -42.28
N ALA B 157 -1.00 7.50 -42.49
CA ALA B 157 -1.93 8.52 -42.94
C ALA B 157 -1.72 9.03 -44.36
N VAL B 158 -0.66 8.60 -45.01
CA VAL B 158 -0.34 9.15 -46.30
C VAL B 158 -0.02 8.00 -47.18
N GLY B 159 -0.17 8.16 -48.50
CA GLY B 159 0.19 7.08 -49.44
C GLY B 159 -0.73 6.89 -50.63
N GLU B 160 -0.83 5.62 -51.06
CA GLU B 160 -1.57 5.29 -52.28
C GLU B 160 -3.12 5.36 -52.03
N ILE B 161 -3.78 6.16 -52.87
CA ILE B 161 -5.22 6.11 -53.01
C ILE B 161 -5.55 5.08 -54.07
N SER B 162 -6.53 4.25 -53.74
CA SER B 162 -7.26 3.46 -54.76
C SER B 162 -8.70 3.33 -54.35
N THR B 163 -9.51 3.00 -55.33
CA THR B 163 -10.98 3.02 -55.20
C THR B 163 -11.37 1.57 -55.00
N LEU B 164 -12.54 1.27 -54.49
CA LEU B 164 -12.69 -0.15 -54.19
C LEU B 164 -13.88 -0.82 -54.80
N ARG B 165 -13.66 -1.97 -55.40
CA ARG B 165 -14.70 -2.51 -56.24
C ARG B 165 -15.67 -3.45 -55.54
N GLU B 166 -15.27 -4.04 -54.41
CA GLU B 166 -16.21 -4.77 -53.49
C GLU B 166 -15.51 -5.30 -52.24
N ILE B 167 -16.30 -5.58 -51.20
CA ILE B 167 -15.78 -6.19 -50.00
C ILE B 167 -15.95 -7.67 -50.18
N LEU B 168 -15.17 -8.46 -49.47
CA LEU B 168 -15.20 -9.89 -49.77
C LEU B 168 -16.04 -10.68 -48.80
N ALA B 169 -16.40 -11.89 -49.21
CA ALA B 169 -17.19 -12.75 -48.34
C ALA B 169 -16.62 -12.80 -46.94
N ASP B 170 -15.29 -12.74 -46.85
CA ASP B 170 -14.62 -12.73 -45.55
C ASP B 170 -15.22 -11.66 -44.65
N GLY B 171 -15.36 -10.46 -45.20
CA GLY B 171 -15.82 -9.28 -44.47
C GLY B 171 -14.66 -8.49 -43.89
N HIS B 172 -13.46 -8.91 -44.27
CA HIS B 172 -12.21 -8.29 -43.84
C HIS B 172 -11.34 -7.77 -45.02
N ARG B 173 -11.55 -8.34 -46.20
CA ARG B 173 -10.68 -8.09 -47.30
C ARG B 173 -11.39 -7.39 -48.43
N ALA B 174 -10.70 -6.47 -49.09
CA ALA B 174 -11.31 -5.81 -50.23
C ALA B 174 -10.65 -6.07 -51.59
N LEU B 175 -11.45 -5.89 -52.63
CA LEU B 175 -10.95 -5.76 -53.95
C LEU B 175 -10.85 -4.27 -54.13
N VAL B 176 -9.62 -3.82 -54.08
CA VAL B 176 -9.30 -2.46 -54.33
C VAL B 176 -8.80 -2.35 -55.75
N VAL B 177 -9.11 -1.26 -56.43
CA VAL B 177 -8.58 -1.11 -57.78
C VAL B 177 -7.83 0.17 -57.99
N GLY B 178 -6.52 0.01 -57.87
CA GLY B 178 -5.57 1.09 -58.10
C GLY B 178 -5.52 1.77 -59.46
N HIS B 179 -4.35 2.34 -59.69
CA HIS B 179 -4.27 3.45 -60.59
C HIS B 179 -4.24 3.07 -62.09
N ALA B 180 -3.53 2.01 -62.45
CA ALA B 180 -3.58 1.61 -63.84
C ALA B 180 -4.50 0.41 -63.96
N ASP B 181 -5.75 0.59 -63.56
CA ASP B 181 -6.71 -0.50 -63.57
C ASP B 181 -6.06 -1.77 -63.06
N GLU B 182 -5.28 -1.64 -61.98
CA GLU B 182 -4.58 -2.74 -61.30
C GLU B 182 -5.35 -3.20 -60.07
N GLU B 183 -5.58 -4.48 -59.90
CA GLU B 183 -6.45 -4.87 -58.81
C GLU B 183 -5.69 -5.67 -57.84
N ARG B 184 -6.01 -5.57 -56.56
CA ARG B 184 -5.19 -6.20 -55.53
C ARG B 184 -6.12 -6.45 -54.43
N VAL B 185 -5.65 -7.11 -53.39
CA VAL B 185 -6.56 -7.49 -52.31
C VAL B 185 -5.87 -7.18 -50.99
N VAL B 186 -6.42 -6.22 -50.25
CA VAL B 186 -5.88 -5.81 -48.96
C VAL B 186 -6.76 -6.27 -47.86
N TRP B 187 -6.13 -6.48 -46.69
CA TRP B 187 -6.84 -6.46 -45.41
C TRP B 187 -7.35 -5.02 -45.11
N LEU B 188 -8.52 -4.93 -44.43
CA LEU B 188 -9.16 -3.68 -43.99
C LEU B 188 -8.83 -3.42 -42.58
N ALA B 189 -8.39 -2.20 -42.32
CA ALA B 189 -8.00 -1.87 -40.96
C ALA B 189 -9.24 -1.78 -40.10
N ASP B 190 -9.23 -2.49 -38.97
CA ASP B 190 -10.45 -2.68 -38.12
C ASP B 190 -11.49 -1.53 -38.19
N PRO B 191 -10.99 -0.28 -38.13
CA PRO B 191 -11.77 0.92 -38.27
C PRO B 191 -12.64 1.09 -39.50
N LEU B 192 -12.75 0.11 -40.38
CA LEU B 192 -13.49 0.42 -41.61
C LEU B 192 -14.59 -0.60 -41.79
N ILE B 193 -14.51 -1.63 -40.97
CA ILE B 193 -15.57 -2.58 -40.76
C ILE B 193 -16.13 -2.52 -39.34
N ALA B 194 -15.50 -1.67 -38.51
CA ALA B 194 -15.88 -1.49 -37.10
C ALA B 194 -17.38 -1.68 -36.84
N GLU B 195 -17.67 -2.29 -35.69
CA GLU B 195 -19.03 -2.66 -35.29
C GLU B 195 -20.07 -1.52 -35.44
N ASP B 196 -20.02 -0.54 -34.53
CA ASP B 196 -20.95 0.60 -34.57
C ASP B 196 -20.52 1.69 -35.55
N LEU B 197 -20.55 1.31 -36.81
CA LEU B 197 -20.37 2.25 -37.90
C LEU B 197 -21.73 2.52 -38.45
N PRO B 198 -22.23 3.82 -38.35
CA PRO B 198 -23.56 4.30 -38.78
C PRO B 198 -23.90 4.02 -40.25
N ASP B 199 -24.11 2.73 -40.56
CA ASP B 199 -25.09 2.32 -41.61
C ASP B 199 -24.85 2.91 -43.00
N GLY B 200 -24.77 4.25 -43.08
CA GLY B 200 -24.67 4.95 -44.35
C GLY B 200 -25.69 6.09 -44.46
N LEU B 201 -26.92 5.74 -44.84
CA LEU B 201 -27.97 6.70 -45.30
C LEU B 201 -27.60 7.15 -46.74
N PRO B 202 -28.57 7.67 -47.54
CA PRO B 202 -28.22 7.99 -48.94
C PRO B 202 -27.29 9.22 -49.10
N GLU B 203 -27.28 9.81 -50.29
CA GLU B 203 -26.49 11.03 -50.50
C GLU B 203 -27.30 12.09 -51.25
N ALA B 204 -28.35 12.60 -50.57
CA ALA B 204 -29.25 13.66 -51.11
C ALA B 204 -29.41 14.96 -50.25
N LEU B 205 -28.79 14.98 -49.06
CA LEU B 205 -28.49 16.23 -48.32
C LEU B 205 -27.00 16.60 -48.47
N ASN B 206 -26.47 16.21 -49.65
CA ASN B 206 -25.06 16.38 -50.11
C ASN B 206 -23.88 15.93 -49.21
N ASP B 207 -22.74 16.61 -49.40
CA ASP B 207 -21.46 16.21 -48.82
C ASP B 207 -21.38 16.30 -47.31
N ASP B 208 -21.24 15.12 -46.70
CA ASP B 208 -21.15 14.99 -45.27
C ASP B 208 -19.72 14.53 -44.90
N THR B 209 -19.27 13.39 -45.47
CA THR B 209 -17.92 12.84 -45.20
C THR B 209 -17.65 12.51 -43.72
N ARG B 210 -18.69 12.44 -42.90
CA ARG B 210 -18.51 12.04 -41.50
C ARG B 210 -18.57 10.49 -41.53
N PRO B 211 -17.89 9.80 -40.58
CA PRO B 211 -17.62 8.35 -40.68
C PRO B 211 -18.83 7.43 -40.98
N ARG B 212 -18.76 6.65 -42.07
CA ARG B 212 -19.83 5.68 -42.44
C ARG B 212 -19.30 4.24 -42.54
N LYS B 213 -20.20 3.29 -42.84
CA LYS B 213 -19.80 1.93 -43.21
C LYS B 213 -19.54 1.96 -44.71
N LEU B 214 -18.66 1.08 -45.15
CA LEU B 214 -17.94 1.25 -46.40
C LEU B 214 -18.63 0.92 -47.72
N ARG B 215 -18.63 1.87 -48.67
CA ARG B 215 -19.34 1.68 -49.95
C ARG B 215 -18.46 1.23 -51.12
N PRO B 216 -19.06 0.56 -52.14
CA PRO B 216 -18.37 0.33 -53.41
C PRO B 216 -18.45 1.60 -54.20
N GLY B 217 -17.53 2.49 -53.92
CA GLY B 217 -17.52 3.79 -54.52
C GLY B 217 -16.26 4.42 -53.99
N ASP B 218 -16.23 4.58 -52.67
CA ASP B 218 -15.20 5.39 -51.99
C ASP B 218 -13.79 5.08 -52.45
N SER B 219 -12.94 6.05 -52.14
CA SER B 219 -11.52 5.92 -52.31
C SER B 219 -10.84 5.63 -50.97
N LEU B 220 -9.94 4.64 -51.00
CA LEU B 220 -9.16 4.25 -49.82
C LEU B 220 -7.64 4.47 -49.88
N LEU B 221 -7.14 4.81 -48.70
CA LEU B 221 -5.74 4.96 -48.50
C LEU B 221 -5.18 3.58 -48.14
N VAL B 222 -4.27 3.08 -48.97
CA VAL B 222 -3.73 1.70 -48.76
C VAL B 222 -2.19 1.58 -48.66
N ASP B 223 -1.73 0.42 -48.20
CA ASP B 223 -0.30 0.13 -48.35
C ASP B 223 -0.08 -1.18 -49.06
N THR B 224 -0.11 -1.13 -50.40
CA THR B 224 0.01 -2.35 -51.20
C THR B 224 1.18 -3.17 -50.73
N LYS B 225 2.22 -2.51 -50.26
CA LYS B 225 3.42 -3.21 -49.81
C LYS B 225 3.13 -4.16 -48.68
N ALA B 226 2.25 -3.71 -47.77
CA ALA B 226 1.86 -4.42 -46.54
C ALA B 226 0.66 -5.34 -46.76
N GLY B 227 -0.51 -4.75 -46.70
CA GLY B 227 -1.61 -5.28 -47.42
C GLY B 227 -2.78 -4.62 -46.84
N TYR B 228 -2.66 -3.35 -46.47
CA TYR B 228 -3.75 -2.68 -45.72
C TYR B 228 -4.42 -1.52 -46.40
N ALA B 229 -5.74 -1.47 -46.16
CA ALA B 229 -6.57 -0.26 -46.19
C ALA B 229 -6.43 0.48 -44.82
N PHE B 230 -7.00 1.66 -44.67
CA PHE B 230 -6.63 2.42 -43.51
C PHE B 230 -7.66 3.51 -43.24
N GLU B 231 -8.31 4.00 -44.28
CA GLU B 231 -9.25 5.09 -44.07
C GLU B 231 -10.00 5.49 -45.32
N ARG B 232 -11.14 6.13 -45.11
CA ARG B 232 -11.99 6.52 -46.19
C ARG B 232 -11.47 7.86 -46.68
N ILE B 233 -11.88 8.28 -47.87
CA ILE B 233 -11.60 9.64 -48.30
C ILE B 233 -12.72 10.25 -49.11
N PRO B 234 -13.16 11.44 -48.75
CA PRO B 234 -13.97 12.29 -49.61
C PRO B 234 -13.28 12.72 -50.93
N LEU B 235 -13.48 12.03 -52.05
CA LEU B 235 -13.01 12.58 -53.36
C LEU B 235 -14.26 13.29 -53.92
N VAL B 236 -14.11 14.52 -54.41
CA VAL B 236 -15.20 15.20 -55.16
C VAL B 236 -14.88 15.21 -56.67
N PRO B 237 -15.69 14.49 -57.49
CA PRO B 237 -15.24 13.73 -58.72
C PRO B 237 -15.63 14.14 -60.19
N SER C 52 69.67 -78.41 -37.96
CA SER C 52 69.98 -76.95 -37.96
C SER C 52 69.59 -76.30 -39.27
N ALA C 53 69.03 -77.08 -40.18
CA ALA C 53 68.76 -76.62 -41.54
C ALA C 53 67.31 -76.27 -41.79
N ARG C 54 66.40 -76.85 -41.02
CA ARG C 54 65.01 -76.42 -41.07
C ARG C 54 64.93 -75.03 -40.50
N ASP C 55 65.70 -74.77 -39.46
CA ASP C 55 65.74 -73.43 -38.91
C ASP C 55 65.89 -72.42 -40.04
N ILE C 56 66.76 -72.67 -41.00
CA ILE C 56 66.98 -71.67 -42.02
C ILE C 56 65.94 -71.65 -43.13
N HIS C 57 65.08 -72.65 -43.21
CA HIS C 57 63.97 -72.53 -44.15
C HIS C 57 62.94 -71.65 -43.50
N GLN C 58 62.53 -72.04 -42.31
CA GLN C 58 61.60 -71.26 -41.54
C GLN C 58 61.88 -69.79 -41.70
N LEU C 59 63.06 -69.35 -41.31
CA LEU C 59 63.38 -67.95 -41.43
C LEU C 59 63.20 -67.46 -42.86
N GLU C 60 63.97 -67.97 -43.80
CA GLU C 60 63.88 -67.55 -45.19
C GLU C 60 62.44 -67.60 -45.68
N ALA C 61 61.54 -68.16 -44.89
CA ALA C 61 60.17 -68.28 -45.34
C ALA C 61 59.25 -67.34 -44.61
N ARG C 62 59.67 -66.87 -43.44
CA ARG C 62 58.94 -65.79 -42.80
C ARG C 62 59.32 -64.55 -43.57
N ILE C 63 60.62 -64.33 -43.75
CA ILE C 63 61.11 -63.19 -44.51
C ILE C 63 60.42 -63.06 -45.86
N ASP C 64 60.71 -63.96 -46.79
CA ASP C 64 60.13 -63.93 -48.13
C ASP C 64 58.60 -63.69 -48.08
N SER C 65 57.99 -63.84 -46.91
CA SER C 65 56.53 -63.63 -46.77
C SER C 65 56.17 -62.25 -46.26
N LEU C 66 56.99 -61.71 -45.38
CA LEU C 66 56.71 -60.37 -44.92
C LEU C 66 57.04 -59.42 -46.05
N ALA C 67 58.27 -59.47 -46.55
CA ALA C 67 58.71 -58.53 -47.54
C ALA C 67 57.81 -58.42 -48.76
N ALA C 68 56.80 -59.27 -48.87
CA ALA C 68 55.88 -59.15 -49.97
C ALA C 68 54.49 -58.91 -49.46
N ARG C 69 54.35 -58.80 -48.13
CA ARG C 69 53.20 -58.14 -47.55
C ARG C 69 53.62 -56.68 -47.44
N ASN C 70 54.88 -56.47 -47.07
CA ASN C 70 55.46 -55.15 -46.96
C ASN C 70 55.40 -54.41 -48.29
N SER C 71 55.36 -55.14 -49.39
CA SER C 71 55.37 -54.45 -50.63
C SER C 71 53.98 -54.34 -51.19
N LYS C 72 53.01 -55.04 -50.63
CA LYS C 72 51.62 -54.84 -51.09
C LYS C 72 51.06 -53.67 -50.35
N LEU C 73 51.57 -53.42 -49.15
CA LEU C 73 51.15 -52.26 -48.41
C LEU C 73 51.83 -51.04 -49.00
N MET C 74 53.15 -51.06 -49.10
CA MET C 74 53.89 -50.02 -49.81
C MET C 74 53.06 -49.39 -50.90
N GLU C 75 52.48 -50.25 -51.74
CA GLU C 75 51.79 -49.88 -52.96
C GLU C 75 50.38 -49.37 -52.71
N THR C 76 49.62 -50.01 -51.83
CA THR C 76 48.30 -49.45 -51.50
C THR C 76 48.39 -48.14 -50.66
N LEU C 77 49.43 -47.96 -49.85
CA LEU C 77 49.58 -46.72 -49.10
C LEU C 77 49.98 -45.62 -50.03
N LYS C 78 50.60 -45.99 -51.13
CA LYS C 78 50.96 -45.01 -52.13
C LYS C 78 49.67 -44.50 -52.74
N GLU C 79 48.84 -45.44 -53.17
CA GLU C 79 47.57 -45.09 -53.77
C GLU C 79 46.54 -44.53 -52.79
N ALA C 80 46.86 -44.49 -51.50
CA ALA C 80 46.04 -43.77 -50.55
C ALA C 80 46.49 -42.34 -50.48
N ARG C 81 47.78 -42.11 -50.29
CA ARG C 81 48.31 -40.74 -50.30
C ARG C 81 47.95 -39.98 -51.59
N GLN C 82 47.98 -40.66 -52.73
CA GLN C 82 47.66 -40.04 -54.05
C GLN C 82 46.17 -39.67 -54.27
N GLN C 83 45.28 -40.19 -53.43
CA GLN C 83 43.86 -39.80 -53.47
C GLN C 83 43.53 -38.80 -52.39
N LEU C 84 44.28 -38.86 -51.29
CA LEU C 84 44.08 -37.96 -50.16
C LEU C 84 44.76 -36.66 -50.47
N LEU C 85 45.76 -36.66 -51.35
CA LEU C 85 46.34 -35.36 -51.70
C LEU C 85 45.65 -34.66 -52.87
N ALA C 86 45.15 -35.41 -53.86
CA ALA C 86 44.32 -34.83 -54.94
C ALA C 86 42.95 -34.30 -54.45
N LEU C 87 42.39 -34.93 -53.43
CA LEU C 87 41.20 -34.42 -52.81
C LEU C 87 41.57 -33.22 -52.00
N ARG C 88 42.57 -33.31 -51.13
CA ARG C 88 42.81 -32.15 -50.26
C ARG C 88 43.06 -30.81 -51.02
N GLU C 89 43.68 -30.87 -52.22
CA GLU C 89 43.82 -29.63 -53.03
C GLU C 89 42.47 -29.06 -53.56
N GLU C 90 41.59 -29.94 -54.10
CA GLU C 90 40.22 -29.50 -54.46
C GLU C 90 39.59 -28.78 -53.32
N VAL C 91 39.56 -29.37 -52.12
CA VAL C 91 38.98 -28.68 -50.95
C VAL C 91 39.74 -27.39 -50.55
N ASP C 92 41.08 -27.43 -50.67
CA ASP C 92 41.91 -26.24 -50.32
C ASP C 92 41.58 -25.03 -51.23
N ARG C 93 41.14 -25.34 -52.46
CA ARG C 93 40.62 -24.33 -53.42
C ARG C 93 39.24 -23.70 -53.03
N LEU C 94 38.40 -24.45 -52.34
CA LEU C 94 37.07 -23.96 -52.05
C LEU C 94 37.11 -22.88 -50.98
N GLY C 95 38.24 -22.83 -50.27
CA GLY C 95 38.50 -21.78 -49.28
C GLY C 95 38.66 -20.36 -49.84
N GLN C 96 39.46 -20.24 -50.91
CA GLN C 96 39.74 -18.96 -51.57
C GLN C 96 38.45 -18.35 -52.17
N PRO C 97 38.12 -17.11 -51.76
CA PRO C 97 36.90 -16.42 -52.15
C PRO C 97 36.72 -16.29 -53.66
N PRO C 98 35.45 -16.18 -54.11
CA PRO C 98 34.95 -16.24 -55.49
C PRO C 98 35.24 -14.95 -56.23
N SER C 99 34.66 -14.76 -57.39
CA SER C 99 34.99 -13.59 -58.15
C SER C 99 33.77 -12.80 -58.60
N GLY C 100 33.86 -11.47 -58.43
CA GLY C 100 32.95 -10.49 -59.06
C GLY C 100 33.29 -10.09 -60.52
N TYR C 101 32.28 -9.71 -61.30
CA TYR C 101 32.47 -9.19 -62.65
C TYR C 101 31.79 -7.79 -62.76
N GLY C 102 32.25 -6.99 -63.70
CA GLY C 102 31.70 -5.67 -63.94
C GLY C 102 32.17 -5.12 -65.28
N VAL C 103 31.51 -4.06 -65.77
CA VAL C 103 31.75 -3.53 -67.12
C VAL C 103 32.82 -2.51 -66.99
N LEU C 104 33.54 -2.28 -68.09
CA LEU C 104 34.73 -1.41 -68.12
C LEU C 104 34.41 -0.02 -68.61
N LEU C 105 34.55 0.96 -67.76
CA LEU C 105 34.00 2.19 -68.14
C LEU C 105 34.98 3.18 -68.75
N ALA C 106 36.24 3.21 -68.33
CA ALA C 106 37.22 4.04 -69.06
C ALA C 106 38.66 3.86 -68.57
N THR C 107 39.64 3.84 -69.47
CA THR C 107 41.06 3.75 -69.08
C THR C 107 41.49 5.07 -68.49
N HIS C 108 42.37 4.99 -67.49
CA HIS C 108 43.01 6.17 -66.94
C HIS C 108 44.54 6.21 -67.18
N ASP C 109 45.07 7.38 -67.51
CA ASP C 109 46.52 7.54 -67.66
C ASP C 109 47.19 7.47 -66.30
N ASP C 110 46.40 7.09 -65.31
CA ASP C 110 46.88 6.64 -64.03
C ASP C 110 47.15 5.16 -64.27
N ASP C 111 47.03 4.34 -63.24
CA ASP C 111 47.08 2.88 -63.44
C ASP C 111 45.68 2.28 -63.38
N THR C 112 44.69 3.15 -63.22
CA THR C 112 43.40 2.80 -62.66
C THR C 112 42.30 2.63 -63.71
N VAL C 113 41.23 1.91 -63.37
CA VAL C 113 40.03 1.91 -64.19
C VAL C 113 38.75 2.25 -63.47
N ASP C 114 37.84 2.85 -64.23
CA ASP C 114 36.50 3.13 -63.86
C ASP C 114 35.67 1.97 -64.36
N VAL C 115 35.35 0.98 -63.51
CA VAL C 115 34.50 -0.13 -63.93
C VAL C 115 33.17 0.06 -63.33
N PHE C 116 32.27 -0.89 -63.59
CA PHE C 116 30.91 -0.80 -63.07
C PHE C 116 30.56 -2.15 -62.56
N THR C 117 30.44 -2.28 -61.28
CA THR C 117 30.43 -3.60 -60.74
C THR C 117 29.11 -4.07 -60.03
N SER C 118 29.13 -4.10 -58.72
CA SER C 118 28.05 -4.64 -57.98
C SER C 118 27.08 -3.53 -57.97
N GLY C 119 26.61 -3.16 -59.13
CA GLY C 119 25.65 -2.06 -59.25
C GLY C 119 26.14 -0.62 -59.35
N ARG C 120 27.24 -0.29 -58.70
CA ARG C 120 27.71 1.09 -58.77
C ARG C 120 28.91 1.32 -59.69
N LYS C 121 29.48 2.54 -59.63
CA LYS C 121 30.48 2.95 -60.58
C LYS C 121 31.72 3.15 -59.83
N MET C 122 32.61 2.18 -59.80
CA MET C 122 33.83 2.47 -59.08
C MET C 122 35.17 2.45 -59.84
N ARG C 123 36.18 3.09 -59.22
CA ARG C 123 37.51 3.24 -59.77
C ARG C 123 38.45 2.45 -58.91
N LEU C 124 39.13 1.50 -59.55
CA LEU C 124 39.96 0.56 -58.80
C LEU C 124 41.15 0.09 -59.63
N THR C 125 42.17 -0.44 -58.96
CA THR C 125 43.48 -0.78 -59.55
C THR C 125 43.54 -2.10 -60.28
N CYS C 126 44.58 -2.25 -61.08
CA CYS C 126 44.81 -3.48 -61.83
C CYS C 126 45.96 -4.30 -61.29
N SER C 127 45.88 -5.61 -61.54
CA SER C 127 46.90 -6.52 -61.09
C SER C 127 48.05 -6.42 -62.05
N PRO C 128 49.25 -6.20 -61.50
CA PRO C 128 50.47 -6.04 -62.26
C PRO C 128 50.69 -7.24 -63.16
N ASN C 129 49.66 -7.64 -63.91
CA ASN C 129 49.82 -8.63 -64.96
C ASN C 129 48.76 -8.62 -66.07
N ILE C 130 47.85 -7.66 -66.05
CA ILE C 130 46.99 -7.50 -67.22
C ILE C 130 47.30 -6.23 -67.97
N ASP C 131 46.88 -6.22 -69.23
CA ASP C 131 47.49 -5.32 -70.22
C ASP C 131 47.21 -3.84 -70.00
N ALA C 132 47.97 -3.27 -69.05
CA ALA C 132 48.00 -1.83 -68.66
C ALA C 132 46.88 -0.89 -69.18
N ALA C 133 46.67 -0.85 -70.50
CA ALA C 133 45.68 0.05 -71.11
C ALA C 133 45.26 -0.41 -72.52
N SER C 134 45.63 -1.64 -72.87
CA SER C 134 45.19 -2.23 -74.15
C SER C 134 43.97 -3.17 -74.00
N LEU C 135 43.14 -2.90 -72.99
CA LEU C 135 41.76 -3.40 -72.91
C LEU C 135 40.84 -2.30 -73.41
N LYS C 136 39.76 -2.68 -74.07
CA LYS C 136 38.91 -1.75 -74.82
C LYS C 136 37.66 -1.30 -74.02
N LYS C 137 37.24 -0.05 -74.23
CA LYS C 137 36.14 0.57 -73.48
C LYS C 137 34.85 -0.26 -73.47
N GLY C 138 34.53 -0.78 -72.30
CA GLY C 138 33.27 -1.40 -72.07
C GLY C 138 33.36 -2.85 -72.38
N GLN C 139 34.31 -3.55 -71.80
CA GLN C 139 34.33 -4.99 -71.98
C GLN C 139 34.22 -5.61 -70.63
N THR C 140 33.70 -6.80 -70.56
CA THR C 140 33.30 -7.38 -69.30
C THR C 140 34.48 -7.89 -68.49
N VAL C 141 35.02 -7.15 -67.54
CA VAL C 141 36.19 -7.66 -66.79
C VAL C 141 35.81 -8.43 -65.52
N ARG C 142 36.76 -9.12 -64.88
CA ARG C 142 36.51 -9.96 -63.70
C ARG C 142 37.23 -9.30 -62.56
N LEU C 143 36.82 -9.54 -61.34
CA LEU C 143 37.38 -8.81 -60.21
C LEU C 143 37.46 -9.68 -59.00
N ASN C 144 38.51 -9.57 -58.19
CA ASN C 144 38.66 -10.47 -57.07
C ASN C 144 37.93 -9.99 -55.82
N GLU C 145 38.30 -10.49 -54.64
CA GLU C 145 37.56 -10.15 -53.42
C GLU C 145 37.82 -8.71 -53.00
N ALA C 146 39.06 -8.26 -53.07
CA ALA C 146 39.33 -6.91 -52.62
C ALA C 146 39.10 -5.93 -53.74
N LEU C 147 38.45 -6.41 -54.81
CA LEU C 147 38.10 -5.61 -55.99
C LEU C 147 39.36 -5.03 -56.64
N THR C 148 39.97 -5.81 -57.53
CA THR C 148 41.24 -5.49 -58.15
C THR C 148 41.23 -6.31 -59.41
N VAL C 149 41.08 -5.67 -60.55
CA VAL C 149 40.74 -6.36 -61.80
C VAL C 149 41.78 -7.39 -62.14
N VAL C 150 41.43 -8.41 -62.91
CA VAL C 150 42.37 -9.47 -63.26
C VAL C 150 42.05 -10.19 -64.54
N GLU C 151 41.47 -9.53 -65.53
CA GLU C 151 41.22 -10.21 -66.81
C GLU C 151 40.40 -9.40 -67.79
N ALA C 152 40.52 -9.70 -69.07
CA ALA C 152 39.62 -9.10 -70.02
C ALA C 152 38.57 -10.15 -70.18
N GLY C 153 37.57 -9.85 -71.00
CA GLY C 153 36.51 -10.80 -71.24
C GLY C 153 35.83 -10.55 -72.54
N THR C 154 34.66 -11.15 -72.73
CA THR C 154 33.91 -11.03 -73.98
C THR C 154 33.11 -9.76 -73.92
N PHE C 155 32.03 -9.74 -74.65
CA PHE C 155 31.17 -8.59 -74.59
C PHE C 155 29.75 -8.94 -74.13
N GLU C 156 29.36 -8.44 -72.96
CA GLU C 156 27.99 -8.66 -72.47
C GLU C 156 27.06 -8.70 -73.67
N ALA C 157 26.43 -9.84 -73.84
CA ALA C 157 25.86 -10.20 -75.12
C ALA C 157 24.35 -10.37 -75.07
N VAL C 158 23.74 -10.01 -73.95
CA VAL C 158 22.34 -10.29 -73.74
C VAL C 158 21.83 -9.06 -73.04
N GLY C 159 20.65 -8.58 -73.37
CA GLY C 159 20.14 -7.44 -72.64
C GLY C 159 19.11 -6.68 -73.42
N GLU C 160 19.05 -5.38 -73.20
CA GLU C 160 18.05 -4.56 -73.85
C GLU C 160 18.39 -4.28 -75.31
N ILE C 161 17.39 -4.13 -76.16
CA ILE C 161 17.58 -3.70 -77.55
C ILE C 161 16.96 -2.32 -77.78
N SER C 162 17.70 -1.43 -78.39
CA SER C 162 17.25 -0.07 -78.58
C SER C 162 17.47 0.33 -80.00
N THR C 163 16.78 1.34 -80.49
CA THR C 163 17.22 1.87 -81.77
C THR C 163 18.02 3.10 -81.54
N LEU C 164 18.84 3.41 -82.55
CA LEU C 164 19.95 4.36 -82.47
C LEU C 164 19.54 5.63 -83.12
N ARG C 165 19.49 6.68 -82.36
CA ARG C 165 18.89 7.83 -82.89
C ARG C 165 19.91 8.62 -83.72
N GLU C 166 21.07 8.93 -83.14
CA GLU C 166 22.16 9.58 -83.90
C GLU C 166 23.40 9.50 -83.04
N ILE C 167 24.54 9.19 -83.66
CA ILE C 167 25.79 9.13 -82.92
C ILE C 167 26.11 10.53 -82.50
N LEU C 168 26.98 10.67 -81.53
CA LEU C 168 27.04 11.95 -80.88
C LEU C 168 28.19 12.88 -81.28
N ALA C 169 27.95 14.18 -81.06
CA ALA C 169 28.98 15.21 -81.11
C ALA C 169 30.39 14.59 -81.31
N ASP C 170 30.92 13.98 -80.26
CA ASP C 170 32.31 13.58 -80.17
C ASP C 170 32.62 12.15 -80.55
N GLY C 171 31.64 11.48 -81.14
CA GLY C 171 31.86 10.12 -81.70
C GLY C 171 32.14 9.01 -80.71
N HIS C 172 31.65 9.20 -79.50
CA HIS C 172 31.86 8.30 -78.35
C HIS C 172 30.59 7.83 -77.56
N ARG C 173 29.62 8.71 -77.51
CA ARG C 173 28.35 8.49 -76.89
C ARG C 173 27.27 8.44 -77.98
N ALA C 174 26.29 7.55 -77.86
CA ALA C 174 25.14 7.63 -78.75
C ALA C 174 23.92 8.15 -78.00
N LEU C 175 22.93 8.60 -78.75
CA LEU C 175 21.65 8.85 -78.15
C LEU C 175 20.72 7.82 -78.74
N VAL C 176 20.27 6.84 -77.91
CA VAL C 176 19.40 5.71 -78.31
C VAL C 176 18.08 5.83 -77.68
N VAL C 177 17.03 5.36 -78.34
CA VAL C 177 15.73 5.36 -77.73
C VAL C 177 15.56 3.95 -77.31
N GLY C 178 14.95 3.77 -76.15
CA GLY C 178 14.73 2.45 -75.53
C GLY C 178 13.40 1.81 -75.94
N HIS C 179 12.77 1.12 -74.99
CA HIS C 179 11.75 0.14 -75.37
C HIS C 179 10.36 0.72 -75.36
N ALA C 180 10.07 1.50 -74.33
CA ALA C 180 9.02 2.47 -74.41
C ALA C 180 9.83 3.72 -74.59
N ASP C 181 9.18 4.79 -74.98
CA ASP C 181 9.84 5.84 -75.70
C ASP C 181 11.00 6.64 -75.06
N GLU C 182 11.59 6.20 -73.95
CA GLU C 182 12.61 7.04 -73.29
C GLU C 182 13.92 7.07 -74.01
N GLU C 183 14.59 8.20 -73.96
CA GLU C 183 15.81 8.35 -74.71
C GLU C 183 16.98 8.52 -73.74
N ARG C 184 18.00 7.68 -73.90
CA ARG C 184 19.18 7.73 -73.03
C ARG C 184 20.41 7.83 -73.87
N VAL C 185 21.50 8.18 -73.23
CA VAL C 185 22.70 8.57 -73.94
C VAL C 185 23.87 7.79 -73.43
N VAL C 186 24.45 6.98 -74.30
CA VAL C 186 25.15 5.80 -73.87
C VAL C 186 26.55 5.88 -74.36
N TRP C 187 27.53 5.37 -73.61
CA TRP C 187 28.88 5.17 -74.20
C TRP C 187 28.85 4.00 -75.21
N LEU C 188 29.61 4.09 -76.33
CA LEU C 188 29.77 2.98 -77.33
C LEU C 188 30.99 2.20 -77.05
N ALA C 189 30.99 0.93 -77.30
CA ALA C 189 32.11 0.15 -76.83
C ALA C 189 33.01 -0.12 -77.98
N ASP C 190 34.31 -0.09 -77.74
CA ASP C 190 35.24 -0.01 -78.87
C ASP C 190 34.72 -0.65 -80.20
N PRO C 191 34.51 -1.96 -80.23
CA PRO C 191 34.09 -2.63 -81.43
C PRO C 191 32.87 -2.09 -82.09
N LEU C 192 32.32 -1.01 -81.63
CA LEU C 192 31.21 -0.52 -82.37
C LEU C 192 31.70 0.61 -83.22
N ILE C 193 32.79 1.24 -82.77
CA ILE C 193 33.49 2.30 -83.52
C ILE C 193 35.01 2.14 -83.75
N ALA C 194 35.53 0.92 -83.63
CA ALA C 194 36.95 0.68 -83.93
C ALA C 194 37.31 1.28 -85.31
N GLU C 195 38.60 1.31 -85.64
CA GLU C 195 39.05 2.03 -86.84
C GLU C 195 38.65 1.44 -88.22
N ASP C 196 38.93 0.17 -88.45
CA ASP C 196 38.73 -0.43 -89.80
C ASP C 196 37.33 -1.13 -90.01
N LEU C 197 36.33 -0.27 -90.06
CA LEU C 197 34.98 -0.78 -90.33
C LEU C 197 34.34 -0.25 -91.67
N PRO C 198 34.03 -1.19 -92.59
CA PRO C 198 33.49 -0.89 -93.92
C PRO C 198 32.44 0.17 -93.88
N ASP C 199 32.55 1.23 -94.70
CA ASP C 199 31.49 2.27 -94.82
C ASP C 199 30.09 1.72 -94.96
N GLY C 200 30.00 0.46 -95.40
CA GLY C 200 28.71 -0.28 -95.47
C GLY C 200 28.17 -0.57 -96.89
N LEU C 201 28.20 0.48 -97.73
CA LEU C 201 27.47 0.59 -99.02
C LEU C 201 25.97 0.94 -98.74
N PRO C 202 25.20 1.39 -99.77
CA PRO C 202 23.75 1.54 -99.51
C PRO C 202 23.03 0.17 -99.55
N GLU C 203 21.71 0.18 -99.37
CA GLU C 203 20.97 -1.08 -99.13
C GLU C 203 20.50 -1.89 -100.38
N ALA C 204 20.99 -1.54 -101.58
CA ALA C 204 20.44 -2.06 -102.86
C ALA C 204 20.81 -3.52 -103.28
N LEU C 205 21.45 -4.27 -102.37
CA LEU C 205 21.55 -5.76 -102.37
C LEU C 205 21.48 -6.18 -100.90
N ASN C 206 20.95 -7.37 -100.60
CA ASN C 206 20.66 -7.67 -99.19
C ASN C 206 21.50 -8.71 -98.44
N ASP C 207 21.42 -8.57 -97.11
CA ASP C 207 22.21 -9.27 -96.10
C ASP C 207 23.21 -8.29 -95.46
N ASP C 208 23.01 -8.01 -94.17
CA ASP C 208 23.77 -7.02 -93.38
C ASP C 208 24.69 -7.63 -92.33
N THR C 209 24.59 -8.94 -92.14
CA THR C 209 25.16 -9.62 -90.99
C THR C 209 26.64 -9.29 -90.70
N ARG C 210 27.32 -8.67 -91.66
CA ARG C 210 28.79 -8.47 -91.55
C ARG C 210 29.25 -7.08 -91.00
N PRO C 211 30.24 -7.06 -90.06
CA PRO C 211 30.69 -5.86 -89.35
C PRO C 211 30.60 -4.56 -90.20
N ARG C 212 30.08 -3.45 -89.63
CA ARG C 212 30.01 -2.13 -90.33
C ARG C 212 30.05 -0.89 -89.39
N LYS C 213 29.94 0.32 -89.95
CA LYS C 213 29.96 1.55 -89.16
C LYS C 213 28.52 1.81 -88.87
N LEU C 214 28.24 2.43 -87.75
CA LEU C 214 26.88 2.46 -87.29
C LEU C 214 26.09 3.48 -88.03
N ARG C 215 25.04 2.99 -88.66
CA ARG C 215 24.14 3.86 -89.38
C ARG C 215 23.03 4.15 -88.42
N PRO C 216 22.46 5.37 -88.46
CA PRO C 216 21.37 5.59 -87.55
C PRO C 216 20.25 4.72 -88.00
N GLY C 217 19.44 4.27 -87.05
CA GLY C 217 18.43 3.28 -87.33
C GLY C 217 18.75 1.97 -86.68
N ASP C 218 19.99 1.53 -86.80
CA ASP C 218 20.37 0.22 -86.33
C ASP C 218 19.96 -0.08 -84.90
N SER C 219 19.47 -1.29 -84.71
CA SER C 219 19.08 -1.77 -83.44
C SER C 219 20.35 -2.25 -82.85
N LEU C 220 20.79 -1.65 -81.77
CA LEU C 220 21.97 -2.15 -81.08
C LEU C 220 21.70 -2.42 -79.60
N LEU C 221 22.38 -3.39 -79.00
CA LEU C 221 22.08 -3.85 -77.66
C LEU C 221 22.77 -2.98 -76.62
N VAL C 222 22.25 -2.89 -75.40
CA VAL C 222 22.73 -1.88 -74.48
C VAL C 222 22.34 -2.12 -73.01
N ASP C 223 23.14 -1.65 -72.06
CA ASP C 223 22.94 -1.99 -70.63
C ASP C 223 22.75 -0.71 -69.83
N THR C 224 21.62 -0.04 -70.09
CA THR C 224 21.36 1.33 -69.61
C THR C 224 21.74 1.64 -68.19
N LYS C 225 21.83 0.65 -67.34
CA LYS C 225 22.24 0.95 -65.99
C LYS C 225 23.74 1.11 -65.91
N ALA C 226 24.48 0.73 -66.92
CA ALA C 226 25.90 0.89 -66.79
C ALA C 226 26.40 1.97 -67.73
N GLY C 227 25.95 1.87 -68.97
CA GLY C 227 25.98 3.01 -69.82
C GLY C 227 26.34 2.69 -71.22
N TYR C 228 26.74 1.47 -71.47
CA TYR C 228 27.33 1.18 -72.76
C TYR C 228 26.33 0.61 -73.74
N ALA C 229 26.70 0.63 -75.02
CA ALA C 229 26.12 -0.25 -76.01
C ALA C 229 27.23 -1.28 -76.34
N PHE C 230 26.96 -2.37 -77.01
CA PHE C 230 27.92 -3.42 -76.92
C PHE C 230 28.07 -4.18 -78.18
N GLU C 231 27.19 -3.98 -79.14
CA GLU C 231 27.17 -4.83 -80.31
C GLU C 231 25.94 -4.51 -81.10
N ARG C 232 25.81 -4.96 -82.33
CA ARG C 232 24.81 -4.44 -83.21
C ARG C 232 23.92 -5.58 -83.59
N ILE C 233 22.76 -5.28 -84.14
CA ILE C 233 21.88 -6.35 -84.47
C ILE C 233 21.34 -6.34 -85.88
N PRO C 234 21.63 -7.41 -86.60
CA PRO C 234 21.00 -7.83 -87.82
C PRO C 234 19.50 -7.69 -87.74
N LEU C 235 18.99 -6.56 -88.19
CA LEU C 235 17.54 -6.37 -88.27
C LEU C 235 16.95 -6.99 -89.55
N VAL C 236 15.67 -7.44 -89.48
CA VAL C 236 14.80 -7.85 -90.63
C VAL C 236 13.27 -7.43 -90.45
N PRO C 237 12.72 -6.49 -91.30
CA PRO C 237 11.24 -6.50 -91.53
C PRO C 237 10.79 -7.05 -92.93
N SER D 52 77.90 -71.76 -39.27
CA SER D 52 78.09 -70.40 -38.71
C SER D 52 76.89 -69.95 -37.88
N ALA D 53 77.14 -69.04 -36.95
CA ALA D 53 76.11 -68.51 -36.05
C ALA D 53 75.89 -66.99 -36.16
N ARG D 54 76.50 -66.36 -37.17
CA ARG D 54 76.28 -64.91 -37.41
C ARG D 54 75.11 -64.64 -38.37
N ASP D 55 74.89 -65.56 -39.32
CA ASP D 55 73.79 -65.47 -40.29
C ASP D 55 72.43 -65.52 -39.61
N ILE D 56 72.27 -66.46 -38.67
CA ILE D 56 71.05 -66.62 -37.88
C ILE D 56 70.70 -65.31 -37.15
N HIS D 57 71.67 -64.71 -36.47
CA HIS D 57 71.48 -63.41 -35.80
C HIS D 57 71.24 -62.27 -36.79
N GLN D 58 71.69 -62.45 -38.04
CA GLN D 58 71.53 -61.43 -39.09
C GLN D 58 70.12 -61.46 -39.68
N LEU D 59 69.49 -62.63 -39.65
CA LEU D 59 68.13 -62.74 -40.15
C LEU D 59 67.14 -62.36 -39.07
N GLU D 60 67.30 -62.94 -37.88
CA GLU D 60 66.48 -62.60 -36.72
C GLU D 60 66.43 -61.10 -36.47
N ALA D 61 67.34 -60.38 -37.12
CA ALA D 61 67.42 -58.93 -36.99
C ALA D 61 66.72 -58.24 -38.16
N ARG D 62 66.73 -58.87 -39.34
CA ARG D 62 66.00 -58.33 -40.48
C ARG D 62 64.51 -58.54 -40.28
N ILE D 63 64.14 -59.69 -39.71
CA ILE D 63 62.73 -59.98 -39.44
C ILE D 63 62.11 -58.97 -38.48
N ASP D 64 62.89 -58.47 -37.53
CA ASP D 64 62.40 -57.45 -36.62
C ASP D 64 62.39 -56.09 -37.32
N SER D 65 63.44 -55.82 -38.09
CA SER D 65 63.52 -54.61 -38.88
C SER D 65 62.43 -54.57 -39.95
N LEU D 66 61.76 -55.69 -40.17
CA LEU D 66 60.65 -55.73 -41.11
C LEU D 66 59.31 -55.86 -40.41
N ALA D 67 59.29 -56.45 -39.22
CA ALA D 67 58.05 -56.49 -38.46
C ALA D 67 57.72 -55.10 -37.96
N ALA D 68 58.76 -54.30 -37.74
CA ALA D 68 58.60 -52.94 -37.27
C ALA D 68 58.08 -52.04 -38.37
N ARG D 69 58.64 -52.16 -39.57
CA ARG D 69 58.08 -51.45 -40.70
C ARG D 69 56.69 -51.95 -41.03
N ASN D 70 56.32 -53.14 -40.59
CA ASN D 70 54.96 -53.59 -40.84
C ASN D 70 53.94 -53.15 -39.82
N SER D 71 54.37 -52.90 -38.60
CA SER D 71 53.45 -52.39 -37.59
C SER D 71 53.10 -50.95 -37.92
N LYS D 72 54.13 -50.16 -38.28
CA LYS D 72 53.97 -48.71 -38.52
C LYS D 72 53.33 -48.36 -39.86
N LEU D 73 53.39 -49.28 -40.82
CA LEU D 73 52.72 -49.01 -42.07
C LEU D 73 51.25 -49.30 -41.90
N MET D 74 50.92 -50.47 -41.36
CA MET D 74 49.51 -50.80 -41.18
C MET D 74 48.80 -49.69 -40.46
N GLU D 75 49.49 -48.96 -39.59
CA GLU D 75 48.88 -47.81 -38.90
C GLU D 75 48.74 -46.56 -39.80
N THR D 76 49.78 -46.18 -40.54
CA THR D 76 49.67 -44.99 -41.35
C THR D 76 48.51 -45.13 -42.33
N LEU D 77 48.26 -46.33 -42.86
CA LEU D 77 47.06 -46.51 -43.70
C LEU D 77 45.77 -46.18 -42.93
N LYS D 78 45.59 -46.75 -41.75
CA LYS D 78 44.39 -46.47 -40.98
C LYS D 78 44.29 -44.98 -40.82
N GLU D 79 45.43 -44.32 -40.66
CA GLU D 79 45.45 -42.88 -40.54
C GLU D 79 45.02 -42.18 -41.83
N ALA D 80 45.45 -42.67 -42.97
CA ALA D 80 44.97 -42.09 -44.20
C ALA D 80 43.53 -42.49 -44.49
N ARG D 81 43.12 -43.73 -44.23
CA ARG D 81 41.74 -44.12 -44.53
C ARG D 81 40.72 -43.48 -43.57
N GLN D 82 41.14 -43.17 -42.34
CA GLN D 82 40.33 -42.33 -41.42
C GLN D 82 40.30 -40.89 -41.95
N GLN D 83 41.46 -40.35 -42.35
CA GLN D 83 41.50 -39.00 -42.90
C GLN D 83 40.61 -38.80 -44.11
N LEU D 84 40.70 -39.64 -45.12
CA LEU D 84 39.76 -39.53 -46.22
C LEU D 84 38.30 -39.65 -45.78
N LEU D 85 37.92 -40.61 -44.94
CA LEU D 85 36.50 -40.68 -44.55
C LEU D 85 36.03 -39.39 -43.83
N ALA D 86 36.98 -38.58 -43.37
CA ALA D 86 36.67 -37.29 -42.75
C ALA D 86 36.57 -36.16 -43.76
N LEU D 87 37.49 -36.12 -44.71
CA LEU D 87 37.43 -35.13 -45.76
C LEU D 87 36.20 -35.34 -46.59
N ARG D 88 35.95 -36.57 -47.01
CA ARG D 88 34.75 -36.78 -47.80
C ARG D 88 33.46 -36.71 -46.98
N GLU D 89 33.51 -36.91 -45.65
CA GLU D 89 32.32 -36.56 -44.83
C GLU D 89 32.13 -35.03 -44.86
N GLU D 90 33.24 -34.27 -45.04
CA GLU D 90 33.20 -32.79 -45.04
C GLU D 90 32.57 -32.29 -46.29
N VAL D 91 32.76 -33.01 -47.36
CA VAL D 91 32.22 -32.54 -48.56
C VAL D 91 30.68 -32.66 -48.65
N ASP D 92 30.09 -33.57 -47.88
CA ASP D 92 28.63 -33.62 -47.79
C ASP D 92 28.11 -32.57 -46.77
N ARG D 93 28.97 -32.14 -45.84
CA ARG D 93 28.68 -31.03 -44.88
C ARG D 93 28.57 -29.67 -45.62
N LEU D 94 29.19 -29.63 -46.80
CA LEU D 94 29.13 -28.48 -47.69
C LEU D 94 27.78 -28.38 -48.39
N GLY D 95 27.22 -29.52 -48.74
CA GLY D 95 25.94 -29.52 -49.43
C GLY D 95 24.79 -29.44 -48.46
N GLN D 96 25.09 -29.00 -47.25
CA GLN D 96 24.08 -28.94 -46.23
C GLN D 96 23.25 -27.66 -46.37
N PRO D 97 21.93 -27.72 -46.08
CA PRO D 97 21.02 -26.58 -45.88
C PRO D 97 21.50 -25.67 -44.75
N PRO D 98 21.20 -24.35 -44.80
CA PRO D 98 20.39 -23.56 -45.73
C PRO D 98 21.18 -23.19 -46.95
N SER D 99 20.56 -23.24 -48.12
CA SER D 99 21.30 -22.97 -49.34
C SER D 99 20.54 -22.27 -50.38
N GLY D 100 21.28 -21.49 -51.14
CA GLY D 100 20.71 -20.59 -52.12
C GLY D 100 20.90 -21.05 -53.53
N TYR D 101 20.22 -20.39 -54.43
CA TYR D 101 19.97 -20.90 -55.76
C TYR D 101 20.30 -19.86 -56.89
N GLY D 102 21.32 -20.18 -57.67
CA GLY D 102 21.74 -19.33 -58.77
C GLY D 102 21.54 -20.00 -60.12
N VAL D 103 21.54 -19.19 -61.20
CA VAL D 103 21.47 -19.69 -62.57
C VAL D 103 22.88 -19.79 -63.02
N LEU D 104 23.14 -20.86 -63.78
CA LEU D 104 24.44 -21.12 -64.38
C LEU D 104 24.65 -20.50 -65.76
N LEU D 105 25.50 -19.47 -65.80
CA LEU D 105 25.80 -18.79 -67.04
C LEU D 105 26.78 -19.53 -67.97
N ALA D 106 28.06 -19.59 -67.63
CA ALA D 106 28.88 -20.57 -68.37
C ALA D 106 29.95 -21.25 -67.53
N THR D 107 30.33 -22.47 -67.97
CA THR D 107 31.33 -23.37 -67.35
C THR D 107 32.70 -23.01 -67.83
N HIS D 108 33.65 -23.08 -66.91
CA HIS D 108 35.03 -22.98 -67.29
C HIS D 108 35.67 -24.34 -67.34
N ASP D 109 36.91 -24.35 -67.83
CA ASP D 109 37.72 -25.56 -67.77
C ASP D 109 38.20 -25.84 -66.34
N ASP D 110 38.64 -24.82 -65.59
CA ASP D 110 39.28 -25.09 -64.28
C ASP D 110 38.40 -25.32 -62.99
N ASP D 111 37.21 -25.87 -63.21
CA ASP D 111 36.27 -26.23 -62.11
C ASP D 111 35.56 -25.02 -61.50
N THR D 112 35.42 -23.99 -62.34
CA THR D 112 34.73 -22.79 -61.96
C THR D 112 33.46 -22.54 -62.78
N VAL D 113 32.58 -21.78 -62.20
CA VAL D 113 31.42 -21.42 -62.92
C VAL D 113 31.11 -19.89 -62.86
N ASP D 114 30.67 -19.40 -64.01
CA ASP D 114 29.89 -18.19 -64.10
C ASP D 114 28.41 -18.53 -63.71
N VAL D 115 28.05 -18.30 -62.45
CA VAL D 115 26.66 -18.43 -62.08
C VAL D 115 26.15 -17.07 -61.92
N PHE D 116 24.84 -16.95 -61.85
CA PHE D 116 24.27 -15.66 -61.63
C PHE D 116 23.31 -15.87 -60.51
N THR D 117 23.63 -15.25 -59.38
CA THR D 117 22.90 -15.42 -58.14
C THR D 117 22.77 -14.08 -57.42
N SER D 118 21.60 -13.72 -56.89
CA SER D 118 21.55 -12.47 -56.15
C SER D 118 22.08 -11.39 -57.08
N GLY D 119 21.62 -11.43 -58.33
CA GLY D 119 21.70 -10.26 -59.18
C GLY D 119 23.02 -9.83 -59.75
N ARG D 120 24.13 -10.43 -59.34
CA ARG D 120 25.37 -10.24 -60.14
C ARG D 120 25.95 -11.51 -60.85
N LYS D 121 27.00 -11.33 -61.64
CA LYS D 121 27.60 -12.42 -62.35
C LYS D 121 28.70 -12.88 -61.46
N MET D 122 28.75 -14.13 -61.08
CA MET D 122 29.86 -14.54 -60.25
C MET D 122 30.60 -15.75 -60.75
N ARG D 123 31.90 -15.75 -60.49
CA ARG D 123 32.75 -16.83 -60.95
C ARG D 123 33.14 -17.65 -59.76
N LEU D 124 32.55 -18.82 -59.72
CA LEU D 124 32.41 -19.52 -58.51
C LEU D 124 33.01 -20.93 -58.54
N THR D 125 33.70 -21.31 -57.46
CA THR D 125 34.33 -22.65 -57.32
C THR D 125 33.31 -23.66 -56.86
N CYS D 126 33.31 -24.84 -57.45
CA CYS D 126 32.32 -25.84 -57.03
C CYS D 126 32.90 -27.05 -56.29
N SER D 127 32.00 -27.85 -55.71
CA SER D 127 32.43 -28.97 -54.89
C SER D 127 32.84 -30.14 -55.75
N PRO D 128 33.95 -30.77 -55.35
CA PRO D 128 34.24 -32.14 -55.59
C PRO D 128 33.05 -32.92 -56.10
N ASN D 129 32.03 -33.05 -55.25
CA ASN D 129 30.92 -33.95 -55.53
C ASN D 129 30.26 -33.73 -56.90
N ILE D 130 30.70 -32.70 -57.61
CA ILE D 130 29.93 -32.28 -58.75
C ILE D 130 30.60 -32.29 -60.10
N ASP D 131 29.88 -32.92 -61.04
CA ASP D 131 30.38 -33.31 -62.36
C ASP D 131 30.37 -32.20 -63.47
N ALA D 132 31.50 -31.48 -63.63
CA ALA D 132 31.53 -30.19 -64.39
C ALA D 132 31.12 -30.23 -65.88
N ALA D 133 31.20 -31.41 -66.48
CA ALA D 133 30.86 -31.56 -67.90
C ALA D 133 29.41 -32.01 -68.09
N SER D 134 28.74 -32.35 -66.98
CA SER D 134 27.30 -32.61 -67.07
C SER D 134 26.46 -31.33 -66.73
N LEU D 135 27.15 -30.21 -66.46
CA LEU D 135 26.48 -28.90 -66.26
C LEU D 135 26.00 -28.34 -67.59
N LYS D 136 24.73 -27.96 -67.67
CA LYS D 136 24.18 -27.41 -68.91
C LYS D 136 23.92 -25.90 -68.77
N LYS D 137 24.43 -25.10 -69.73
CA LYS D 137 24.19 -23.64 -69.78
C LYS D 137 22.76 -23.30 -69.45
N GLY D 138 22.59 -22.64 -68.30
CA GLY D 138 21.29 -22.13 -67.89
C GLY D 138 20.57 -23.22 -67.13
N GLN D 139 21.16 -23.60 -66.02
CA GLN D 139 20.63 -24.67 -65.26
C GLN D 139 20.71 -24.15 -63.86
N THR D 140 19.65 -24.43 -63.14
CA THR D 140 19.55 -23.91 -61.83
C THR D 140 20.49 -24.74 -61.01
N VAL D 141 21.38 -24.08 -60.29
CA VAL D 141 22.32 -24.76 -59.43
C VAL D 141 21.96 -24.43 -57.96
N ARG D 142 22.62 -25.07 -56.99
CA ARG D 142 22.46 -24.76 -55.54
C ARG D 142 23.76 -24.21 -54.93
N LEU D 143 23.73 -23.42 -53.86
CA LEU D 143 24.99 -22.90 -53.34
C LEU D 143 24.94 -22.68 -51.84
N ASN D 144 26.00 -23.06 -51.13
CA ASN D 144 26.00 -22.99 -49.66
C ASN D 144 26.31 -21.60 -49.19
N GLU D 145 26.52 -21.45 -47.88
CA GLU D 145 26.70 -20.12 -47.28
C GLU D 145 27.68 -19.24 -48.06
N ALA D 146 28.98 -19.56 -47.98
CA ALA D 146 29.97 -18.99 -48.89
C ALA D 146 29.66 -19.67 -50.18
N LEU D 147 29.67 -18.91 -51.25
CA LEU D 147 29.11 -19.45 -52.45
C LEU D 147 30.10 -20.45 -53.00
N THR D 148 29.64 -21.65 -53.32
CA THR D 148 30.49 -22.80 -53.66
C THR D 148 29.43 -23.77 -54.10
N VAL D 149 29.35 -24.08 -55.38
CA VAL D 149 28.15 -24.79 -55.87
C VAL D 149 28.02 -26.16 -55.20
N VAL D 150 26.83 -26.76 -55.13
CA VAL D 150 26.80 -28.08 -54.54
C VAL D 150 25.81 -29.06 -55.13
N GLU D 151 25.04 -28.67 -56.14
CA GLU D 151 24.17 -29.63 -56.85
C GLU D 151 23.94 -29.05 -58.25
N ALA D 152 23.27 -29.78 -59.14
CA ALA D 152 22.71 -29.14 -60.33
C ALA D 152 21.28 -29.46 -60.21
N GLY D 153 20.45 -28.89 -61.07
CA GLY D 153 19.00 -28.97 -60.82
C GLY D 153 18.19 -28.93 -62.08
N THR D 154 16.87 -28.86 -61.93
CA THR D 154 15.98 -28.75 -63.08
C THR D 154 16.29 -27.45 -63.80
N PHE D 155 15.26 -26.95 -64.47
CA PHE D 155 15.29 -25.60 -64.96
C PHE D 155 14.26 -24.73 -64.29
N GLU D 156 14.48 -23.43 -64.35
CA GLU D 156 13.46 -22.61 -63.74
C GLU D 156 12.13 -22.89 -64.45
N ALA D 157 11.05 -22.81 -63.69
CA ALA D 157 9.80 -23.34 -64.19
C ALA D 157 8.70 -22.31 -64.27
N VAL D 158 8.92 -21.16 -63.66
CA VAL D 158 7.87 -20.20 -63.51
C VAL D 158 8.46 -18.89 -63.84
N GLY D 159 7.64 -17.98 -64.36
CA GLY D 159 8.16 -16.63 -64.63
C GLY D 159 7.61 -15.93 -65.84
N GLU D 160 8.48 -15.13 -66.46
CA GLU D 160 8.05 -14.23 -67.51
C GLU D 160 7.86 -15.06 -68.85
N ILE D 161 6.67 -14.91 -69.45
CA ILE D 161 6.42 -15.32 -70.83
C ILE D 161 6.72 -14.16 -71.77
N SER D 162 7.41 -14.48 -72.87
CA SER D 162 7.49 -13.60 -74.05
C SER D 162 7.59 -14.44 -75.30
N THR D 163 7.14 -13.86 -76.40
CA THR D 163 7.07 -14.55 -77.69
C THR D 163 8.39 -14.26 -78.40
N LEU D 164 8.82 -15.05 -79.35
CA LEU D 164 10.15 -14.69 -79.82
C LEU D 164 10.22 -14.37 -81.28
N ARG D 165 10.92 -13.31 -81.61
CA ARG D 165 10.84 -12.85 -82.97
C ARG D 165 11.83 -13.49 -83.91
N GLU D 166 13.00 -13.92 -83.43
CA GLU D 166 13.95 -14.75 -84.23
C GLU D 166 15.15 -15.27 -83.45
N ILE D 167 15.78 -16.32 -83.96
CA ILE D 167 16.99 -16.86 -83.41
C ILE D 167 18.12 -16.14 -84.09
N LEU D 168 19.26 -16.02 -83.44
CA LEU D 168 20.31 -15.19 -83.99
C LEU D 168 21.34 -16.01 -84.73
N ALA D 169 22.16 -15.35 -85.53
CA ALA D 169 23.18 -16.04 -86.30
C ALA D 169 23.99 -16.95 -85.40
N ASP D 170 24.31 -16.46 -84.22
CA ASP D 170 24.96 -17.27 -83.19
C ASP D 170 24.39 -18.70 -83.17
N GLY D 171 23.06 -18.79 -83.11
CA GLY D 171 22.35 -20.06 -82.93
C GLY D 171 22.05 -20.41 -81.49
N HIS D 172 22.42 -19.49 -80.59
CA HIS D 172 22.25 -19.62 -79.14
C HIS D 172 21.38 -18.49 -78.50
N ARG D 173 21.25 -17.38 -79.19
CA ARG D 173 20.62 -16.24 -78.61
C ARG D 173 19.35 -15.89 -79.35
N ALA D 174 18.33 -15.55 -78.60
CA ALA D 174 17.11 -15.09 -79.23
C ALA D 174 16.78 -13.59 -79.05
N LEU D 175 16.00 -13.11 -80.01
CA LEU D 175 15.33 -11.87 -79.90
C LEU D 175 13.96 -12.29 -79.41
N VAL D 176 13.80 -12.26 -78.11
CA VAL D 176 12.53 -12.43 -77.52
C VAL D 176 11.85 -11.09 -77.48
N VAL D 177 10.53 -11.10 -77.51
CA VAL D 177 9.79 -9.85 -77.23
C VAL D 177 8.75 -9.98 -76.13
N GLY D 178 9.16 -9.45 -74.97
CA GLY D 178 8.29 -9.25 -73.80
C GLY D 178 6.97 -8.49 -74.00
N HIS D 179 6.39 -8.15 -72.86
CA HIS D 179 5.00 -7.70 -72.84
C HIS D 179 4.71 -6.36 -73.54
N ALA D 180 5.08 -5.22 -72.96
CA ALA D 180 4.85 -3.98 -73.69
C ALA D 180 5.89 -3.83 -74.80
N ASP D 181 5.70 -4.62 -75.86
CA ASP D 181 6.48 -4.50 -77.07
C ASP D 181 7.90 -4.14 -76.74
N GLU D 182 8.51 -4.94 -75.84
CA GLU D 182 9.85 -4.71 -75.30
C GLU D 182 10.80 -5.79 -75.81
N GLU D 183 11.97 -5.44 -76.30
CA GLU D 183 12.77 -6.48 -76.91
C GLU D 183 14.04 -6.65 -76.18
N ARG D 184 14.48 -7.88 -76.04
CA ARG D 184 15.60 -8.16 -75.17
C ARG D 184 16.22 -9.33 -75.77
N VAL D 185 17.42 -9.69 -75.32
CA VAL D 185 18.19 -10.74 -76.01
C VAL D 185 18.74 -11.73 -74.99
N VAL D 186 18.19 -12.94 -75.01
CA VAL D 186 18.52 -13.97 -74.03
C VAL D 186 19.37 -15.06 -74.62
N TRP D 187 20.22 -15.66 -73.79
CA TRP D 187 20.74 -17.00 -74.05
C TRP D 187 19.60 -18.05 -73.99
N LEU D 188 19.72 -19.12 -74.80
CA LEU D 188 18.77 -20.26 -74.86
C LEU D 188 19.29 -21.42 -74.08
N ALA D 189 18.45 -21.94 -73.20
CA ALA D 189 18.83 -23.11 -72.42
C ALA D 189 19.08 -24.28 -73.36
N ASP D 190 20.23 -24.95 -73.23
CA ASP D 190 20.63 -26.01 -74.19
C ASP D 190 19.46 -26.79 -74.79
N PRO D 191 18.51 -27.17 -73.93
CA PRO D 191 17.31 -27.88 -74.31
C PRO D 191 16.39 -27.26 -75.35
N LEU D 192 16.78 -26.21 -76.04
CA LEU D 192 15.79 -25.62 -76.94
C LEU D 192 16.40 -25.46 -78.31
N ILE D 193 17.70 -25.68 -78.34
CA ILE D 193 18.42 -25.90 -79.59
C ILE D 193 18.95 -27.34 -79.65
N ALA D 194 18.71 -28.09 -78.58
CA ALA D 194 19.15 -29.49 -78.45
C ALA D 194 19.30 -30.19 -79.81
N GLU D 195 20.34 -31.01 -79.90
CA GLU D 195 20.73 -31.69 -81.15
C GLU D 195 19.58 -32.44 -81.86
N ASP D 196 19.15 -33.56 -81.27
CA ASP D 196 18.03 -34.34 -81.82
C ASP D 196 16.67 -33.81 -81.34
N LEU D 197 16.34 -32.64 -81.88
CA LEU D 197 15.02 -32.07 -81.67
C LEU D 197 14.31 -32.24 -82.96
N PRO D 198 13.22 -33.09 -82.96
CA PRO D 198 12.45 -33.46 -84.14
C PRO D 198 11.89 -32.30 -84.95
N ASP D 199 12.71 -31.84 -85.90
CA ASP D 199 12.21 -31.27 -87.15
C ASP D 199 11.23 -30.11 -86.94
N GLY D 200 10.03 -30.45 -86.46
CA GLY D 200 8.95 -29.48 -86.34
C GLY D 200 7.65 -30.03 -86.92
N LEU D 201 7.69 -30.39 -88.23
CA LEU D 201 6.50 -30.79 -89.03
C LEU D 201 5.49 -29.63 -89.19
N PRO D 202 4.54 -29.72 -90.16
CA PRO D 202 3.55 -28.62 -90.28
C PRO D 202 2.64 -28.45 -89.05
N GLU D 203 1.56 -27.69 -89.20
CA GLU D 203 0.59 -27.58 -88.12
C GLU D 203 -0.85 -27.82 -88.60
N ALA D 204 -1.10 -29.05 -89.07
CA ALA D 204 -2.41 -29.48 -89.63
C ALA D 204 -3.04 -30.79 -89.07
N LEU D 205 -2.32 -31.49 -88.16
CA LEU D 205 -2.90 -32.57 -87.31
C LEU D 205 -3.23 -32.03 -85.89
N ASN D 206 -3.61 -30.73 -85.87
CA ASN D 206 -3.79 -29.86 -84.68
C ASN D 206 -2.68 -29.78 -83.60
N ASP D 207 -3.09 -29.45 -82.36
CA ASP D 207 -2.15 -29.22 -81.26
C ASP D 207 -1.56 -30.50 -80.66
N ASP D 208 -0.28 -30.66 -80.93
CA ASP D 208 0.50 -31.74 -80.37
C ASP D 208 1.21 -31.24 -79.08
N THR D 209 1.87 -30.07 -79.14
CA THR D 209 2.70 -29.54 -78.04
C THR D 209 3.93 -30.38 -77.69
N ARG D 210 3.97 -31.67 -78.06
CA ARG D 210 5.11 -32.54 -77.80
C ARG D 210 6.41 -31.87 -78.39
N PRO D 211 7.59 -32.05 -77.74
CA PRO D 211 8.84 -31.28 -77.98
C PRO D 211 9.38 -31.15 -79.42
N ARG D 212 9.40 -29.91 -79.94
CA ARG D 212 9.91 -29.60 -81.30
C ARG D 212 11.17 -28.69 -81.31
N LYS D 213 11.62 -28.33 -82.51
CA LYS D 213 12.66 -27.31 -82.66
C LYS D 213 11.95 -25.96 -82.77
N LEU D 214 12.66 -24.91 -82.37
CA LEU D 214 12.05 -23.64 -82.02
C LEU D 214 11.53 -22.75 -83.15
N ARG D 215 10.31 -22.25 -83.02
CA ARG D 215 9.73 -21.42 -84.09
C ARG D 215 9.60 -19.93 -83.81
N PRO D 216 9.73 -19.08 -84.86
CA PRO D 216 9.30 -17.67 -84.74
C PRO D 216 7.80 -17.64 -84.60
N GLY D 217 7.35 -17.77 -83.38
CA GLY D 217 5.94 -17.84 -83.11
C GLY D 217 5.77 -18.10 -81.63
N ASP D 218 6.32 -19.23 -81.18
CA ASP D 218 6.09 -19.75 -79.83
C ASP D 218 6.34 -18.73 -78.72
N SER D 219 5.78 -19.09 -77.58
CA SER D 219 5.97 -18.34 -76.36
C SER D 219 6.99 -19.01 -75.46
N LEU D 220 7.93 -18.21 -74.96
CA LEU D 220 8.97 -18.70 -74.04
C LEU D 220 8.99 -18.17 -72.59
N LEU D 221 9.42 -19.10 -71.76
CA LEU D 221 9.61 -18.84 -70.39
C LEU D 221 11.04 -18.33 -70.22
N VAL D 222 11.17 -17.12 -69.73
CA VAL D 222 12.51 -16.51 -69.62
C VAL D 222 12.87 -15.88 -68.24
N ASP D 223 14.17 -15.64 -68.07
CA ASP D 223 14.57 -14.83 -66.95
C ASP D 223 15.38 -13.62 -67.37
N THR D 224 14.67 -12.55 -67.69
CA THR D 224 15.31 -11.31 -68.13
C THR D 224 16.44 -10.87 -67.21
N LYS D 225 16.32 -11.19 -65.93
CA LYS D 225 17.30 -10.76 -64.94
C LYS D 225 18.63 -11.47 -65.14
N ALA D 226 18.54 -12.72 -65.59
CA ALA D 226 19.68 -13.61 -65.85
C ALA D 226 20.17 -13.50 -67.28
N GLY D 227 19.42 -14.13 -68.15
CA GLY D 227 19.44 -13.80 -69.52
C GLY D 227 18.93 -15.00 -70.22
N TYR D 228 18.15 -15.81 -69.53
CA TYR D 228 17.83 -17.11 -70.14
C TYR D 228 16.41 -17.27 -70.64
N ALA D 229 16.33 -18.09 -71.69
CA ALA D 229 15.14 -18.86 -72.07
C ALA D 229 15.24 -20.23 -71.32
N PHE D 230 14.21 -21.05 -71.41
CA PHE D 230 14.17 -22.19 -70.52
C PHE D 230 13.24 -23.28 -71.06
N GLU D 231 12.22 -22.89 -71.81
CA GLU D 231 11.23 -23.88 -72.22
C GLU D 231 10.17 -23.30 -73.12
N ARG D 232 9.55 -24.17 -73.90
CA ARG D 232 8.55 -23.80 -74.86
C ARG D 232 7.24 -23.76 -74.12
N ILE D 233 6.26 -23.06 -74.65
CA ILE D 233 4.93 -23.17 -74.09
C ILE D 233 3.86 -23.14 -75.15
N PRO D 234 2.92 -24.08 -75.06
CA PRO D 234 1.68 -24.08 -75.84
C PRO D 234 0.61 -23.02 -75.47
N LEU D 235 0.69 -21.77 -75.94
CA LEU D 235 -0.43 -20.80 -75.81
C LEU D 235 -1.42 -21.10 -76.97
N VAL D 236 -2.72 -20.81 -76.81
CA VAL D 236 -3.69 -20.89 -77.94
C VAL D 236 -4.61 -19.65 -78.14
N PRO D 237 -4.13 -18.55 -78.78
CA PRO D 237 -4.79 -17.15 -78.80
C PRO D 237 -5.84 -16.80 -79.93
N SER E 52 96.92 36.59 -25.02
CA SER E 52 95.73 36.10 -24.27
C SER E 52 94.47 36.74 -24.77
N ALA E 53 94.59 37.61 -25.79
CA ALA E 53 93.49 38.42 -26.25
C ALA E 53 92.84 37.93 -27.52
N ARG E 54 93.59 37.20 -28.34
CA ARG E 54 93.00 36.53 -29.48
C ARG E 54 92.07 35.44 -28.96
N ASP E 55 92.50 34.77 -27.90
CA ASP E 55 91.64 33.77 -27.29
C ASP E 55 90.24 34.33 -27.14
N ILE E 56 90.10 35.56 -26.68
CA ILE E 56 88.76 36.07 -26.45
C ILE E 56 88.04 36.56 -27.68
N HIS E 57 88.73 36.72 -28.80
CA HIS E 57 87.99 37.01 -30.02
C HIS E 57 87.42 35.70 -30.51
N GLN E 58 88.29 34.73 -30.69
CA GLN E 58 87.88 33.41 -31.10
C GLN E 58 86.58 33.05 -30.42
N LEU E 59 86.59 33.01 -29.09
CA LEU E 59 85.37 32.65 -28.40
C LEU E 59 84.21 33.55 -28.80
N GLU E 60 84.30 34.83 -28.52
CA GLU E 60 83.22 35.76 -28.84
C GLU E 60 82.80 35.63 -30.29
N ALA E 61 83.55 34.88 -31.08
CA ALA E 61 83.23 34.75 -32.49
C ALA E 61 82.64 33.42 -32.83
N ARG E 62 82.90 32.41 -32.00
CA ARG E 62 82.19 31.16 -32.15
C ARG E 62 80.80 31.40 -31.62
N ILE E 63 80.72 31.97 -30.42
CA ILE E 63 79.44 32.30 -29.81
C ILE E 63 78.54 33.10 -30.76
N ASP E 64 78.88 34.35 -31.02
CA ASP E 64 78.10 35.21 -31.90
C ASP E 64 77.69 34.47 -33.21
N SER E 65 78.34 33.35 -33.52
CA SER E 65 78.02 32.60 -34.74
C SER E 65 77.03 31.47 -34.49
N LEU E 66 77.14 30.83 -33.35
CA LEU E 66 76.20 29.77 -33.05
C LEU E 66 74.85 30.42 -32.75
N ALA E 67 74.83 31.33 -31.79
CA ALA E 67 73.58 31.93 -31.36
C ALA E 67 72.75 32.55 -32.46
N ALA E 68 73.28 32.59 -33.66
CA ALA E 68 72.49 33.08 -34.76
C ALA E 68 72.34 32.02 -35.82
N ARG E 69 72.89 30.85 -35.55
CA ARG E 69 72.45 29.64 -36.24
C ARG E 69 71.32 29.11 -35.37
N ASN E 70 71.51 29.20 -34.06
CA ASN E 70 70.52 28.79 -33.08
C ASN E 70 69.22 29.55 -33.27
N SER E 71 69.28 30.73 -33.83
CA SER E 71 68.07 31.48 -33.96
C SER E 71 67.50 31.39 -35.33
N LYS E 72 68.22 30.83 -36.29
CA LYS E 72 67.62 30.57 -37.61
C LYS E 72 66.92 29.25 -37.56
N LEU E 73 67.39 28.36 -36.69
CA LEU E 73 66.71 27.09 -36.50
C LEU E 73 65.47 27.33 -35.66
N MET E 74 65.64 27.93 -34.48
CA MET E 74 64.50 28.37 -33.67
C MET E 74 63.30 28.68 -34.53
N GLU E 75 63.53 29.50 -35.56
CA GLU E 75 62.49 30.09 -36.39
C GLU E 75 61.97 29.11 -37.44
N THR E 76 62.85 28.36 -38.11
CA THR E 76 62.34 27.34 -39.05
C THR E 76 61.66 26.14 -38.35
N LEU E 77 62.07 25.81 -37.12
CA LEU E 77 61.41 24.73 -36.37
C LEU E 77 60.05 25.19 -35.92
N LYS E 78 59.90 26.50 -35.74
CA LYS E 78 58.62 27.03 -35.39
C LYS E 78 57.71 26.83 -36.58
N GLU E 79 58.18 27.24 -37.75
CA GLU E 79 57.40 27.11 -38.96
C GLU E 79 57.26 25.68 -39.46
N ALA E 80 57.92 24.74 -38.80
CA ALA E 80 57.66 23.33 -39.06
C ALA E 80 56.54 22.85 -38.17
N ARG E 81 56.61 23.09 -36.87
CA ARG E 81 55.52 22.72 -35.97
C ARG E 81 54.17 23.32 -36.40
N GLN E 82 54.18 24.57 -36.89
CA GLN E 82 52.95 25.27 -37.35
C GLN E 82 52.30 24.71 -38.63
N GLN E 83 53.04 23.90 -39.40
CA GLN E 83 52.48 23.24 -40.58
C GLN E 83 52.12 21.80 -40.28
N LEU E 84 52.83 21.20 -39.32
CA LEU E 84 52.61 19.83 -38.92
C LEU E 84 51.44 19.78 -37.98
N LEU E 85 51.13 20.89 -37.32
CA LEU E 85 49.95 20.86 -36.46
C LEU E 85 48.65 21.25 -37.19
N ALA E 86 48.73 22.20 -38.13
CA ALA E 86 47.58 22.53 -39.01
C ALA E 86 47.15 21.37 -39.95
N LEU E 87 48.13 20.59 -40.38
CA LEU E 87 47.82 19.41 -41.15
C LEU E 87 47.26 18.38 -40.21
N ARG E 88 47.92 18.08 -39.09
CA ARG E 88 47.40 16.98 -38.27
C ARG E 88 45.93 17.15 -37.83
N GLU E 89 45.47 18.40 -37.60
CA GLU E 89 44.02 18.60 -37.31
C GLU E 89 43.07 18.28 -38.51
N GLU E 90 43.40 18.77 -39.73
CA GLU E 90 42.66 18.32 -40.94
C GLU E 90 42.53 16.84 -40.96
N VAL E 91 43.62 16.09 -40.86
CA VAL E 91 43.55 14.63 -40.86
C VAL E 91 42.78 14.06 -39.67
N ASP E 92 42.94 14.68 -38.49
CA ASP E 92 42.22 14.23 -37.27
C ASP E 92 40.67 14.34 -37.42
N ARG E 93 40.25 15.31 -38.25
CA ARG E 93 38.85 15.47 -38.66
C ARG E 93 38.31 14.37 -39.61
N LEU E 94 39.17 13.79 -40.44
CA LEU E 94 38.70 12.82 -41.41
C LEU E 94 38.31 11.51 -40.75
N GLY E 95 38.78 11.33 -39.52
CA GLY E 95 38.43 10.18 -38.67
C GLY E 95 36.97 10.11 -38.23
N GLN E 96 36.44 11.26 -37.76
CA GLN E 96 35.05 11.35 -37.28
C GLN E 96 34.05 11.10 -38.43
N PRO E 97 33.15 10.11 -38.23
CA PRO E 97 32.21 9.65 -39.25
C PRO E 97 31.32 10.78 -39.77
N PRO E 98 30.82 10.61 -41.01
CA PRO E 98 30.05 11.52 -41.85
C PRO E 98 28.63 11.76 -41.36
N SER E 99 27.78 12.36 -42.17
CA SER E 99 26.47 12.67 -41.68
C SER E 99 25.37 12.24 -42.62
N GLY E 100 24.35 11.57 -42.06
CA GLY E 100 23.05 11.32 -42.71
C GLY E 100 22.08 12.52 -42.74
N TYR E 101 21.17 12.52 -43.71
CA TYR E 101 20.14 13.54 -43.87
C TYR E 101 18.77 12.84 -44.09
N GLY E 102 17.69 13.52 -43.70
CA GLY E 102 16.35 12.96 -43.82
C GLY E 102 15.26 14.00 -43.58
N VAL E 103 14.00 13.69 -43.97
CA VAL E 103 12.91 14.65 -43.98
C VAL E 103 12.28 14.47 -42.66
N LEU E 104 11.64 15.56 -42.19
CA LEU E 104 11.03 15.70 -40.84
C LEU E 104 9.54 15.45 -40.85
N LEU E 105 9.12 14.44 -40.15
CA LEU E 105 7.82 14.02 -40.41
C LEU E 105 6.79 14.48 -39.39
N ALA E 106 7.14 14.55 -38.10
CA ALA E 106 6.21 15.16 -37.15
C ALA E 106 6.84 15.37 -35.78
N THR E 107 6.51 16.47 -35.10
CA THR E 107 7.00 16.70 -33.74
C THR E 107 6.27 15.84 -32.75
N HIS E 108 6.96 15.47 -31.68
CA HIS E 108 6.35 14.76 -30.58
C HIS E 108 6.46 15.51 -29.23
N ASP E 109 5.40 15.50 -28.41
CA ASP E 109 5.44 16.15 -27.10
C ASP E 109 6.41 15.46 -26.15
N ASP E 110 7.05 14.42 -26.68
CA ASP E 110 8.26 13.85 -26.14
C ASP E 110 9.38 14.81 -26.47
N ASP E 111 10.60 14.30 -26.48
CA ASP E 111 11.73 15.02 -27.03
C ASP E 111 11.90 14.65 -28.51
N THR E 112 11.16 13.64 -28.95
CA THR E 112 11.50 12.83 -30.11
C THR E 112 10.96 13.35 -31.44
N VAL E 113 11.57 12.93 -32.54
CA VAL E 113 10.98 13.13 -33.87
C VAL E 113 10.86 11.91 -34.75
N ASP E 114 9.82 11.98 -35.59
CA ASP E 114 9.54 11.07 -36.66
C ASP E 114 10.18 11.61 -37.95
N VAL E 115 11.40 11.19 -38.27
CA VAL E 115 12.03 11.66 -39.50
C VAL E 115 11.93 10.57 -40.49
N PHE E 116 12.50 10.81 -41.67
CA PHE E 116 12.49 9.82 -42.72
C PHE E 116 13.86 9.81 -43.31
N THR E 117 14.63 8.80 -42.97
CA THR E 117 16.03 8.89 -43.30
C THR E 117 16.50 8.02 -44.51
N SER E 118 17.18 6.94 -44.24
CA SER E 118 17.82 6.23 -45.29
C SER E 118 16.78 5.32 -45.80
N GLY E 119 15.72 5.89 -46.32
CA GLY E 119 14.65 5.09 -46.87
C GLY E 119 13.45 4.85 -45.98
N ARG E 120 13.67 4.67 -44.70
CA ARG E 120 12.53 4.36 -43.84
C ARG E 120 12.06 5.48 -42.87
N LYS E 121 11.06 5.14 -42.05
CA LYS E 121 10.41 6.12 -41.22
C LYS E 121 10.87 5.85 -39.86
N MET E 122 11.88 6.55 -39.39
CA MET E 122 12.26 6.32 -37.99
C MET E 122 12.05 7.45 -36.99
N ARG E 123 11.86 7.05 -35.72
CA ARG E 123 11.70 7.95 -34.59
C ARG E 123 12.94 7.95 -33.76
N LEU E 124 13.53 9.12 -33.64
CA LEU E 124 14.81 9.26 -32.98
C LEU E 124 14.95 10.63 -32.33
N THR E 125 15.87 10.73 -31.37
CA THR E 125 16.01 11.87 -30.45
C THR E 125 16.83 13.03 -30.97
N CYS E 126 16.61 14.19 -30.39
CA CYS E 126 17.38 15.37 -30.73
C CYS E 126 18.45 15.67 -29.71
N SER E 127 19.49 16.33 -30.18
CA SER E 127 20.60 16.71 -29.32
C SER E 127 20.22 17.95 -28.56
N PRO E 128 20.57 17.98 -27.25
CA PRO E 128 20.42 19.13 -26.40
C PRO E 128 20.33 20.45 -27.17
N ASN E 129 21.20 20.64 -28.16
CA ASN E 129 21.40 21.97 -28.72
C ASN E 129 20.42 22.49 -29.80
N ILE E 130 19.49 21.66 -30.30
CA ILE E 130 18.54 22.22 -31.27
C ILE E 130 17.12 22.43 -30.80
N ASP E 131 16.44 23.31 -31.53
CA ASP E 131 15.27 24.01 -31.00
C ASP E 131 14.06 23.10 -30.71
N ALA E 132 14.17 22.39 -29.57
CA ALA E 132 13.19 21.44 -29.03
C ALA E 132 11.92 21.10 -29.86
N ALA E 133 11.19 22.12 -30.32
CA ALA E 133 9.93 21.91 -31.04
C ALA E 133 9.69 22.91 -32.17
N SER E 134 10.52 23.97 -32.24
CA SER E 134 10.33 25.08 -33.20
C SER E 134 10.90 24.89 -34.64
N LEU E 135 11.24 23.65 -35.01
CA LEU E 135 11.46 23.23 -36.42
C LEU E 135 10.11 22.84 -37.05
N LYS E 136 9.99 23.03 -38.35
CA LYS E 136 8.69 22.98 -39.04
C LYS E 136 8.45 21.65 -39.79
N LYS E 137 7.22 21.15 -39.76
CA LYS E 137 6.87 19.85 -40.36
C LYS E 137 7.33 19.75 -41.81
N GLY E 138 8.33 18.89 -42.00
CA GLY E 138 8.72 18.50 -43.32
C GLY E 138 9.88 19.30 -43.77
N GLN E 139 10.85 19.59 -42.92
CA GLN E 139 12.03 20.24 -43.45
C GLN E 139 13.15 19.25 -43.41
N THR E 140 14.19 19.44 -44.20
CA THR E 140 15.35 18.56 -44.22
C THR E 140 16.18 18.70 -42.98
N VAL E 141 16.57 17.61 -42.32
CA VAL E 141 17.44 17.76 -41.14
C VAL E 141 18.70 16.93 -41.30
N ARG E 142 19.70 17.15 -40.46
CA ARG E 142 20.98 16.42 -40.56
C ARG E 142 21.02 15.39 -39.47
N LEU E 143 21.82 14.34 -39.61
CA LEU E 143 21.80 13.26 -38.63
C LEU E 143 23.17 12.62 -38.49
N ASN E 144 23.59 12.30 -37.27
CA ASN E 144 24.96 11.79 -37.11
C ASN E 144 25.00 10.28 -37.22
N GLU E 145 26.11 9.67 -36.78
CA GLU E 145 26.33 8.22 -37.00
C GLU E 145 25.36 7.38 -36.21
N ALA E 146 25.06 7.79 -34.99
CA ALA E 146 24.16 6.99 -34.18
C ALA E 146 22.73 7.43 -34.39
N LEU E 147 22.53 8.27 -35.40
CA LEU E 147 21.21 8.78 -35.78
C LEU E 147 20.57 9.56 -34.62
N THR E 148 20.71 10.88 -34.68
CA THR E 148 20.38 11.77 -33.58
C THR E 148 20.46 13.11 -34.24
N VAL E 149 19.33 13.76 -34.46
CA VAL E 149 19.29 14.97 -35.27
C VAL E 149 20.20 16.01 -34.69
N VAL E 150 20.63 16.98 -35.50
CA VAL E 150 21.58 17.97 -35.04
C VAL E 150 21.48 19.31 -35.70
N GLU E 151 20.70 19.44 -36.76
CA GLU E 151 20.51 20.76 -37.39
C GLU E 151 19.09 20.95 -37.91
N ALA E 152 18.80 22.08 -38.52
CA ALA E 152 17.58 22.17 -39.30
C ALA E 152 18.13 22.49 -40.63
N GLY E 153 17.27 22.74 -41.61
CA GLY E 153 17.80 23.03 -42.94
C GLY E 153 16.79 23.68 -43.84
N THR E 154 16.96 23.47 -45.14
CA THR E 154 16.16 24.15 -46.13
C THR E 154 14.97 23.30 -46.41
N PHE E 155 14.40 23.49 -47.57
CA PHE E 155 13.35 22.62 -48.02
C PHE E 155 13.70 21.84 -49.29
N GLU E 156 13.81 20.52 -49.17
CA GLU E 156 14.10 19.68 -50.34
C GLU E 156 13.41 20.28 -51.56
N ALA E 157 14.22 20.71 -52.51
CA ALA E 157 13.76 21.68 -53.47
C ALA E 157 13.86 21.19 -54.91
N VAL E 158 13.76 19.89 -55.12
CA VAL E 158 13.92 19.28 -56.43
C VAL E 158 13.18 17.98 -56.29
N GLY E 159 12.45 17.57 -57.32
CA GLY E 159 11.79 16.28 -57.19
C GLY E 159 10.65 16.17 -58.15
N GLU E 160 9.61 15.45 -57.73
CA GLU E 160 8.45 15.24 -58.55
C GLU E 160 7.55 16.48 -58.58
N ILE E 161 6.77 16.65 -59.63
CA ILE E 161 5.75 17.70 -59.69
C ILE E 161 4.38 17.04 -59.88
N SER E 162 3.43 17.39 -59.03
CA SER E 162 2.11 16.83 -59.14
C SER E 162 1.14 17.96 -59.25
N THR E 163 -0.08 17.72 -59.69
CA THR E 163 -1.10 18.71 -59.44
C THR E 163 -1.95 18.30 -58.27
N LEU E 164 -2.60 19.34 -57.73
CA LEU E 164 -3.23 19.35 -56.42
C LEU E 164 -4.70 19.20 -56.56
N ARG E 165 -5.19 18.08 -56.12
CA ARG E 165 -6.50 17.76 -56.44
C ARG E 165 -7.42 18.49 -55.46
N GLU E 166 -7.12 18.40 -54.16
CA GLU E 166 -7.87 19.19 -53.17
C GLU E 166 -7.24 18.97 -51.81
N ILE E 167 -7.16 20.05 -51.03
CA ILE E 167 -6.56 19.99 -49.71
C ILE E 167 -7.55 19.23 -48.90
N LEU E 168 -7.08 18.67 -47.81
CA LEU E 168 -7.83 17.59 -47.26
C LEU E 168 -8.64 17.94 -46.02
N ALA E 169 -9.70 17.13 -45.80
CA ALA E 169 -10.47 17.11 -44.54
C ALA E 169 -9.93 18.12 -43.48
N ASP E 170 -8.80 17.77 -42.88
CA ASP E 170 -8.25 18.42 -41.69
C ASP E 170 -7.17 19.47 -41.93
N GLY E 171 -7.05 19.93 -43.18
CA GLY E 171 -6.15 21.06 -43.53
C GLY E 171 -4.65 20.80 -43.45
N HIS E 172 -4.31 19.51 -43.42
CA HIS E 172 -2.94 19.03 -43.19
C HIS E 172 -2.30 18.10 -44.28
N ARG E 173 -3.14 17.23 -44.82
CA ARG E 173 -2.80 16.33 -45.89
C ARG E 173 -3.38 16.90 -47.20
N ALA E 174 -2.73 16.66 -48.33
CA ALA E 174 -3.38 16.90 -49.60
C ALA E 174 -3.59 15.59 -50.35
N LEU E 175 -4.50 15.61 -51.30
CA LEU E 175 -4.62 14.50 -52.19
C LEU E 175 -4.16 15.01 -53.54
N VAL E 176 -3.00 14.51 -54.05
CA VAL E 176 -2.38 14.99 -55.32
C VAL E 176 -2.33 13.96 -56.36
N VAL E 177 -2.30 14.37 -57.62
CA VAL E 177 -2.21 13.39 -58.69
C VAL E 177 -0.87 13.56 -59.29
N GLY E 178 -0.14 12.44 -59.33
CA GLY E 178 1.22 12.35 -59.87
C GLY E 178 1.35 12.39 -61.40
N HIS E 179 2.27 11.58 -61.93
CA HIS E 179 2.81 11.93 -63.24
C HIS E 179 2.14 11.23 -64.39
N ALA E 180 1.76 9.98 -64.16
CA ALA E 180 0.68 9.35 -64.90
C ALA E 180 -0.33 9.36 -63.81
N ASP E 181 -1.59 9.49 -64.20
CA ASP E 181 -2.66 9.68 -63.22
C ASP E 181 -2.43 8.60 -62.17
N GLU E 182 -2.15 9.00 -60.92
CA GLU E 182 -2.25 8.07 -59.80
C GLU E 182 -2.25 8.96 -58.65
N GLU E 183 -3.09 8.67 -57.68
CA GLU E 183 -3.36 9.67 -56.68
C GLU E 183 -2.85 9.24 -55.32
N ARG E 184 -2.03 10.10 -54.72
CA ARG E 184 -1.43 9.81 -53.41
C ARG E 184 -1.76 10.95 -52.49
N VAL E 185 -1.65 10.67 -51.21
CA VAL E 185 -2.08 11.62 -50.23
C VAL E 185 -0.92 11.99 -49.34
N VAL E 186 -0.59 13.27 -49.30
CA VAL E 186 0.72 13.66 -48.88
C VAL E 186 0.52 14.56 -47.75
N TRP E 187 1.44 14.63 -46.79
CA TRP E 187 1.44 15.72 -45.82
C TRP E 187 1.92 17.01 -46.51
N LEU E 188 1.39 18.20 -46.15
CA LEU E 188 1.93 19.54 -46.60
C LEU E 188 2.87 20.10 -45.59
N ALA E 189 3.90 20.76 -46.03
CA ALA E 189 4.90 21.14 -45.06
C ALA E 189 4.70 22.57 -44.73
N ASP E 190 5.10 22.97 -43.53
CA ASP E 190 4.56 24.22 -42.98
C ASP E 190 4.35 25.37 -43.99
N PRO E 191 5.41 25.83 -44.67
CA PRO E 191 5.26 27.01 -45.48
C PRO E 191 4.35 26.80 -46.66
N LEU E 192 3.49 25.81 -46.60
CA LEU E 192 2.53 25.76 -47.65
C LEU E 192 1.20 26.12 -47.07
N ILE E 193 1.06 25.92 -45.75
CA ILE E 193 -0.12 26.38 -44.98
C ILE E 193 0.15 27.26 -43.75
N ALA E 194 1.27 27.98 -43.76
CA ALA E 194 1.56 28.93 -42.68
C ALA E 194 0.39 29.92 -42.52
N GLU E 195 0.35 30.61 -41.37
CA GLU E 195 -0.79 31.45 -41.03
C GLU E 195 -1.01 32.71 -41.90
N ASP E 196 0.07 33.40 -42.29
CA ASP E 196 -0.04 34.69 -43.01
C ASP E 196 0.24 34.62 -44.57
N LEU E 197 -0.67 33.91 -45.20
CA LEU E 197 -0.59 33.84 -46.68
C LEU E 197 -1.84 34.47 -47.40
N PRO E 198 -1.58 35.49 -48.24
CA PRO E 198 -2.58 36.30 -48.90
C PRO E 198 -3.64 35.32 -49.58
N ASP E 199 -4.94 35.55 -49.42
CA ASP E 199 -6.00 34.79 -50.15
C ASP E 199 -5.75 34.66 -51.65
N GLY E 200 -4.88 35.54 -52.20
CA GLY E 200 -4.43 35.44 -53.63
C GLY E 200 -5.01 36.49 -54.65
N LEU E 201 -6.28 36.83 -54.45
CA LEU E 201 -7.17 37.52 -55.43
C LEU E 201 -7.62 36.51 -56.56
N PRO E 202 -8.43 36.94 -57.58
CA PRO E 202 -8.91 35.88 -58.53
C PRO E 202 -7.93 35.47 -59.66
N GLU E 203 -7.47 36.46 -60.45
CA GLU E 203 -6.38 36.31 -61.46
C GLU E 203 -6.45 37.41 -62.55
N ALA E 204 -7.28 38.43 -62.32
CA ALA E 204 -7.56 39.49 -63.31
C ALA E 204 -6.44 40.53 -63.60
N LEU E 205 -5.26 40.35 -62.98
CA LEU E 205 -3.95 40.96 -63.41
C LEU E 205 -2.97 39.77 -63.40
N ASN E 206 -2.02 39.71 -64.36
CA ASN E 206 -1.19 38.51 -64.45
C ASN E 206 0.21 38.51 -63.81
N ASP E 207 0.42 37.46 -63.02
CA ASP E 207 1.64 37.14 -62.28
C ASP E 207 1.24 36.53 -60.93
N ASP E 208 1.86 35.39 -60.61
CA ASP E 208 1.54 34.59 -59.41
C ASP E 208 2.74 34.30 -58.53
N THR E 209 3.93 34.63 -59.01
CA THR E 209 5.20 34.17 -58.41
C THR E 209 5.30 34.32 -56.89
N ARG E 210 4.41 35.15 -56.32
CA ARG E 210 4.54 35.54 -54.89
C ARG E 210 3.64 34.73 -53.91
N PRO E 211 4.19 34.33 -52.72
CA PRO E 211 3.56 33.47 -51.73
C PRO E 211 2.01 33.54 -51.67
N ARG E 212 1.31 32.39 -51.54
CA ARG E 212 -0.20 32.34 -51.45
C ARG E 212 -0.80 31.07 -50.78
N LYS E 213 -2.12 31.04 -50.60
CA LYS E 213 -2.81 29.92 -49.99
C LYS E 213 -3.03 29.01 -51.14
N LEU E 214 -3.02 27.73 -50.87
CA LEU E 214 -3.02 26.78 -51.95
C LEU E 214 -4.37 26.62 -52.57
N ARG E 215 -4.43 26.92 -53.85
CA ARG E 215 -5.66 26.79 -54.58
C ARG E 215 -5.57 25.47 -55.28
N PRO E 216 -6.66 24.71 -55.38
CA PRO E 216 -6.55 23.44 -56.06
C PRO E 216 -6.22 23.75 -57.49
N GLY E 217 -5.51 22.83 -58.14
CA GLY E 217 -4.97 23.08 -59.46
C GLY E 217 -3.48 23.32 -59.45
N ASP E 218 -2.98 23.96 -58.41
CA ASP E 218 -1.58 24.28 -58.38
C ASP E 218 -0.67 23.08 -58.50
N SER E 219 0.41 23.30 -59.22
CA SER E 219 1.44 22.34 -59.40
C SER E 219 2.31 22.56 -58.22
N LEU E 220 2.41 21.58 -57.36
CA LEU E 220 3.34 21.67 -56.26
C LEU E 220 4.25 20.47 -56.21
N LEU E 221 5.39 20.57 -55.52
CA LEU E 221 6.48 19.62 -55.64
C LEU E 221 6.50 18.67 -54.45
N VAL E 222 6.82 17.42 -54.65
CA VAL E 222 6.46 16.43 -53.69
C VAL E 222 7.37 15.20 -53.69
N ASP E 223 7.52 14.53 -52.55
CA ASP E 223 8.49 13.41 -52.40
C ASP E 223 7.82 12.13 -52.02
N THR E 224 7.00 11.62 -52.93
CA THR E 224 6.04 10.53 -52.68
C THR E 224 6.52 9.40 -51.81
N LYS E 225 7.83 9.21 -51.72
CA LYS E 225 8.31 8.16 -50.85
C LYS E 225 8.44 8.62 -49.43
N ALA E 226 8.33 9.89 -49.18
CA ALA E 226 8.46 10.31 -47.82
C ALA E 226 7.10 10.77 -47.29
N GLY E 227 6.49 11.69 -48.01
CA GLY E 227 5.11 11.94 -47.84
C GLY E 227 4.78 13.39 -47.96
N TYR E 228 5.76 14.22 -48.28
CA TYR E 228 5.48 15.64 -48.21
C TYR E 228 5.34 16.33 -49.53
N ALA E 229 4.70 17.49 -49.48
CA ALA E 229 4.86 18.49 -50.51
C ALA E 229 5.71 19.64 -49.89
N PHE E 230 6.34 20.48 -50.67
CA PHE E 230 7.39 21.26 -50.08
C PHE E 230 7.43 22.66 -50.60
N GLU E 231 6.65 22.98 -51.61
CA GLU E 231 6.71 24.32 -52.18
C GLU E 231 5.90 24.34 -53.44
N ARG E 232 5.55 25.50 -53.93
CA ARG E 232 4.55 25.64 -54.95
C ARG E 232 5.27 26.03 -56.21
N ILE E 233 4.62 25.89 -57.35
CA ILE E 233 5.29 26.24 -58.55
C ILE E 233 4.51 27.18 -59.44
N PRO E 234 5.12 28.33 -59.71
CA PRO E 234 4.76 29.28 -60.74
C PRO E 234 4.44 28.60 -62.05
N LEU E 235 3.20 28.20 -62.22
CA LEU E 235 2.77 27.67 -63.50
C LEU E 235 2.53 28.78 -64.54
N VAL E 236 2.85 28.50 -65.82
CA VAL E 236 2.45 29.29 -67.03
C VAL E 236 2.01 28.27 -68.20
N PRO E 237 0.74 28.37 -68.73
CA PRO E 237 0.51 27.97 -70.16
C PRO E 237 0.43 29.17 -71.17
N SER F 52 91.87 38.03 -15.83
CA SER F 52 91.02 37.07 -15.07
C SER F 52 90.88 35.74 -15.80
N ALA F 53 90.60 34.69 -15.04
CA ALA F 53 90.45 33.34 -15.56
C ALA F 53 89.06 32.71 -15.31
N ARG F 54 88.11 33.50 -14.84
CA ARG F 54 86.72 33.03 -14.65
C ARG F 54 85.83 33.24 -15.89
N ASP F 55 86.10 34.31 -16.63
CA ASP F 55 85.38 34.65 -17.87
C ASP F 55 85.58 33.58 -18.93
N ILE F 56 86.83 33.15 -19.11
CA ILE F 56 87.18 32.09 -20.06
C ILE F 56 86.37 30.81 -19.78
N HIS F 57 86.35 30.37 -18.52
CA HIS F 57 85.55 29.21 -18.10
C HIS F 57 84.04 29.46 -18.22
N GLN F 58 83.63 30.73 -18.21
CA GLN F 58 82.22 31.10 -18.32
C GLN F 58 81.74 31.06 -19.78
N LEU F 59 82.65 31.28 -20.71
CA LEU F 59 82.30 31.20 -22.11
C LEU F 59 82.37 29.78 -22.61
N GLU F 60 83.49 29.10 -22.33
CA GLU F 60 83.66 27.69 -22.66
C GLU F 60 82.51 26.84 -22.15
N ALA F 61 81.70 27.43 -21.27
CA ALA F 61 80.53 26.75 -20.71
C ALA F 61 79.26 27.15 -21.44
N ARG F 62 79.22 28.39 -21.94
CA ARG F 62 78.08 28.81 -22.74
C ARG F 62 78.14 28.15 -24.12
N ILE F 63 79.34 28.03 -24.66
CA ILE F 63 79.52 27.37 -25.96
C ILE F 63 79.05 25.92 -25.95
N ASP F 64 79.22 25.23 -24.83
CA ASP F 64 78.72 23.87 -24.72
C ASP F 64 77.22 23.87 -24.48
N SER F 65 76.75 24.80 -23.66
CA SER F 65 75.33 24.97 -23.42
C SER F 65 74.61 25.42 -24.68
N LEU F 66 75.35 25.80 -25.70
CA LEU F 66 74.75 26.16 -26.96
C LEU F 66 75.01 25.13 -28.04
N ALA F 67 76.11 24.40 -27.93
CA ALA F 67 76.36 23.30 -28.86
C ALA F 67 75.37 22.19 -28.60
N ALA F 68 74.95 22.07 -27.34
CA ALA F 68 74.00 21.05 -26.92
C ALA F 68 72.61 21.38 -27.43
N ARG F 69 72.19 22.63 -27.28
CA ARG F 69 70.92 23.04 -27.86
C ARG F 69 70.98 22.97 -29.38
N ASN F 70 72.16 22.98 -29.97
CA ASN F 70 72.23 22.84 -31.42
C ASN F 70 72.21 21.42 -31.94
N SER F 71 72.70 20.48 -31.14
CA SER F 71 72.63 19.09 -31.55
C SER F 71 71.18 18.62 -31.49
N LYS F 72 70.49 18.99 -30.40
CA LYS F 72 69.11 18.53 -30.15
C LYS F 72 68.03 19.24 -30.98
N LEU F 73 68.33 20.42 -31.47
CA LEU F 73 67.38 21.08 -32.33
C LEU F 73 67.51 20.49 -33.72
N MET F 74 68.73 20.41 -34.24
CA MET F 74 68.90 19.84 -35.56
C MET F 74 68.19 18.52 -35.67
N GLU F 75 68.12 17.76 -34.57
CA GLU F 75 67.38 16.48 -34.60
C GLU F 75 65.86 16.65 -34.57
N THR F 76 65.31 17.51 -33.72
CA THR F 76 63.86 17.63 -33.67
C THR F 76 63.32 18.05 -35.02
N LEU F 77 64.05 18.87 -35.78
CA LEU F 77 63.61 19.17 -37.14
C LEU F 77 63.51 17.92 -38.00
N LYS F 78 64.58 17.12 -38.04
CA LYS F 78 64.55 15.89 -38.83
C LYS F 78 63.34 15.09 -38.41
N GLU F 79 63.01 15.15 -37.12
CA GLU F 79 61.84 14.43 -36.62
C GLU F 79 60.55 15.03 -37.14
N ALA F 80 60.46 16.35 -37.19
CA ALA F 80 59.29 16.94 -37.79
C ALA F 80 59.28 16.78 -39.31
N ARG F 81 60.40 16.94 -40.00
CA ARG F 81 60.37 16.79 -41.46
C ARG F 81 60.16 15.34 -41.93
N GLN F 82 60.58 14.36 -41.11
CA GLN F 82 60.21 12.95 -41.34
C GLN F 82 58.72 12.78 -41.05
N GLN F 83 58.24 13.35 -39.95
CA GLN F 83 56.81 13.25 -39.63
C GLN F 83 55.89 13.81 -40.70
N LEU F 84 56.12 15.03 -41.16
CA LEU F 84 55.31 15.50 -42.27
C LEU F 84 55.44 14.63 -43.52
N LEU F 85 56.62 14.18 -43.94
CA LEU F 85 56.67 13.34 -45.14
C LEU F 85 55.87 12.03 -44.98
N ALA F 86 55.56 11.68 -43.73
CA ALA F 86 54.72 10.51 -43.45
C ALA F 86 53.23 10.84 -43.48
N LEU F 87 52.86 11.96 -42.85
CA LEU F 87 51.48 12.39 -42.87
C LEU F 87 51.07 12.68 -44.27
N ARG F 88 51.86 13.46 -45.01
CA ARG F 88 51.47 13.71 -46.39
C ARG F 88 51.63 12.51 -47.33
N GLU F 89 52.45 11.51 -46.99
CA GLU F 89 52.40 10.24 -47.74
C GLU F 89 51.05 9.54 -47.42
N GLU F 90 50.49 9.81 -46.23
CA GLU F 90 49.21 9.20 -45.78
C GLU F 90 48.05 9.74 -46.55
N VAL F 91 48.15 10.99 -46.89
CA VAL F 91 47.07 11.60 -47.56
C VAL F 91 46.90 11.10 -49.02
N ASP F 92 47.98 10.65 -49.65
CA ASP F 92 47.86 10.01 -50.97
C ASP F 92 47.40 8.55 -50.83
N ARG F 93 47.65 7.92 -49.67
CA ARG F 93 47.15 6.56 -49.33
C ARG F 93 45.60 6.57 -49.20
N LEU F 94 45.06 7.75 -48.94
CA LEU F 94 43.63 7.98 -48.88
C LEU F 94 43.01 7.99 -50.26
N GLY F 95 43.71 8.54 -51.22
CA GLY F 95 43.18 8.61 -52.57
C GLY F 95 43.41 7.33 -53.32
N GLN F 96 43.69 6.27 -52.59
CA GLN F 96 43.98 5.01 -53.22
C GLN F 96 42.70 4.27 -53.62
N PRO F 97 42.71 3.56 -54.76
CA PRO F 97 41.71 2.58 -55.17
C PRO F 97 41.57 1.47 -54.13
N PRO F 98 40.38 0.84 -53.97
CA PRO F 98 39.11 0.95 -54.67
C PRO F 98 38.32 2.13 -54.20
N SER F 99 37.67 2.83 -55.11
CA SER F 99 36.93 4.02 -54.71
C SER F 99 35.73 4.26 -55.51
N GLY F 100 34.73 4.80 -54.83
CA GLY F 100 33.43 4.99 -55.42
C GLY F 100 33.10 6.43 -55.66
N TYR F 101 32.02 6.65 -56.38
CA TYR F 101 31.74 7.92 -56.99
C TYR F 101 30.32 8.50 -56.65
N GLY F 102 30.32 9.69 -56.10
CA GLY F 102 29.09 10.41 -55.86
C GLY F 102 29.03 11.78 -56.52
N VAL F 103 27.80 12.31 -56.67
CA VAL F 103 27.56 13.65 -57.22
C VAL F 103 27.62 14.60 -56.06
N LEU F 104 28.16 15.81 -56.32
CA LEU F 104 28.30 16.86 -55.31
C LEU F 104 27.13 17.85 -55.26
N LEU F 105 26.32 17.74 -54.21
CA LEU F 105 25.14 18.58 -54.07
C LEU F 105 25.37 20.03 -53.66
N ALA F 106 25.92 20.29 -52.47
CA ALA F 106 26.50 21.62 -52.24
C ALA F 106 27.67 21.68 -51.24
N THR F 107 28.48 22.74 -51.39
CA THR F 107 29.72 23.02 -50.62
C THR F 107 29.40 23.76 -49.36
N HIS F 108 30.13 23.39 -48.32
CA HIS F 108 30.07 24.14 -47.07
C HIS F 108 31.31 24.99 -46.84
N ASP F 109 31.19 25.87 -45.86
CA ASP F 109 32.31 26.66 -45.35
C ASP F 109 33.36 25.78 -44.62
N ASP F 110 32.93 24.92 -43.68
CA ASP F 110 33.90 24.17 -42.84
C ASP F 110 34.60 22.91 -43.46
N ASP F 111 34.65 22.88 -44.79
CA ASP F 111 35.37 21.81 -45.52
C ASP F 111 34.61 20.52 -45.60
N THR F 112 33.29 20.67 -45.70
CA THR F 112 32.39 19.56 -45.90
C THR F 112 31.60 19.69 -47.20
N VAL F 113 31.07 18.57 -47.61
CA VAL F 113 30.28 18.56 -48.79
C VAL F 113 28.99 17.73 -48.60
N ASP F 114 27.90 18.29 -49.13
CA ASP F 114 26.71 17.54 -49.47
C ASP F 114 26.98 16.74 -50.79
N VAL F 115 27.31 15.45 -50.66
CA VAL F 115 27.44 14.62 -51.84
C VAL F 115 26.31 13.69 -51.85
N PHE F 116 25.98 13.21 -53.02
CA PHE F 116 24.90 12.28 -53.12
C PHE F 116 25.53 11.11 -53.75
N THR F 117 25.60 10.02 -52.98
CA THR F 117 26.26 8.77 -53.37
C THR F 117 25.44 7.58 -52.84
N SER F 118 25.44 6.43 -53.49
CA SER F 118 24.79 5.27 -52.89
C SER F 118 23.40 5.68 -52.42
N GLY F 119 22.78 6.60 -53.15
CA GLY F 119 21.35 6.84 -53.01
C GLY F 119 20.85 7.70 -51.88
N ARG F 120 21.72 8.17 -51.01
CA ARG F 120 21.30 9.22 -50.04
C ARG F 120 22.08 10.59 -50.07
N LYS F 121 21.63 11.56 -49.31
CA LYS F 121 22.28 12.83 -49.28
C LYS F 121 23.25 12.70 -48.15
N MET F 122 24.55 12.77 -48.39
CA MET F 122 25.44 12.71 -47.24
C MET F 122 26.33 13.91 -47.08
N ARG F 123 26.71 14.18 -45.83
CA ARG F 123 27.51 15.35 -45.52
C ARG F 123 28.92 15.01 -45.08
N LEU F 124 29.80 15.19 -46.02
CA LEU F 124 31.06 14.54 -46.02
C LEU F 124 32.30 15.43 -45.86
N THR F 125 33.29 14.89 -45.15
CA THR F 125 34.58 15.55 -44.88
C THR F 125 35.51 15.15 -45.98
N CYS F 126 36.25 16.11 -46.53
CA CYS F 126 37.14 15.79 -47.65
C CYS F 126 38.63 15.92 -47.34
N SER F 127 39.45 15.48 -48.28
CA SER F 127 40.88 15.46 -48.06
C SER F 127 41.49 16.84 -48.24
N PRO F 128 42.39 17.18 -47.30
CA PRO F 128 43.47 18.07 -47.54
C PRO F 128 43.69 18.36 -49.02
N ASN F 129 44.14 17.34 -49.77
CA ASN F 129 44.59 17.53 -51.14
C ASN F 129 43.59 18.27 -52.03
N ILE F 130 42.38 18.45 -51.52
CA ILE F 130 41.33 18.91 -52.39
C ILE F 130 40.83 20.31 -52.12
N ASP F 131 40.79 21.07 -53.22
CA ASP F 131 40.58 22.52 -53.22
C ASP F 131 39.10 22.96 -53.16
N ALA F 132 38.60 23.22 -51.95
CA ALA F 132 37.13 23.35 -51.65
C ALA F 132 36.42 24.53 -52.36
N ALA F 133 37.21 25.54 -52.73
CA ALA F 133 36.72 26.68 -53.49
C ALA F 133 36.36 26.24 -54.91
N SER F 134 37.30 25.55 -55.55
CA SER F 134 37.14 25.19 -56.95
C SER F 134 36.18 23.98 -57.21
N LEU F 135 35.50 23.50 -56.16
CA LEU F 135 34.43 22.50 -56.34
C LEU F 135 33.18 23.10 -56.96
N LYS F 136 32.72 22.54 -58.07
CA LYS F 136 31.57 23.09 -58.80
C LYS F 136 30.29 22.29 -58.55
N LYS F 137 29.20 22.98 -58.22
CA LYS F 137 27.88 22.34 -57.97
C LYS F 137 27.51 21.32 -59.02
N GLY F 138 27.47 20.09 -58.56
CA GLY F 138 26.94 19.02 -59.38
C GLY F 138 28.01 18.43 -60.23
N GLN F 139 29.17 18.25 -59.62
CA GLN F 139 30.26 17.67 -60.31
C GLN F 139 30.52 16.36 -59.62
N THR F 140 31.01 15.45 -60.41
CA THR F 140 31.16 14.11 -59.95
C THR F 140 32.44 14.07 -59.16
N VAL F 141 32.36 13.61 -57.93
CA VAL F 141 33.54 13.55 -57.09
C VAL F 141 33.93 12.05 -56.91
N ARG F 142 35.07 11.76 -56.26
CA ARG F 142 35.49 10.36 -55.92
C ARG F 142 35.55 10.12 -54.38
N LEU F 143 35.44 8.89 -53.89
CA LEU F 143 35.43 8.71 -52.43
C LEU F 143 35.92 7.34 -51.98
N ASN F 144 36.76 7.30 -50.94
CA ASN F 144 37.39 6.03 -50.53
C ASN F 144 36.48 5.14 -49.71
N GLU F 145 37.03 4.23 -48.91
CA GLU F 145 36.19 3.33 -48.13
C GLU F 145 35.21 4.06 -47.23
N ALA F 146 35.75 4.65 -46.15
CA ALA F 146 34.99 5.60 -45.33
C ALA F 146 34.89 6.77 -46.24
N LEU F 147 33.70 7.29 -46.36
CA LEU F 147 33.51 8.24 -47.41
C LEU F 147 34.21 9.50 -46.92
N THR F 148 35.04 10.08 -47.79
CA THR F 148 36.03 11.09 -47.42
C THR F 148 36.50 11.44 -48.80
N VAL F 149 36.09 12.58 -49.33
CA VAL F 149 36.25 12.85 -50.76
C VAL F 149 37.73 12.85 -51.15
N VAL F 150 38.10 12.58 -52.41
CA VAL F 150 39.50 12.62 -52.76
C VAL F 150 39.85 13.05 -54.15
N GLU F 151 38.90 13.52 -54.93
CA GLU F 151 39.24 14.12 -56.25
C GLU F 151 38.03 14.96 -56.68
N ALA F 152 38.14 15.71 -57.77
CA ALA F 152 36.94 16.23 -58.40
C ALA F 152 37.06 15.66 -59.75
N GLY F 153 36.06 15.86 -60.58
CA GLY F 153 36.05 15.11 -61.83
C GLY F 153 35.17 15.75 -62.86
N THR F 154 35.09 15.12 -64.03
CA THR F 154 34.25 15.62 -65.12
C THR F 154 32.81 15.78 -64.62
N PHE F 155 31.89 15.75 -65.57
CA PHE F 155 30.49 15.62 -65.24
C PHE F 155 29.94 14.32 -65.76
N GLU F 156 28.91 13.83 -65.10
CA GLU F 156 28.39 12.57 -65.58
C GLU F 156 27.94 12.79 -67.01
N ALA F 157 28.25 11.83 -67.89
CA ALA F 157 28.11 12.05 -69.30
C ALA F 157 27.11 11.14 -69.98
N VAL F 158 26.51 10.24 -69.25
CA VAL F 158 25.60 9.29 -69.85
C VAL F 158 24.37 9.26 -69.01
N GLY F 159 23.23 8.93 -69.60
CA GLY F 159 22.01 8.79 -68.79
C GLY F 159 20.73 9.29 -69.42
N GLU F 160 19.85 9.76 -68.54
CA GLU F 160 18.48 10.12 -68.93
C GLU F 160 18.51 11.49 -69.71
N ILE F 161 17.86 11.47 -70.87
CA ILE F 161 17.53 12.68 -71.61
C ILE F 161 16.10 13.07 -71.31
N SER F 162 15.92 14.37 -71.04
CA SER F 162 14.60 15.01 -71.00
C SER F 162 14.72 16.44 -71.45
N THR F 163 13.63 16.91 -72.05
CA THR F 163 13.56 18.23 -72.67
C THR F 163 13.17 19.21 -71.57
N LEU F 164 13.55 20.47 -71.64
CA LEU F 164 13.18 21.26 -70.48
C LEU F 164 12.09 22.25 -70.81
N ARG F 165 11.23 22.56 -69.86
CA ARG F 165 10.07 23.36 -70.19
C ARG F 165 10.14 24.80 -69.76
N GLU F 166 10.92 25.11 -68.72
CA GLU F 166 11.30 26.52 -68.36
C GLU F 166 12.33 26.57 -67.24
N ILE F 167 13.01 27.69 -67.11
CA ILE F 167 13.98 27.83 -66.04
C ILE F 167 13.24 28.56 -64.96
N LEU F 168 13.63 28.37 -63.71
CA LEU F 168 12.81 28.87 -62.62
C LEU F 168 13.26 30.22 -62.11
N ALA F 169 12.39 30.86 -61.35
CA ALA F 169 12.73 32.16 -60.80
C ALA F 169 14.10 32.14 -60.16
N ASP F 170 14.39 31.06 -59.43
CA ASP F 170 15.70 30.89 -58.80
C ASP F 170 16.85 31.24 -59.75
N GLY F 171 16.79 30.67 -60.96
CA GLY F 171 17.83 30.81 -61.97
C GLY F 171 18.82 29.67 -61.95
N HIS F 172 18.53 28.70 -61.08
CA HIS F 172 19.35 27.52 -60.86
C HIS F 172 18.62 26.17 -61.13
N ARG F 173 17.30 26.20 -61.21
CA ARG F 173 16.53 24.99 -61.24
C ARG F 173 15.63 24.99 -62.45
N ALA F 174 15.50 23.82 -63.06
CA ALA F 174 14.63 23.71 -64.23
C ALA F 174 13.36 22.89 -64.03
N LEU F 175 12.35 23.22 -64.83
CA LEU F 175 11.29 22.30 -65.07
C LEU F 175 11.72 21.50 -66.31
N VAL F 176 12.09 20.27 -66.05
CA VAL F 176 12.44 19.38 -67.07
C VAL F 176 11.27 18.47 -67.27
N VAL F 177 11.02 18.05 -68.50
CA VAL F 177 10.02 17.01 -68.70
C VAL F 177 10.53 15.79 -69.41
N GLY F 178 10.78 14.80 -68.57
CA GLY F 178 11.05 13.43 -69.00
C GLY F 178 10.09 12.74 -69.97
N HIS F 179 10.20 11.42 -69.92
CA HIS F 179 9.85 10.65 -71.09
C HIS F 179 8.35 10.32 -71.22
N ALA F 180 7.71 9.92 -70.14
CA ALA F 180 6.28 9.72 -70.25
C ALA F 180 5.66 10.95 -69.63
N ASP F 181 5.81 12.07 -70.32
CA ASP F 181 5.24 13.33 -69.85
C ASP F 181 5.32 13.39 -68.34
N GLU F 182 6.53 13.21 -67.81
CA GLU F 182 6.81 13.22 -66.36
C GLU F 182 7.61 14.46 -65.99
N GLU F 183 7.27 15.16 -64.92
CA GLU F 183 7.93 16.44 -64.75
C GLU F 183 8.64 16.56 -63.46
N ARG F 184 9.85 17.06 -63.47
CA ARG F 184 10.64 17.03 -62.25
C ARG F 184 11.40 18.29 -62.21
N VAL F 185 12.07 18.52 -61.11
CA VAL F 185 12.75 19.80 -60.92
C VAL F 185 14.15 19.45 -60.48
N VAL F 186 15.10 19.76 -61.36
CA VAL F 186 16.51 19.49 -61.12
C VAL F 186 17.25 20.75 -60.86
N TRP F 187 18.32 20.65 -60.07
CA TRP F 187 19.40 21.62 -60.09
C TRP F 187 20.14 21.58 -61.46
N LEU F 188 20.62 22.76 -61.92
CA LEU F 188 21.40 22.95 -63.17
C LEU F 188 22.84 22.99 -62.85
N ALA F 189 23.59 22.17 -63.55
CA ALA F 189 25.01 22.09 -63.25
C ALA F 189 25.68 23.39 -63.64
N ASP F 190 26.47 23.97 -62.74
CA ASP F 190 27.00 25.34 -62.91
C ASP F 190 27.26 25.77 -64.38
N PRO F 191 27.81 24.86 -65.17
CA PRO F 191 28.04 25.01 -66.59
C PRO F 191 26.86 25.28 -67.52
N LEU F 192 25.68 25.59 -67.04
CA LEU F 192 24.61 25.72 -68.03
C LEU F 192 23.85 27.01 -67.81
N ILE F 193 24.13 27.61 -66.65
CA ILE F 193 23.80 28.99 -66.37
C ILE F 193 25.06 29.84 -66.39
N ALA F 194 26.21 29.15 -66.42
CA ALA F 194 27.55 29.76 -66.35
C ALA F 194 27.63 31.20 -66.87
N GLU F 195 28.42 32.01 -66.16
CA GLU F 195 28.54 33.45 -66.39
C GLU F 195 28.55 33.87 -67.87
N ASP F 196 29.71 33.75 -68.53
CA ASP F 196 29.84 34.20 -69.92
C ASP F 196 29.47 33.13 -70.95
N LEU F 197 28.15 32.97 -71.07
CA LEU F 197 27.60 32.10 -72.09
C LEU F 197 26.95 33.01 -73.13
N PRO F 198 27.39 32.88 -74.41
CA PRO F 198 26.87 33.61 -75.57
C PRO F 198 25.34 33.75 -75.58
N ASP F 199 24.86 34.89 -76.09
CA ASP F 199 23.43 35.20 -76.21
C ASP F 199 22.66 33.96 -76.65
N GLY F 200 23.21 33.28 -77.65
CA GLY F 200 22.54 32.17 -78.30
C GLY F 200 22.37 32.41 -79.79
N LEU F 201 22.08 33.67 -80.16
CA LEU F 201 21.79 34.07 -81.55
C LEU F 201 20.54 33.33 -82.12
N PRO F 202 20.02 33.75 -83.30
CA PRO F 202 18.83 33.03 -83.82
C PRO F 202 19.07 31.57 -84.23
N GLU F 203 18.14 31.01 -85.01
CA GLU F 203 18.31 29.68 -85.59
C GLU F 203 18.09 29.68 -87.09
N ALA F 204 18.85 30.52 -87.81
CA ALA F 204 18.76 30.69 -89.29
C ALA F 204 20.09 30.63 -90.11
N LEU F 205 21.21 30.28 -89.45
CA LEU F 205 22.47 29.82 -90.10
C LEU F 205 22.69 28.32 -89.85
N ASN F 206 21.56 27.60 -89.66
CA ASN F 206 21.44 26.15 -89.31
C ASN F 206 22.21 25.63 -88.07
N ASP F 207 22.41 24.30 -88.04
CA ASP F 207 22.97 23.59 -86.89
C ASP F 207 24.42 23.99 -86.57
N ASP F 208 24.59 24.57 -85.39
CA ASP F 208 25.90 24.96 -84.90
C ASP F 208 26.30 24.13 -83.66
N THR F 209 25.36 23.94 -82.71
CA THR F 209 25.57 23.16 -81.47
C THR F 209 26.71 23.63 -80.55
N ARG F 210 27.49 24.63 -80.95
CA ARG F 210 28.56 25.18 -80.10
C ARG F 210 27.88 25.85 -78.89
N PRO F 211 28.55 25.83 -77.70
CA PRO F 211 27.94 26.18 -76.41
C PRO F 211 27.13 27.49 -76.31
N ARG F 212 25.83 27.41 -75.95
CA ARG F 212 24.92 28.57 -75.76
C ARG F 212 24.37 28.70 -74.32
N LYS F 213 23.49 29.69 -74.11
CA LYS F 213 22.72 29.82 -72.88
C LYS F 213 21.38 29.15 -73.15
N LEU F 214 20.74 28.70 -72.08
CA LEU F 214 19.76 27.64 -72.18
C LEU F 214 18.37 27.99 -72.73
N ARG F 215 17.89 27.22 -73.70
CA ARG F 215 16.57 27.51 -74.29
C ARG F 215 15.45 26.58 -73.90
N PRO F 216 14.24 27.12 -73.70
CA PRO F 216 13.02 26.32 -73.57
C PRO F 216 12.79 25.57 -74.86
N GLY F 217 13.42 24.42 -74.97
CA GLY F 217 13.40 23.66 -76.20
C GLY F 217 14.40 22.55 -76.09
N ASP F 218 15.64 22.92 -75.77
CA ASP F 218 16.76 21.98 -75.66
C ASP F 218 16.44 20.69 -74.93
N SER F 219 17.25 19.67 -75.24
CA SER F 219 17.27 18.45 -74.48
C SER F 219 18.48 18.39 -73.56
N LEU F 220 18.22 18.02 -72.31
CA LEU F 220 19.26 17.88 -71.28
C LEU F 220 19.51 16.46 -70.76
N LEU F 221 20.77 16.25 -70.41
CA LEU F 221 21.20 15.05 -69.79
C LEU F 221 21.06 15.22 -68.28
N VAL F 222 20.31 14.34 -67.62
CA VAL F 222 20.01 14.57 -66.19
C VAL F 222 20.21 13.35 -65.27
N ASP F 223 20.31 13.61 -63.97
CA ASP F 223 20.23 12.50 -63.05
C ASP F 223 19.08 12.62 -62.06
N THR F 224 17.90 12.16 -62.48
CA THR F 224 16.70 12.31 -61.64
C THR F 224 16.99 11.81 -60.25
N LYS F 225 17.80 10.77 -60.16
CA LYS F 225 18.12 10.16 -58.89
C LYS F 225 18.75 11.13 -57.93
N ALA F 226 19.58 12.04 -58.47
CA ALA F 226 20.41 13.00 -57.73
C ALA F 226 19.74 14.37 -57.57
N GLY F 227 19.80 15.11 -58.66
CA GLY F 227 18.85 16.12 -58.90
C GLY F 227 19.42 16.98 -59.96
N TYR F 228 20.22 16.41 -60.84
CA TYR F 228 20.99 17.32 -61.72
C TYR F 228 20.71 17.26 -63.21
N ALA F 229 20.79 18.45 -63.82
CA ALA F 229 21.14 18.66 -65.23
C ALA F 229 22.68 18.61 -65.38
N PHE F 230 23.19 18.60 -66.58
CA PHE F 230 24.61 18.35 -66.72
C PHE F 230 25.13 18.89 -68.03
N GLU F 231 24.33 18.80 -69.10
CA GLU F 231 24.82 19.24 -70.38
C GLU F 231 23.73 19.39 -71.40
N ARG F 232 24.05 20.09 -72.47
CA ARG F 232 23.11 20.40 -73.51
C ARG F 232 23.21 19.26 -74.49
N ILE F 233 22.32 19.22 -75.46
CA ILE F 233 22.43 18.25 -76.51
C ILE F 233 21.81 18.73 -77.83
N PRO F 234 22.51 18.52 -78.95
CA PRO F 234 21.87 18.50 -80.28
C PRO F 234 20.80 17.39 -80.49
N LEU F 235 19.54 17.72 -80.75
CA LEU F 235 18.57 16.71 -81.23
C LEU F 235 18.07 17.28 -82.56
N VAL F 236 17.66 16.43 -83.51
CA VAL F 236 17.04 16.90 -84.77
C VAL F 236 15.69 16.19 -85.14
N PRO F 237 14.53 16.57 -84.49
CA PRO F 237 13.23 15.71 -84.43
C PRO F 237 12.10 15.81 -85.55
N SER G 52 -88.09 8.81 109.67
CA SER G 52 -86.83 9.58 109.43
C SER G 52 -85.62 8.67 109.51
N ALA G 53 -85.85 7.37 109.68
CA ALA G 53 -84.78 6.42 109.93
C ALA G 53 -84.44 5.56 108.73
N ARG G 54 -85.33 5.49 107.76
CA ARG G 54 -85.01 4.86 106.50
C ARG G 54 -84.12 5.80 105.72
N ASP G 55 -84.40 7.08 105.80
CA ASP G 55 -83.54 8.04 105.15
C ASP G 55 -82.10 7.72 105.47
N ILE G 56 -81.79 7.44 106.73
CA ILE G 56 -80.40 7.21 107.07
C ILE G 56 -79.86 5.85 106.69
N HIS G 57 -80.72 4.91 106.33
CA HIS G 57 -80.19 3.67 105.78
C HIS G 57 -79.84 3.95 104.35
N GLN G 58 -80.80 4.47 103.62
CA GLN G 58 -80.57 4.83 102.25
C GLN G 58 -79.20 5.46 102.10
N LEU G 59 -78.96 6.56 102.80
CA LEU G 59 -77.67 7.20 102.68
C LEU G 59 -76.52 6.26 102.98
N GLU G 60 -76.41 5.80 104.21
CA GLU G 60 -75.32 4.91 104.61
C GLU G 60 -75.18 3.74 103.66
N ALA G 61 -76.12 3.56 102.75
CA ALA G 61 -76.05 2.42 101.84
C ALA G 61 -75.73 2.84 100.44
N ARG G 62 -75.86 4.13 100.15
CA ARG G 62 -75.31 4.66 98.92
C ARG G 62 -73.83 4.84 99.20
N ILE G 63 -73.51 5.53 100.29
CA ILE G 63 -72.12 5.72 100.69
C ILE G 63 -71.32 4.42 100.70
N ASP G 64 -71.63 3.53 101.63
CA ASP G 64 -70.93 2.25 101.76
C ASP G 64 -70.78 1.54 100.39
N SER G 65 -71.54 1.97 99.37
CA SER G 65 -71.45 1.35 98.05
C SER G 65 -70.53 2.10 97.09
N LEU G 66 -70.55 3.42 97.16
CA LEU G 66 -69.65 4.17 96.32
C LEU G 66 -68.23 3.93 96.81
N ALA G 67 -67.97 4.22 98.06
CA ALA G 67 -66.63 4.09 98.61
C ALA G 67 -65.95 2.77 98.34
N ALA G 68 -66.68 1.81 97.81
CA ALA G 68 -66.04 0.55 97.47
C ALA G 68 -66.17 0.29 96.00
N ARG G 69 -66.76 1.23 95.28
CA ARG G 69 -66.54 1.31 93.83
C ARG G 69 -65.33 2.23 93.70
N ASN G 70 -65.27 3.25 94.55
CA ASN G 70 -64.16 4.19 94.56
C ASN G 70 -62.86 3.52 94.91
N SER G 71 -62.92 2.40 95.59
CA SER G 71 -61.68 1.78 95.96
C SER G 71 -61.33 0.65 95.04
N LYS G 72 -62.26 0.24 94.17
CA LYS G 72 -61.91 -0.74 93.14
C LYS G 72 -61.29 -0.02 91.97
N LEU G 73 -61.70 1.22 91.76
CA LEU G 73 -61.10 2.02 90.70
C LEU G 73 -59.73 2.46 91.16
N MET G 74 -59.65 3.08 92.33
CA MET G 74 -58.35 3.38 92.92
C MET G 74 -57.31 2.35 92.54
N GLU G 75 -57.65 1.08 92.72
CA GLU G 75 -56.75 -0.06 92.58
C GLU G 75 -56.49 -0.42 91.13
N THR G 76 -57.50 -0.40 90.26
CA THR G 76 -57.24 -0.63 88.83
C THR G 76 -56.54 0.57 88.15
N LEU G 77 -56.80 1.80 88.58
CA LEU G 77 -56.12 2.96 88.01
C LEU G 77 -54.68 2.98 88.39
N LYS G 78 -54.37 2.39 89.55
CA LYS G 78 -52.99 2.29 89.97
C LYS G 78 -52.31 1.34 89.02
N GLU G 79 -52.95 0.21 88.76
CA GLU G 79 -52.38 -0.80 87.90
C GLU G 79 -52.45 -0.47 86.41
N ALA G 80 -53.07 0.65 86.06
CA ALA G 80 -52.94 1.18 84.71
C ALA G 80 -51.76 2.09 84.62
N ARG G 81 -51.61 3.01 85.58
CA ARG G 81 -50.43 3.88 85.62
C ARG G 81 -49.09 3.10 85.68
N GLN G 82 -49.07 1.98 86.40
CA GLN G 82 -47.86 1.12 86.53
C GLN G 82 -47.47 0.37 85.25
N GLN G 83 -48.40 0.26 84.30
CA GLN G 83 -48.13 -0.38 83.01
C GLN G 83 -47.88 0.64 81.93
N LEU G 84 -48.45 1.84 82.10
CA LEU G 84 -48.29 2.93 81.16
C LEU G 84 -47.03 3.66 81.47
N LEU G 85 -46.44 3.44 82.65
CA LEU G 85 -45.12 4.04 82.87
C LEU G 85 -43.95 3.10 82.56
N ALA G 86 -44.08 1.81 82.87
CA ALA G 86 -43.08 0.79 82.47
C ALA G 86 -42.96 0.58 80.94
N LEU G 87 -44.05 0.82 80.23
CA LEU G 87 -43.98 0.86 78.80
C LEU G 87 -43.34 2.16 78.44
N ARG G 88 -43.89 3.29 78.86
CA ARG G 88 -43.32 4.55 78.35
C ARG G 88 -41.78 4.69 78.52
N GLU G 89 -41.18 4.10 79.57
CA GLU G 89 -39.69 4.12 79.66
C GLU G 89 -39.00 3.26 78.57
N GLU G 90 -39.45 2.01 78.36
CA GLU G 90 -38.93 1.21 77.24
C GLU G 90 -38.93 2.00 75.98
N VAL G 91 -40.06 2.61 75.62
CA VAL G 91 -40.12 3.42 74.38
C VAL G 91 -39.24 4.68 74.41
N ASP G 92 -39.12 5.31 75.59
CA ASP G 92 -38.25 6.50 75.73
C ASP G 92 -36.76 6.17 75.47
N ARG G 93 -36.39 4.91 75.77
CA ARG G 93 -35.06 4.33 75.44
C ARG G 93 -34.79 4.18 73.92
N LEU G 94 -35.81 3.89 73.14
CA LEU G 94 -35.61 3.65 71.73
C LEU G 94 -35.18 4.90 70.99
N GLY G 95 -35.50 6.05 71.59
CA GLY G 95 -35.10 7.38 71.08
C GLY G 95 -33.58 7.64 71.06
N GLN G 96 -32.91 7.32 72.18
CA GLN G 96 -31.45 7.48 72.30
C GLN G 96 -30.71 6.58 71.30
N PRO G 97 -29.82 7.18 70.50
CA PRO G 97 -29.13 6.51 69.41
C PRO G 97 -28.22 5.40 69.89
N PRO G 98 -27.98 4.40 69.01
CA PRO G 98 -27.25 3.14 69.16
C PRO G 98 -25.75 3.30 69.34
N SER G 99 -25.01 2.21 69.46
CA SER G 99 -23.61 2.36 69.72
C SER G 99 -22.75 1.68 68.68
N GLY G 100 -21.69 2.40 68.23
CA GLY G 100 -20.58 1.84 67.43
C GLY G 100 -19.47 1.14 68.24
N TYR G 101 -18.76 0.21 67.60
CA TYR G 101 -17.63 -0.50 68.20
C TYR G 101 -16.35 -0.39 67.30
N GLY G 102 -15.19 -0.71 67.84
CA GLY G 102 -13.95 -0.55 67.08
C GLY G 102 -12.73 -0.94 67.90
N VAL G 103 -11.59 -1.20 67.25
CA VAL G 103 -10.44 -1.78 67.91
C VAL G 103 -9.64 -0.65 68.39
N LEU G 104 -8.83 -0.94 69.42
CA LEU G 104 -8.02 0.05 70.15
C LEU G 104 -6.58 0.06 69.65
N LEU G 105 -6.21 1.13 69.00
CA LEU G 105 -4.98 1.08 68.36
C LEU G 105 -3.81 1.58 69.19
N ALA G 106 -3.94 2.67 69.95
CA ALA G 106 -2.83 3.06 70.84
C ALA G 106 -3.20 4.05 71.95
N THR G 107 -2.63 3.88 73.14
CA THR G 107 -2.81 4.87 74.23
C THR G 107 -2.05 6.12 73.90
N HIS G 108 -2.66 7.24 74.20
CA HIS G 108 -1.98 8.52 74.13
C HIS G 108 -1.79 9.17 75.53
N ASP G 109 -0.58 9.71 75.78
CA ASP G 109 -0.27 10.39 77.04
C ASP G 109 -1.05 11.68 77.15
N ASP G 110 -1.76 11.98 76.07
CA ASP G 110 -2.83 12.95 76.06
C ASP G 110 -3.99 12.32 76.83
N ASP G 111 -5.21 12.71 76.50
CA ASP G 111 -6.40 12.06 77.05
C ASP G 111 -6.93 11.04 76.03
N THR G 112 -6.36 11.06 74.83
CA THR G 112 -7.02 10.59 73.62
C THR G 112 -6.68 9.16 73.24
N VAL G 113 -7.50 8.55 72.39
CA VAL G 113 -7.12 7.28 71.78
C VAL G 113 -7.27 7.19 70.28
N ASP G 114 -6.35 6.44 69.69
CA ASP G 114 -6.32 6.04 68.31
C ASP G 114 -7.07 4.70 68.21
N VAL G 115 -8.34 4.72 67.84
CA VAL G 115 -9.10 3.49 67.68
C VAL G 115 -9.28 3.27 66.22
N PHE G 116 -10.09 2.27 65.88
CA PHE G 116 -10.34 1.93 64.50
C PHE G 116 -11.77 1.56 64.39
N THR G 117 -12.55 2.41 63.76
CA THR G 117 -13.98 2.17 63.85
C THR G 117 -14.75 1.73 62.55
N SER G 118 -15.43 2.64 61.89
CA SER G 118 -16.20 2.22 60.78
C SER G 118 -15.17 2.21 59.73
N GLY G 119 -14.25 1.27 59.84
CA GLY G 119 -13.25 1.10 58.78
C GLY G 119 -12.01 1.96 58.77
N ARG G 120 -12.12 3.18 59.27
CA ARG G 120 -10.94 4.03 59.29
C ARG G 120 -10.27 4.11 60.66
N LYS G 121 -9.18 4.89 60.73
CA LYS G 121 -8.35 4.98 61.90
C LYS G 121 -8.68 6.29 62.43
N MET G 122 -9.33 6.39 63.56
CA MET G 122 -9.45 7.72 64.14
C MET G 122 -9.07 7.90 65.60
N ARG G 123 -8.80 9.17 65.97
CA ARG G 123 -8.37 9.55 67.29
C ARG G 123 -9.46 10.34 67.95
N LEU G 124 -9.93 9.84 69.08
CA LEU G 124 -11.08 10.41 69.75
C LEU G 124 -10.98 10.30 71.26
N THR G 125 -11.72 11.18 71.96
CA THR G 125 -11.63 11.36 73.40
C THR G 125 -12.36 10.32 74.21
N CYS G 126 -11.97 10.21 75.47
CA CYS G 126 -12.58 9.29 76.39
C CYS G 126 -13.52 9.97 77.37
N SER G 127 -14.55 9.24 77.77
CA SER G 127 -15.53 9.73 78.71
C SER G 127 -14.94 9.65 80.08
N PRO G 128 -14.93 10.79 80.80
CA PRO G 128 -14.46 10.81 82.17
C PRO G 128 -15.25 9.82 82.98
N ASN G 129 -15.13 8.54 82.62
CA ASN G 129 -15.57 7.45 83.47
C ASN G 129 -14.87 6.12 83.19
N ILE G 130 -14.08 6.03 82.13
CA ILE G 130 -13.33 4.80 81.91
C ILE G 130 -11.86 4.92 82.19
N ASP G 131 -11.26 3.78 82.55
CA ASP G 131 -9.94 3.77 83.17
C ASP G 131 -8.85 4.42 82.30
N ALA G 132 -8.79 5.75 82.41
CA ALA G 132 -7.98 6.69 81.60
C ALA G 132 -6.79 6.16 80.73
N ALA G 133 -6.13 5.09 81.15
CA ALA G 133 -5.00 4.53 80.40
C ALA G 133 -4.76 3.03 80.61
N SER G 134 -5.47 2.43 81.58
CA SER G 134 -5.31 1.01 81.90
C SER G 134 -6.14 0.01 81.04
N LEU G 135 -6.55 0.46 79.84
CA LEU G 135 -7.04 -0.41 78.74
C LEU G 135 -5.87 -0.87 77.88
N LYS G 136 -6.00 -2.04 77.27
CA LYS G 136 -4.85 -2.75 76.71
C LYS G 136 -4.83 -2.68 75.17
N LYS G 137 -3.63 -2.47 74.60
CA LYS G 137 -3.45 -2.32 73.15
C LYS G 137 -4.21 -3.37 72.33
N GLY G 138 -5.31 -2.94 71.74
CA GLY G 138 -5.98 -3.77 70.81
C GLY G 138 -7.12 -4.47 71.45
N GLN G 139 -7.77 -3.88 72.44
CA GLN G 139 -8.99 -4.50 72.92
C GLN G 139 -10.13 -3.80 72.24
N THR G 140 -11.35 -4.22 72.50
CA THR G 140 -12.44 -3.92 71.60
C THR G 140 -13.39 -2.98 72.23
N VAL G 141 -13.29 -1.68 72.02
CA VAL G 141 -14.10 -0.72 72.78
C VAL G 141 -15.41 -0.35 72.12
N ARG G 142 -16.31 0.35 72.83
CA ARG G 142 -17.64 0.71 72.35
C ARG G 142 -17.65 2.19 72.17
N LEU G 143 -18.56 2.75 71.39
CA LEU G 143 -18.47 4.16 71.06
C LEU G 143 -19.82 4.77 70.80
N ASN G 144 -20.08 5.96 71.31
CA ASN G 144 -21.44 6.49 71.19
C ASN G 144 -21.66 7.21 69.88
N GLU G 145 -22.70 8.03 69.80
CA GLU G 145 -23.10 8.66 68.54
C GLU G 145 -22.08 9.68 68.08
N ALA G 146 -21.55 10.48 69.00
CA ALA G 146 -20.58 11.48 68.59
C ALA G 146 -19.19 10.94 68.69
N LEU G 147 -19.09 9.61 68.75
CA LEU G 147 -17.82 8.90 68.74
C LEU G 147 -16.92 9.36 69.91
N THR G 148 -17.05 8.68 71.04
CA THR G 148 -16.41 9.05 72.31
C THR G 148 -16.50 7.77 73.10
N VAL G 149 -15.37 7.12 73.33
CA VAL G 149 -15.33 5.76 73.88
C VAL G 149 -16.04 5.72 75.22
N VAL G 150 -16.48 4.54 75.65
CA VAL G 150 -17.22 4.40 76.90
C VAL G 150 -17.19 3.03 77.52
N GLU G 151 -16.21 2.20 77.19
CA GLU G 151 -16.08 0.87 77.85
C GLU G 151 -14.93 0.08 77.28
N ALA G 152 -14.36 -0.83 78.05
CA ALA G 152 -13.44 -1.78 77.44
C ALA G 152 -14.28 -2.93 76.98
N GLY G 153 -13.62 -3.94 76.44
CA GLY G 153 -14.33 -5.14 76.02
C GLY G 153 -13.45 -6.36 76.06
N THR G 154 -13.75 -7.32 75.18
CA THR G 154 -12.99 -8.54 75.11
C THR G 154 -12.04 -8.41 73.99
N PHE G 155 -11.73 -9.54 73.39
CA PHE G 155 -10.85 -9.55 72.27
C PHE G 155 -11.50 -10.15 71.02
N GLU G 156 -11.63 -9.34 69.97
CA GLU G 156 -12.22 -9.84 68.73
C GLU G 156 -11.70 -11.25 68.56
N ALA G 157 -12.62 -12.19 68.41
CA ALA G 157 -12.30 -13.58 68.66
C ALA G 157 -12.51 -14.43 67.43
N VAL G 158 -12.62 -13.82 66.26
CA VAL G 158 -13.04 -14.51 65.08
C VAL G 158 -12.39 -13.78 63.94
N GLY G 159 -11.90 -14.47 62.93
CA GLY G 159 -11.34 -13.75 61.79
C GLY G 159 -10.32 -14.57 61.07
N GLU G 160 -9.32 -13.91 60.53
CA GLU G 160 -8.30 -14.58 59.76
C GLU G 160 -7.34 -15.36 60.63
N ILE G 161 -6.74 -16.41 60.10
CA ILE G 161 -5.66 -17.12 60.79
C ILE G 161 -4.40 -17.03 59.95
N SER G 162 -3.31 -16.68 60.57
CA SER G 162 -2.06 -16.53 59.87
C SER G 162 -1.01 -17.33 60.57
N THR G 163 0.11 -17.62 59.93
CA THR G 163 1.25 -18.06 60.72
C THR G 163 2.18 -16.90 60.93
N LEU G 164 2.99 -17.07 61.98
CA LEU G 164 3.81 -16.03 62.60
C LEU G 164 5.21 -16.21 62.15
N ARG G 165 5.67 -15.28 61.38
CA ARG G 165 6.87 -15.51 60.70
C ARG G 165 8.01 -15.21 61.67
N GLU G 166 7.93 -14.07 62.35
CA GLU G 166 8.88 -13.74 63.44
C GLU G 166 8.48 -12.45 64.07
N ILE G 167 8.59 -12.38 65.40
CA ILE G 167 8.26 -11.17 66.11
C ILE G 167 9.32 -10.20 65.74
N LEU G 168 9.06 -8.95 66.03
CA LEU G 168 9.77 -7.96 65.33
C LEU G 168 10.78 -7.22 66.22
N ALA G 169 11.80 -6.64 65.58
CA ALA G 169 12.70 -5.66 66.18
C ALA G 169 12.39 -5.34 67.67
N ASP G 170 11.28 -4.64 67.90
CA ASP G 170 10.98 -3.96 69.15
C ASP G 170 9.86 -4.60 69.97
N GLY G 171 9.60 -5.89 69.72
CA GLY G 171 8.69 -6.71 70.55
C GLY G 171 7.24 -6.31 70.56
N HIS G 172 6.82 -5.64 69.50
CA HIS G 172 5.54 -4.94 69.41
C HIS G 172 4.66 -5.24 68.16
N ARG G 173 5.33 -5.22 67.01
CA ARG G 173 4.76 -5.59 65.75
C ARG G 173 5.15 -7.05 65.44
N ALA G 174 4.39 -7.76 64.65
CA ALA G 174 4.89 -9.01 64.13
C ALA G 174 4.83 -9.02 62.60
N LEU G 175 5.60 -9.90 62.00
CA LEU G 175 5.48 -10.10 60.59
C LEU G 175 4.80 -11.45 60.44
N VAL G 176 3.57 -11.47 59.89
CA VAL G 176 2.78 -12.72 59.69
C VAL G 176 2.57 -12.97 58.26
N VAL G 177 2.40 -14.24 57.90
CA VAL G 177 2.03 -14.57 56.55
C VAL G 177 0.63 -15.02 56.69
N GLY G 178 -0.20 -14.56 55.76
CA GLY G 178 -1.63 -14.83 55.70
C GLY G 178 -1.95 -16.13 54.97
N HIS G 179 -3.08 -16.13 54.26
CA HIS G 179 -3.62 -17.40 53.79
C HIS G 179 -3.17 -17.64 52.38
N ALA G 180 -3.12 -16.58 51.61
CA ALA G 180 -2.41 -16.61 50.36
C ALA G 180 -1.09 -16.00 50.74
N ASP G 181 -0.04 -16.44 50.07
CA ASP G 181 1.31 -16.20 50.52
C ASP G 181 1.72 -14.78 50.99
N GLU G 182 0.77 -13.85 51.17
CA GLU G 182 1.14 -12.43 51.43
C GLU G 182 1.51 -12.12 52.85
N GLU G 183 2.44 -11.20 53.01
CA GLU G 183 3.02 -10.98 54.30
C GLU G 183 2.77 -9.57 54.79
N ARG G 184 2.17 -9.46 55.97
CA ARG G 184 1.85 -8.16 56.57
C ARG G 184 2.42 -8.12 57.95
N VAL G 185 2.51 -6.90 58.44
CA VAL G 185 3.17 -6.63 59.68
C VAL G 185 2.17 -5.96 60.60
N VAL G 186 1.83 -6.65 61.67
CA VAL G 186 0.64 -6.39 62.44
C VAL G 186 1.07 -5.96 63.78
N TRP G 187 0.30 -5.16 64.50
CA TRP G 187 0.61 -4.97 65.93
C TRP G 187 0.12 -6.20 66.71
N LEU G 188 0.85 -6.61 67.79
CA LEU G 188 0.40 -7.67 68.77
C LEU G 188 -0.33 -7.07 69.90
N ALA G 189 -1.32 -7.75 70.42
CA ALA G 189 -2.14 -7.08 71.39
C ALA G 189 -1.79 -7.55 72.76
N ASP G 190 -1.90 -6.66 73.73
CA ASP G 190 -1.25 -6.91 75.01
C ASP G 190 -1.11 -8.40 75.41
N PRO G 191 -2.21 -9.15 75.56
CA PRO G 191 -2.06 -10.49 76.08
C PRO G 191 -1.38 -11.43 75.15
N LEU G 192 -0.65 -10.95 74.18
CA LEU G 192 0.12 -11.90 73.45
C LEU G 192 1.54 -11.72 73.88
N ILE G 193 1.85 -10.52 74.38
CA ILE G 193 3.17 -10.21 75.01
C ILE G 193 3.18 -9.57 76.42
N ALA G 194 2.17 -9.86 77.24
CA ALA G 194 2.16 -9.38 78.63
C ALA G 194 3.42 -9.88 79.36
N GLU G 195 3.62 -9.43 80.61
CA GLU G 195 4.86 -9.72 81.34
C GLU G 195 5.08 -11.19 81.78
N ASP G 196 4.07 -11.81 82.42
CA ASP G 196 4.23 -13.21 82.93
C ASP G 196 3.68 -14.35 82.04
N LEU G 197 4.48 -14.63 81.03
CA LEU G 197 4.15 -15.75 80.15
C LEU G 197 5.28 -16.83 80.09
N PRO G 198 4.97 -18.07 80.57
CA PRO G 198 5.90 -19.18 80.70
C PRO G 198 6.71 -19.29 79.41
N ASP G 199 8.03 -19.47 79.41
CA ASP G 199 8.88 -19.75 78.21
C ASP G 199 8.39 -20.85 77.28
N GLY G 200 7.63 -21.84 77.84
CA GLY G 200 6.94 -22.88 77.01
C GLY G 200 7.24 -24.38 77.31
N LEU G 201 8.54 -24.71 77.28
CA LEU G 201 9.09 -26.08 77.21
C LEU G 201 9.20 -26.55 75.73
N PRO G 202 10.19 -27.42 75.39
CA PRO G 202 10.54 -27.65 73.96
C PRO G 202 9.47 -28.36 73.11
N GLU G 203 8.87 -29.41 73.68
CA GLU G 203 7.65 -30.11 73.18
C GLU G 203 7.69 -31.63 73.47
N ALA G 204 8.55 -32.04 74.41
CA ALA G 204 8.77 -33.46 74.73
C ALA G 204 7.68 -34.18 75.59
N LEU G 205 6.66 -33.43 76.03
CA LEU G 205 5.33 -33.95 76.49
C LEU G 205 4.31 -33.16 75.67
N ASN G 206 3.15 -33.73 75.38
CA ASN G 206 2.22 -33.03 74.48
C ASN G 206 0.94 -32.43 75.04
N ASP G 207 0.63 -31.23 74.53
CA ASP G 207 -0.49 -30.37 74.89
C ASP G 207 0.03 -28.95 75.11
N ASP G 208 -0.42 -28.02 74.26
CA ASP G 208 0.06 -26.64 74.22
C ASP G 208 -0.98 -25.60 74.53
N THR G 209 -2.19 -26.05 74.87
CA THR G 209 -3.37 -25.17 74.92
C THR G 209 -3.30 -24.08 76.01
N ARG G 210 -2.18 -24.00 76.72
CA ARG G 210 -2.07 -23.09 77.88
C ARG G 210 -1.16 -21.87 77.63
N PRO G 211 -1.61 -20.65 78.05
CA PRO G 211 -0.94 -19.39 77.75
C PRO G 211 0.61 -19.50 77.66
N ARG G 212 1.22 -18.91 76.63
CA ARG G 212 2.70 -18.96 76.43
C ARG G 212 3.31 -17.75 75.67
N LYS G 213 4.62 -17.69 75.53
CA LYS G 213 5.29 -16.61 74.83
C LYS G 213 5.27 -17.08 73.40
N LEU G 214 5.21 -16.12 72.50
CA LEU G 214 4.97 -16.45 71.13
C LEU G 214 6.20 -16.98 70.46
N ARG G 215 6.06 -18.16 69.93
CA ARG G 215 7.16 -18.82 69.26
C ARG G 215 6.88 -18.69 67.79
N PRO G 216 7.91 -18.50 66.97
CA PRO G 216 7.55 -18.38 65.58
C PRO G 216 6.99 -19.71 65.17
N GLY G 217 6.10 -19.67 64.19
CA GLY G 217 5.39 -20.86 63.76
C GLY G 217 3.93 -20.83 64.18
N ASP G 218 3.67 -20.26 65.35
CA ASP G 218 2.33 -20.31 65.88
C ASP G 218 1.31 -19.65 64.98
N SER G 219 0.16 -20.30 64.87
CA SER G 219 -0.95 -19.80 64.15
C SER G 219 -1.57 -18.84 65.10
N LEU G 220 -1.59 -17.56 64.77
CA LEU G 220 -2.34 -16.64 65.58
C LEU G 220 -3.36 -15.86 64.77
N LEU G 221 -4.29 -15.17 65.40
CA LEU G 221 -5.48 -14.69 64.72
C LEU G 221 -5.49 -13.18 64.58
N VAL G 222 -5.70 -12.69 63.37
CA VAL G 222 -5.42 -11.33 63.10
C VAL G 222 -6.49 -10.63 62.27
N ASP G 223 -6.56 -9.30 62.34
CA ASP G 223 -7.60 -8.54 61.61
C ASP G 223 -6.97 -7.48 60.71
N THR G 224 -6.40 -7.95 59.61
CA THR G 224 -5.45 -7.19 58.77
C THR G 224 -5.90 -5.80 58.40
N LYS G 225 -7.20 -5.60 58.30
CA LYS G 225 -7.66 -4.25 58.05
C LYS G 225 -7.54 -3.35 59.24
N ALA G 226 -7.24 -3.87 60.41
CA ALA G 226 -7.12 -2.95 61.50
C ALA G 226 -5.64 -2.81 61.87
N GLY G 227 -5.07 -3.89 62.39
CA GLY G 227 -3.66 -3.99 62.42
C GLY G 227 -3.20 -5.04 63.37
N TYR G 228 -4.11 -5.65 64.10
CA TYR G 228 -3.66 -6.44 65.24
C TYR G 228 -3.72 -7.91 65.04
N ALA G 229 -2.96 -8.62 65.86
CA ALA G 229 -3.22 -10.00 66.17
C ALA G 229 -3.88 -10.00 67.57
N PHE G 230 -4.48 -11.07 68.05
CA PHE G 230 -5.39 -10.91 69.15
C PHE G 230 -5.40 -12.07 70.09
N GLU G 231 -4.84 -13.21 69.70
CA GLU G 231 -4.92 -14.42 70.52
C GLU G 231 -4.31 -15.51 69.71
N ARG G 232 -4.00 -16.65 70.28
CA ARG G 232 -3.17 -17.61 69.60
C ARG G 232 -3.93 -18.91 69.45
N ILE G 233 -3.46 -19.80 68.60
CA ILE G 233 -4.23 -20.99 68.37
C ILE G 233 -3.47 -22.28 68.51
N PRO G 234 -3.97 -23.15 69.37
CA PRO G 234 -3.64 -24.54 69.54
C PRO G 234 -3.63 -25.26 68.21
N LEU G 235 -2.45 -25.32 67.60
CA LEU G 235 -2.27 -26.14 66.41
C LEU G 235 -2.18 -27.62 66.77
N VAL G 236 -2.75 -28.48 65.91
CA VAL G 236 -2.57 -29.97 65.91
C VAL G 236 -2.39 -30.52 64.41
N PRO G 237 -1.19 -31.10 64.04
CA PRO G 237 -1.18 -32.13 62.96
C PRO G 237 -1.13 -33.61 63.46
N SER H 52 -81.62 15.01 114.86
CA SER H 52 -80.79 16.15 114.39
C SER H 52 -80.90 16.33 112.88
N ALA H 53 -80.59 17.55 112.44
CA ALA H 53 -80.65 17.91 111.03
C ALA H 53 -79.28 18.32 110.43
N ARG H 54 -78.20 18.11 111.19
CA ARG H 54 -76.83 18.40 110.70
C ARG H 54 -76.12 17.19 110.06
N ASP H 55 -76.42 15.99 110.58
CA ASP H 55 -75.87 14.73 110.07
C ASP H 55 -76.31 14.49 108.62
N ILE H 56 -77.60 14.69 108.36
CA ILE H 56 -78.18 14.55 107.02
C ILE H 56 -77.46 15.42 106.01
N HIS H 57 -77.26 16.71 106.32
CA HIS H 57 -76.52 17.63 105.46
C HIS H 57 -75.04 17.25 105.31
N GLN H 58 -74.50 16.55 106.31
CA GLN H 58 -73.09 16.12 106.31
C GLN H 58 -72.86 14.90 105.42
N LEU H 59 -73.89 14.09 105.24
CA LEU H 59 -73.79 12.94 104.38
C LEU H 59 -74.08 13.34 102.94
N GLU H 60 -75.18 14.06 102.74
CA GLU H 60 -75.53 14.60 101.43
C GLU H 60 -74.39 15.40 100.82
N ALA H 61 -73.40 15.72 101.65
CA ALA H 61 -72.22 16.45 101.20
C ALA H 61 -71.04 15.52 100.95
N ARG H 62 -70.97 14.41 101.68
CA ARG H 62 -69.93 13.42 101.41
C ARG H 62 -70.27 12.64 100.16
N ILE H 63 -71.56 12.35 99.97
CA ILE H 63 -72.00 11.63 98.77
C ILE H 63 -71.65 12.39 97.48
N ASP H 64 -71.71 13.71 97.52
CA ASP H 64 -71.31 14.50 96.37
C ASP H 64 -69.80 14.54 96.27
N SER H 65 -69.14 14.73 97.42
CA SER H 65 -67.69 14.70 97.49
C SER H 65 -67.14 13.36 97.06
N LEU H 66 -68.01 12.36 96.91
CA LEU H 66 -67.58 11.07 96.41
C LEU H 66 -68.09 10.78 95.00
N ALA H 67 -69.19 11.40 94.63
CA ALA H 67 -69.68 11.27 93.25
C ALA H 67 -68.75 12.00 92.32
N ALA H 68 -68.17 13.09 92.82
CA ALA H 68 -67.24 13.90 92.06
C ALA H 68 -65.93 13.18 91.84
N ARG H 69 -65.37 12.60 92.91
CA ARG H 69 -64.19 11.76 92.76
C ARG H 69 -64.50 10.53 91.91
N ASN H 70 -65.76 10.18 91.73
CA ASN H 70 -66.05 9.07 90.83
C ASN H 70 -66.21 9.45 89.37
N SER H 71 -66.70 10.66 89.12
CA SER H 71 -66.78 11.12 87.75
C SER H 71 -65.38 11.27 87.18
N LYS H 72 -64.47 11.89 87.95
CA LYS H 72 -63.12 12.23 87.49
C LYS H 72 -62.13 11.06 87.47
N LEU H 73 -62.43 10.00 88.20
CA LEU H 73 -61.57 8.84 88.13
C LEU H 73 -62.00 8.04 86.93
N MET H 74 -63.29 7.77 86.81
CA MET H 74 -63.76 7.00 85.68
C MET H 74 -63.28 7.59 84.39
N GLU H 75 -62.96 8.88 84.38
CA GLU H 75 -62.36 9.51 83.18
C GLU H 75 -60.83 9.31 83.08
N THR H 76 -60.09 9.50 84.17
CA THR H 76 -58.64 9.36 84.05
C THR H 76 -58.28 7.95 83.61
N LEU H 77 -59.08 6.94 83.96
CA LEU H 77 -58.84 5.60 83.40
C LEU H 77 -58.98 5.59 81.88
N LYS H 78 -60.08 6.11 81.35
CA LYS H 78 -60.24 6.18 79.90
C LYS H 78 -59.01 6.86 79.32
N GLU H 79 -58.53 7.89 80.02
CA GLU H 79 -57.32 8.60 79.57
C GLU H 79 -56.07 7.73 79.62
N ALA H 80 -55.96 6.87 80.62
CA ALA H 80 -54.85 5.94 80.59
C ALA H 80 -55.09 4.84 79.55
N ARG H 81 -56.28 4.27 79.47
CA ARG H 81 -56.50 3.16 78.52
C ARG H 81 -56.53 3.59 77.04
N GLN H 82 -56.88 4.85 76.77
CA GLN H 82 -56.69 5.43 75.42
C GLN H 82 -55.21 5.64 75.18
N GLN H 83 -54.47 6.13 76.19
CA GLN H 83 -53.03 6.31 76.02
C GLN H 83 -52.27 5.03 75.76
N LEU H 84 -52.46 4.01 76.57
CA LEU H 84 -51.80 2.75 76.27
C LEU H 84 -52.21 2.18 74.91
N LEU H 85 -53.47 2.27 74.47
CA LEU H 85 -53.79 1.76 73.13
C LEU H 85 -53.09 2.56 72.00
N ALA H 86 -52.54 3.72 72.35
CA ALA H 86 -51.78 4.53 71.39
C ALA H 86 -50.28 4.20 71.44
N LEU H 87 -49.76 3.97 72.62
CA LEU H 87 -48.37 3.59 72.75
C LEU H 87 -48.17 2.25 72.16
N ARG H 88 -48.99 1.28 72.52
CA ARG H 88 -48.83 -0.04 71.92
C ARG H 88 -49.24 -0.10 70.45
N GLU H 89 -50.10 0.83 69.97
CA GLU H 89 -50.33 0.93 68.52
C GLU H 89 -49.03 1.46 67.84
N GLU H 90 -48.23 2.23 68.58
CA GLU H 90 -46.97 2.80 68.08
C GLU H 90 -45.89 1.76 67.97
N VAL H 91 -45.91 0.81 68.85
CA VAL H 91 -44.89 -0.15 68.84
C VAL H 91 -44.99 -1.14 67.65
N ASP H 92 -46.17 -1.24 67.04
CA ASP H 92 -46.28 -1.99 65.78
C ASP H 92 -45.93 -1.09 64.58
N ARG H 93 -46.02 0.24 64.75
CA ARG H 93 -45.60 1.24 63.72
C ARG H 93 -44.07 1.20 63.55
N LEU H 94 -43.40 0.64 64.56
CA LEU H 94 -41.95 0.46 64.57
C LEU H 94 -41.54 -0.76 63.75
N GLY H 95 -42.39 -1.78 63.72
CA GLY H 95 -42.06 -2.96 62.97
C GLY H 95 -42.52 -2.84 61.54
N GLN H 96 -42.81 -1.61 61.14
CA GLN H 96 -43.31 -1.37 59.81
C GLN H 96 -42.17 -1.37 58.78
N PRO H 97 -42.42 -1.96 57.60
CA PRO H 97 -41.57 -1.86 56.42
C PRO H 97 -41.34 -0.39 56.03
N PRO H 98 -40.19 -0.04 55.42
CA PRO H 98 -39.06 -0.82 54.91
C PRO H 98 -38.07 -1.15 55.99
N SER H 99 -37.55 -2.37 56.00
CA SER H 99 -36.71 -2.79 57.11
C SER H 99 -35.55 -3.63 56.73
N GLY H 100 -34.46 -3.44 57.47
CA GLY H 100 -33.20 -4.04 57.18
C GLY H 100 -32.82 -5.16 58.10
N TYR H 101 -31.82 -5.94 57.71
CA TYR H 101 -31.57 -7.25 58.28
C TYR H 101 -30.08 -7.44 58.71
N GLY H 102 -29.89 -7.59 60.01
CA GLY H 102 -28.58 -7.89 60.57
C GLY H 102 -28.47 -9.18 61.38
N VAL H 103 -27.24 -9.68 61.57
CA VAL H 103 -26.99 -10.91 62.33
C VAL H 103 -26.79 -10.48 63.73
N LEU H 104 -27.27 -11.32 64.65
CA LEU H 104 -27.17 -11.10 66.09
C LEU H 104 -25.92 -11.73 66.69
N LEU H 105 -24.97 -10.87 67.07
CA LEU H 105 -23.71 -11.31 67.67
C LEU H 105 -23.83 -11.79 69.10
N ALA H 106 -24.05 -10.87 70.07
CA ALA H 106 -24.44 -11.35 71.39
C ALA H 106 -25.49 -10.48 72.09
N THR H 107 -26.25 -11.15 72.99
CA THR H 107 -27.32 -10.56 73.83
C THR H 107 -26.76 -9.96 75.11
N HIS H 108 -27.36 -8.84 75.49
CA HIS H 108 -27.03 -8.24 76.77
C HIS H 108 -28.12 -8.38 77.81
N ASP H 109 -27.74 -8.13 79.06
CA ASP H 109 -28.68 -8.09 80.18
C ASP H 109 -29.66 -6.89 80.06
N ASP H 110 -29.19 -5.70 79.69
CA ASP H 110 -30.08 -4.51 79.69
C ASP H 110 -30.95 -4.26 78.43
N ASP H 111 -31.26 -5.31 77.68
CA ASP H 111 -32.14 -5.20 76.50
C ASP H 111 -31.48 -4.58 75.28
N THR H 112 -30.20 -4.89 75.14
CA THR H 112 -29.45 -4.47 73.98
C THR H 112 -28.86 -5.67 73.23
N VAL H 113 -28.60 -5.42 71.98
CA VAL H 113 -27.97 -6.43 71.23
C VAL H 113 -26.72 -5.89 70.47
N ASP H 114 -25.69 -6.73 70.44
CA ASP H 114 -24.65 -6.69 69.45
C ASP H 114 -25.19 -7.37 68.15
N VAL H 115 -25.73 -6.57 67.24
CA VAL H 115 -26.07 -7.11 65.95
C VAL H 115 -24.94 -6.78 65.04
N PHE H 116 -24.97 -7.33 63.84
CA PHE H 116 -23.95 -6.96 62.91
C PHE H 116 -24.74 -6.80 61.65
N THR H 117 -24.78 -5.57 61.18
CA THR H 117 -25.61 -5.15 60.07
C THR H 117 -24.79 -4.15 59.25
N SER H 118 -25.05 -3.99 57.96
CA SER H 118 -24.40 -2.88 57.25
C SER H 118 -22.93 -2.86 57.62
N GLY H 119 -22.36 -4.02 57.87
CA GLY H 119 -20.93 -4.12 57.90
C GLY H 119 -20.16 -3.77 59.14
N ARG H 120 -20.75 -3.10 60.13
CA ARG H 120 -20.07 -3.00 61.45
C ARG H 120 -20.74 -3.76 62.66
N LYS H 121 -20.19 -3.61 63.84
CA LYS H 121 -20.73 -4.31 64.99
C LYS H 121 -21.55 -3.25 65.65
N MET H 122 -22.80 -3.48 65.92
CA MET H 122 -23.54 -2.44 66.61
C MET H 122 -24.28 -2.89 67.85
N ARG H 123 -24.33 -2.00 68.84
CA ARG H 123 -24.99 -2.27 70.09
C ARG H 123 -26.29 -1.50 70.14
N LEU H 124 -27.34 -2.29 70.03
CA LEU H 124 -28.59 -1.81 69.58
C LEU H 124 -29.76 -2.13 70.53
N THR H 125 -30.66 -1.14 70.68
CA THR H 125 -31.85 -1.21 71.56
C THR H 125 -32.98 -1.86 70.82
N CYS H 126 -33.71 -2.73 71.50
CA CYS H 126 -34.81 -3.45 70.82
C CYS H 126 -36.23 -3.06 71.27
N SER H 127 -37.23 -3.58 70.55
CA SER H 127 -38.59 -3.21 70.84
C SER H 127 -39.14 -4.07 71.95
N PRO H 128 -39.90 -3.42 72.84
CA PRO H 128 -40.93 -4.01 73.61
C PRO H 128 -41.34 -5.38 73.09
N ASN H 129 -41.90 -5.42 71.88
CA ASN H 129 -42.52 -6.63 71.34
C ASN H 129 -41.62 -7.87 71.38
N ILE H 130 -40.35 -7.67 71.74
CA ILE H 130 -39.40 -8.73 71.50
C ILE H 130 -38.74 -9.36 72.71
N ASP H 131 -38.82 -10.69 72.70
CA ASP H 131 -38.48 -11.55 73.84
C ASP H 131 -36.96 -11.93 73.99
N ALA H 132 -36.18 -11.10 74.70
CA ALA H 132 -34.70 -11.18 74.65
C ALA H 132 -34.07 -12.53 75.09
N ALA H 133 -34.83 -13.29 75.88
CA ALA H 133 -34.39 -14.60 76.38
C ALA H 133 -34.40 -15.68 75.29
N SER H 134 -35.26 -15.47 74.30
CA SER H 134 -35.38 -16.43 73.22
C SER H 134 -34.40 -16.15 72.03
N LEU H 135 -33.81 -14.95 71.99
CA LEU H 135 -32.82 -14.59 70.96
C LEU H 135 -31.62 -15.54 71.01
N LYS H 136 -31.29 -16.18 69.88
CA LYS H 136 -30.17 -17.13 69.85
C LYS H 136 -28.99 -16.55 69.05
N LYS H 137 -27.77 -16.67 69.63
CA LYS H 137 -26.51 -16.24 68.95
C LYS H 137 -26.47 -16.70 67.51
N GLY H 138 -26.48 -15.71 66.63
CA GLY H 138 -26.30 -15.95 65.21
C GLY H 138 -27.63 -16.19 64.59
N GLN H 139 -28.55 -15.32 64.89
CA GLN H 139 -29.84 -15.47 64.33
C GLN H 139 -30.09 -14.18 63.65
N THR H 140 -30.78 -14.30 62.53
CA THR H 140 -31.05 -13.16 61.72
C THR H 140 -32.14 -12.38 62.40
N VAL H 141 -31.93 -11.09 62.53
CA VAL H 141 -32.93 -10.26 63.14
C VAL H 141 -33.43 -9.27 62.05
N ARG H 142 -34.43 -8.43 62.36
CA ARG H 142 -34.92 -7.34 61.48
C ARG H 142 -34.76 -5.95 62.15
N LEU H 143 -34.67 -4.87 61.40
CA LEU H 143 -34.43 -3.58 62.04
C LEU H 143 -34.99 -2.46 61.21
N ASN H 144 -35.69 -1.53 61.86
CA ASN H 144 -36.37 -0.42 61.15
C ASN H 144 -35.40 0.66 60.73
N GLU H 145 -35.92 1.84 60.41
CA GLU H 145 -35.08 2.90 59.89
C GLU H 145 -33.90 3.27 60.80
N ALA H 146 -34.18 3.91 61.94
CA ALA H 146 -33.20 4.04 63.02
C ALA H 146 -33.12 2.64 63.53
N LEU H 147 -31.93 2.16 63.77
CA LEU H 147 -31.82 0.76 63.97
C LEU H 147 -32.35 0.50 65.36
N THR H 148 -33.23 -0.50 65.50
CA THR H 148 -34.04 -0.75 66.70
C THR H 148 -34.66 -2.10 66.34
N VAL H 149 -34.25 -3.18 66.99
CA VAL H 149 -34.59 -4.50 66.45
C VAL H 149 -36.10 -4.68 66.44
N VAL H 150 -36.68 -5.54 65.61
CA VAL H 150 -38.12 -5.68 65.66
C VAL H 150 -38.70 -7.02 65.29
N GLU H 151 -37.91 -8.08 65.30
CA GLU H 151 -38.41 -9.44 65.08
C GLU H 151 -37.20 -10.34 65.28
N ALA H 152 -37.37 -11.64 65.31
CA ALA H 152 -36.20 -12.51 65.16
C ALA H 152 -36.63 -13.40 64.07
N GLY H 153 -35.75 -14.25 63.59
CA GLY H 153 -36.07 -14.93 62.35
C GLY H 153 -35.29 -16.20 62.19
N THR H 154 -35.44 -16.82 61.02
CA THR H 154 -34.70 -18.02 60.67
C THR H 154 -33.20 -17.76 60.83
N PHE H 155 -32.45 -18.55 60.07
CA PHE H 155 -31.03 -18.39 59.95
C PHE H 155 -30.66 -18.11 58.53
N GLU H 156 -29.54 -17.44 58.32
CA GLU H 156 -29.20 -17.19 56.95
C GLU H 156 -29.11 -18.56 56.25
N ALA H 157 -29.48 -18.61 54.97
CA ALA H 157 -29.66 -19.90 54.34
C ALA H 157 -28.75 -20.09 53.15
N VAL H 158 -28.12 -19.04 52.69
CA VAL H 158 -27.41 -19.12 51.45
C VAL H 158 -26.09 -18.48 51.68
N GLY H 159 -25.08 -18.89 50.91
CA GLY H 159 -23.77 -18.26 51.04
C GLY H 159 -22.59 -19.20 50.96
N GLU H 160 -21.51 -18.81 51.65
CA GLU H 160 -20.22 -19.49 51.53
C GLU H 160 -20.28 -20.86 52.26
N ILE H 161 -19.85 -21.90 51.54
CA ILE H 161 -19.54 -23.21 52.10
C ILE H 161 -18.03 -23.27 52.39
N SER H 162 -17.69 -23.76 53.59
CA SER H 162 -16.32 -24.15 53.92
C SER H 162 -16.38 -25.30 54.86
N THR H 163 -15.37 -26.15 54.78
CA THR H 163 -15.33 -27.41 55.54
C THR H 163 -14.62 -27.10 56.86
N LEU H 164 -15.04 -27.67 57.96
CA LEU H 164 -14.34 -27.23 59.15
C LEU H 164 -13.24 -28.20 59.49
N ARG H 165 -12.25 -27.75 60.27
CA ARG H 165 -11.15 -28.61 60.54
C ARG H 165 -11.12 -29.09 61.96
N GLU H 166 -11.53 -28.25 62.91
CA GLU H 166 -11.73 -28.66 64.34
C GLU H 166 -12.59 -27.67 65.11
N ILE H 167 -13.26 -28.15 66.15
CA ILE H 167 -13.98 -27.27 67.03
C ILE H 167 -12.95 -26.85 68.02
N LEU H 168 -13.20 -25.76 68.73
CA LEU H 168 -12.14 -25.22 69.58
C LEU H 168 -12.36 -25.51 71.04
N ALA H 169 -11.35 -25.23 71.85
CA ALA H 169 -11.48 -25.43 73.29
C ALA H 169 -12.74 -24.77 73.81
N ASP H 170 -13.01 -23.54 73.36
CA ASP H 170 -14.23 -22.84 73.73
C ASP H 170 -15.47 -23.73 73.64
N GLY H 171 -15.56 -24.50 72.56
CA GLY H 171 -16.74 -25.32 72.25
C GLY H 171 -17.83 -24.50 71.57
N HIS H 172 -17.44 -23.30 71.18
CA HIS H 172 -18.30 -22.32 70.55
C HIS H 172 -17.78 -21.87 69.14
N ARG H 173 -16.49 -22.07 68.89
CA ARG H 173 -15.89 -21.52 67.72
C ARG H 173 -15.18 -22.58 66.93
N ALA H 174 -15.27 -22.47 65.62
CA ALA H 174 -14.59 -23.42 64.74
C ALA H 174 -13.41 -22.87 63.92
N LEU H 175 -12.50 -23.78 63.62
CA LEU H 175 -11.54 -23.54 62.59
C LEU H 175 -12.19 -24.09 61.34
N VAL H 176 -12.59 -23.19 60.48
CA VAL H 176 -13.19 -23.54 59.25
C VAL H 176 -12.16 -23.31 58.19
N VAL H 177 -12.22 -24.08 57.12
CA VAL H 177 -11.34 -23.80 56.00
C VAL H 177 -12.05 -23.70 54.67
N GLY H 178 -12.33 -22.44 54.36
CA GLY H 178 -12.86 -22.05 53.04
C GLY H 178 -12.09 -22.45 51.77
N HIS H 179 -12.34 -21.66 50.73
CA HIS H 179 -12.01 -22.14 49.40
C HIS H 179 -10.51 -22.28 49.07
N ALA H 180 -9.78 -21.19 48.83
CA ALA H 180 -8.37 -21.39 48.48
C ALA H 180 -7.53 -21.64 49.73
N ASP H 181 -7.86 -22.73 50.43
CA ASP H 181 -7.13 -23.12 51.61
C ASP H 181 -6.95 -21.89 52.47
N GLU H 182 -8.08 -21.24 52.80
CA GLU H 182 -8.10 -20.07 53.68
C GLU H 182 -8.71 -20.42 55.04
N GLU H 183 -8.12 -20.00 56.15
CA GLU H 183 -8.66 -20.50 57.41
C GLU H 183 -9.13 -19.39 58.26
N ARG H 184 -10.29 -19.51 58.84
CA ARG H 184 -10.89 -18.36 59.51
C ARG H 184 -11.50 -18.93 60.72
N VAL H 185 -12.00 -18.10 61.62
CA VAL H 185 -12.54 -18.61 62.89
C VAL H 185 -13.91 -17.99 63.17
N VAL H 186 -14.94 -18.83 63.09
CA VAL H 186 -16.33 -18.40 63.26
C VAL H 186 -16.92 -18.83 64.57
N TRP H 187 -17.82 -17.99 65.08
CA TRP H 187 -18.82 -18.43 66.04
C TRP H 187 -19.75 -19.46 65.37
N LEU H 188 -20.25 -20.41 66.18
CA LEU H 188 -21.22 -21.47 65.80
C LEU H 188 -22.59 -21.14 66.28
N ALA H 189 -23.52 -21.19 65.35
CA ALA H 189 -24.90 -20.85 65.66
C ALA H 189 -25.47 -21.87 66.63
N ASP H 190 -26.05 -21.41 67.75
CA ASP H 190 -26.49 -22.34 68.83
C ASP H 190 -26.92 -23.77 68.38
N PRO H 191 -27.63 -23.85 67.24
CA PRO H 191 -28.06 -25.08 66.63
C PRO H 191 -27.00 -26.08 66.21
N LEU H 192 -25.73 -25.87 66.47
CA LEU H 192 -24.78 -26.83 65.90
C LEU H 192 -23.91 -27.45 66.96
N ILE H 193 -24.01 -26.85 68.16
CA ILE H 193 -23.53 -27.45 69.40
C ILE H 193 -24.70 -27.86 70.31
N ALA H 194 -25.91 -27.50 69.87
CA ALA H 194 -27.15 -27.79 70.57
C ALA H 194 -27.07 -28.98 71.53
N GLU H 195 -27.73 -28.80 72.67
CA GLU H 195 -27.67 -29.74 73.79
C GLU H 195 -27.99 -31.20 73.40
N ASP H 196 -29.25 -31.43 72.95
CA ASP H 196 -29.67 -32.75 72.52
C ASP H 196 -29.48 -33.00 71.03
N LEU H 197 -28.22 -33.12 70.65
CA LEU H 197 -27.88 -33.59 69.31
C LEU H 197 -27.28 -34.98 69.49
N PRO H 198 -27.89 -35.99 68.81
CA PRO H 198 -27.47 -37.40 68.89
C PRO H 198 -26.06 -37.63 68.37
N ASP H 199 -25.09 -37.56 69.31
CA ASP H 199 -23.72 -38.15 69.19
C ASP H 199 -23.18 -38.31 67.76
N GLY H 200 -23.87 -39.09 66.94
CA GLY H 200 -23.49 -39.26 65.53
C GLY H 200 -23.76 -40.63 64.95
N LEU H 201 -23.32 -41.69 65.65
CA LEU H 201 -23.28 -43.08 65.14
C LEU H 201 -22.24 -43.17 63.98
N PRO H 202 -21.81 -44.39 63.57
CA PRO H 202 -20.81 -44.46 62.50
C PRO H 202 -21.29 -44.00 61.10
N GLU H 203 -20.61 -44.47 60.05
CA GLU H 203 -21.05 -44.21 58.68
C GLU H 203 -20.97 -45.46 57.79
N ALA H 204 -21.73 -46.48 58.18
CA ALA H 204 -21.83 -47.78 57.45
C ALA H 204 -23.29 -48.29 57.18
N LEU H 205 -24.31 -47.54 57.66
CA LEU H 205 -25.71 -47.66 57.18
C LEU H 205 -26.03 -46.56 56.14
N ASN H 206 -24.94 -45.99 55.59
CA ASN H 206 -24.90 -44.93 54.55
C ASN H 206 -25.56 -43.55 54.87
N ASP H 207 -25.93 -42.83 53.80
CA ASP H 207 -26.41 -41.44 53.88
C ASP H 207 -27.76 -41.29 54.60
N ASP H 208 -27.73 -40.44 55.62
CA ASP H 208 -28.90 -40.18 56.44
C ASP H 208 -29.14 -38.65 56.47
N THR H 209 -28.07 -37.86 56.71
CA THR H 209 -28.15 -36.39 56.70
C THR H 209 -29.13 -35.78 57.72
N ARG H 210 -29.88 -36.59 58.45
CA ARG H 210 -30.74 -36.10 59.53
C ARG H 210 -29.79 -35.60 60.64
N PRO H 211 -30.22 -34.57 61.42
CA PRO H 211 -29.32 -33.73 62.26
C PRO H 211 -28.42 -34.47 63.28
N ARG H 212 -27.10 -34.28 63.20
CA ARG H 212 -26.12 -34.87 64.13
C ARG H 212 -25.33 -33.81 64.92
N LYS H 213 -24.32 -34.25 65.68
CA LYS H 213 -23.35 -33.35 66.29
C LYS H 213 -22.14 -33.29 65.36
N LEU H 214 -21.41 -32.20 65.49
CA LEU H 214 -20.54 -31.75 64.43
C LEU H 214 -19.24 -32.49 64.23
N ARG H 215 -19.00 -32.99 63.02
CA ARG H 215 -17.75 -33.72 62.75
C ARG H 215 -16.64 -32.88 62.13
N PRO H 216 -15.36 -33.27 62.34
CA PRO H 216 -14.25 -32.73 61.54
C PRO H 216 -14.27 -33.36 60.18
N GLY H 217 -15.21 -32.92 59.37
CA GLY H 217 -15.40 -33.48 58.05
C GLY H 217 -16.35 -32.59 57.30
N ASP H 218 -17.60 -32.60 57.75
CA ASP H 218 -18.70 -31.97 57.02
C ASP H 218 -18.42 -30.54 56.64
N SER H 219 -19.32 -30.06 55.78
CA SER H 219 -19.25 -28.74 55.22
C SER H 219 -20.27 -27.82 55.87
N LEU H 220 -19.82 -26.60 56.20
CA LEU H 220 -20.70 -25.55 56.77
C LEU H 220 -20.97 -24.27 55.96
N LEU H 221 -22.19 -23.79 56.16
CA LEU H 221 -22.64 -22.57 55.61
C LEU H 221 -22.26 -21.46 56.57
N VAL H 222 -21.48 -20.50 56.10
CA VAL H 222 -20.98 -19.46 57.00
C VAL H 222 -21.23 -18.00 56.51
N ASP H 223 -21.10 -17.04 57.43
CA ASP H 223 -20.96 -15.69 56.97
C ASP H 223 -19.62 -15.12 57.41
N THR H 224 -18.60 -15.34 56.59
CA THR H 224 -17.27 -14.84 56.92
C THR H 224 -17.30 -13.37 57.31
N LYS H 225 -18.27 -12.62 56.82
CA LYS H 225 -18.29 -11.19 57.04
C LYS H 225 -18.70 -10.88 58.46
N ALA H 226 -19.58 -11.73 58.99
CA ALA H 226 -20.16 -11.64 60.34
C ALA H 226 -19.36 -12.39 61.40
N GLY H 227 -19.52 -13.70 61.37
CA GLY H 227 -18.52 -14.55 61.89
C GLY H 227 -19.23 -15.79 62.24
N TYR H 228 -20.18 -16.20 61.41
CA TYR H 228 -21.04 -17.36 61.79
C TYR H 228 -21.07 -18.54 60.85
N ALA H 229 -21.00 -19.72 61.48
CA ALA H 229 -21.55 -20.98 60.97
C ALA H 229 -23.10 -20.97 61.11
N PHE H 230 -23.81 -21.87 60.45
CA PHE H 230 -25.25 -21.74 60.48
C PHE H 230 -25.93 -23.07 60.28
N GLU H 231 -25.25 -24.03 59.65
CA GLU H 231 -25.93 -25.26 59.36
C GLU H 231 -25.03 -26.29 58.70
N ARG H 232 -25.44 -27.54 58.79
CA ARG H 232 -24.68 -28.65 58.30
C ARG H 232 -25.00 -28.76 56.83
N ILE H 233 -24.35 -29.67 56.12
CA ILE H 233 -24.69 -29.96 54.73
C ILE H 233 -24.16 -31.31 54.24
N PRO H 234 -25.03 -32.15 53.68
CA PRO H 234 -24.59 -33.28 52.83
C PRO H 234 -23.70 -32.92 51.61
N LEU H 235 -22.42 -33.31 51.57
CA LEU H 235 -21.67 -33.25 50.28
C LEU H 235 -21.42 -34.74 49.95
N VAL H 236 -21.44 -35.11 48.67
CA VAL H 236 -21.04 -36.49 48.26
C VAL H 236 -19.80 -36.53 47.33
N PRO H 237 -18.56 -36.37 47.89
CA PRO H 237 -17.29 -35.81 47.22
C PRO H 237 -16.30 -36.73 46.40
N SER I 52 4.32 81.28 90.58
CA SER I 52 3.46 80.92 89.40
C SER I 52 4.27 80.13 88.38
N ALA I 53 5.52 79.83 88.71
CA ALA I 53 6.44 79.22 87.75
C ALA I 53 6.68 77.75 87.99
N ARG I 54 6.36 77.28 89.18
CA ARG I 54 6.37 75.84 89.43
C ARG I 54 5.14 75.25 88.76
N ASP I 55 4.03 75.95 88.81
CA ASP I 55 2.85 75.47 88.15
C ASP I 55 3.22 75.06 86.74
N ILE I 56 4.02 75.84 86.04
CA ILE I 56 4.29 75.48 84.66
C ILE I 56 5.34 74.40 84.47
N HIS I 57 6.06 74.03 85.52
CA HIS I 57 6.91 72.87 85.39
C HIS I 57 6.03 71.66 85.56
N GLN I 58 5.30 71.64 86.67
CA GLN I 58 4.38 70.57 86.91
C GLN I 58 3.68 70.19 85.62
N LEU I 59 2.96 71.12 85.02
CA LEU I 59 2.28 70.80 83.79
C LEU I 59 3.22 70.23 82.76
N GLU I 60 4.18 71.01 82.27
CA GLU I 60 5.09 70.55 81.23
C GLU I 60 5.73 69.22 81.60
N ALA I 61 5.54 68.77 82.83
CA ALA I 61 6.16 67.52 83.24
C ALA I 61 5.17 66.42 83.41
N ARG I 62 3.87 66.76 83.46
CA ARG I 62 2.86 65.74 83.33
C ARG I 62 2.74 65.47 81.84
N ILE I 63 2.58 66.52 81.05
CA ILE I 63 2.51 66.39 79.59
C ILE I 63 3.66 65.56 79.02
N ASP I 64 4.87 66.07 79.09
CA ASP I 64 6.04 65.37 78.55
C ASP I 64 6.07 63.89 79.00
N SER I 65 5.30 63.53 80.02
CA SER I 65 5.28 62.15 80.52
C SER I 65 4.13 61.32 79.94
N LEU I 66 2.98 61.93 79.74
CA LEU I 66 1.90 61.19 79.14
C LEU I 66 2.26 60.95 77.69
N ALA I 67 2.56 62.01 76.95
CA ALA I 67 2.83 61.87 75.54
C ALA I 67 3.88 60.84 75.17
N ALA I 68 4.56 60.29 76.15
CA ALA I 68 5.50 59.25 75.85
C ALA I 68 5.11 57.98 76.55
N ARG I 69 3.98 58.00 77.24
CA ARG I 69 3.28 56.75 77.56
C ARG I 69 2.33 56.55 76.38
N ASN I 70 1.77 57.66 75.89
CA ASN I 70 0.89 57.63 74.74
C ASN I 70 1.57 57.12 73.50
N SER I 71 2.89 57.24 73.45
CA SER I 71 3.57 56.80 72.26
C SER I 71 4.17 55.44 72.43
N LYS I 72 4.21 54.92 73.65
CA LYS I 72 4.62 53.53 73.84
C LYS I 72 3.43 52.63 73.60
N LEU I 73 2.24 53.13 73.90
CA LEU I 73 1.04 52.37 73.63
C LEU I 73 0.77 52.38 72.14
N MET I 74 0.73 53.56 71.56
CA MET I 74 0.65 53.68 70.10
C MET I 74 1.37 52.53 69.41
N GLU I 75 2.60 52.29 69.84
CA GLU I 75 3.53 51.35 69.21
C GLU I 75 3.22 49.90 69.55
N THR I 76 2.88 49.59 70.80
CA THR I 76 2.47 48.22 71.11
C THR I 76 1.05 47.88 70.56
N LEU I 77 0.15 48.85 70.48
CA LEU I 77 -1.19 48.59 69.92
C LEU I 77 -1.11 48.35 68.43
N LYS I 78 -0.10 48.93 67.80
CA LYS I 78 0.12 48.71 66.39
C LYS I 78 0.53 47.26 66.23
N GLU I 79 1.47 46.83 67.06
CA GLU I 79 1.98 45.48 66.99
C GLU I 79 1.04 44.42 67.58
N ALA I 80 -0.09 44.84 68.13
CA ALA I 80 -1.13 43.88 68.43
C ALA I 80 -2.07 43.75 67.26
N ARG I 81 -2.47 44.86 66.65
CA ARG I 81 -3.31 44.79 65.45
C ARG I 81 -2.64 44.01 64.31
N GLN I 82 -1.32 44.13 64.17
CA GLN I 82 -0.53 43.40 63.12
C GLN I 82 -0.41 41.88 63.33
N GLN I 83 -0.68 41.42 64.56
CA GLN I 83 -0.69 39.99 64.86
C GLN I 83 -2.10 39.44 64.90
N LEU I 84 -3.07 40.30 65.20
CA LEU I 84 -4.47 39.90 65.25
C LEU I 84 -5.05 39.93 63.86
N LEU I 85 -4.38 40.57 62.92
CA LEU I 85 -4.88 40.50 61.55
C LEU I 85 -4.23 39.42 60.68
N ALA I 86 -2.92 39.20 60.86
CA ALA I 86 -2.22 38.05 60.22
C ALA I 86 -2.69 36.66 60.71
N LEU I 87 -3.15 36.59 61.95
CA LEU I 87 -3.81 35.40 62.42
C LEU I 87 -5.17 35.39 61.79
N ARG I 88 -5.99 36.43 61.98
CA ARG I 88 -7.37 36.31 61.49
C ARG I 88 -7.49 35.90 59.99
N GLU I 89 -6.56 36.31 59.11
CA GLU I 89 -6.59 35.82 57.72
C GLU I 89 -6.30 34.29 57.57
N GLU I 90 -5.24 33.78 58.24
CA GLU I 90 -5.03 32.31 58.29
C GLU I 90 -6.28 31.59 58.66
N VAL I 91 -6.95 31.99 59.75
CA VAL I 91 -8.18 31.33 60.15
C VAL I 91 -9.34 31.53 59.18
N ASP I 92 -9.40 32.71 58.56
CA ASP I 92 -10.45 32.98 57.55
C ASP I 92 -10.32 32.08 56.30
N ARG I 93 -9.08 31.64 56.03
CA ARG I 93 -8.78 30.61 55.01
C ARG I 93 -9.31 29.19 55.32
N LEU I 94 -9.36 28.84 56.59
CA LEU I 94 -9.74 27.49 56.96
C LEU I 94 -11.22 27.24 56.68
N GLY I 95 -11.97 28.33 56.60
CA GLY I 95 -13.41 28.31 56.24
C GLY I 95 -13.73 27.81 54.83
N GLN I 96 -12.99 28.32 53.83
CA GLN I 96 -13.15 27.91 52.41
C GLN I 96 -12.80 26.43 52.23
N PRO I 97 -13.74 25.66 51.65
CA PRO I 97 -13.63 24.21 51.52
C PRO I 97 -12.45 23.79 50.66
N PRO I 98 -11.98 22.52 50.86
CA PRO I 98 -10.80 21.84 50.30
C PRO I 98 -10.79 21.69 48.79
N SER I 99 -9.94 20.81 48.29
CA SER I 99 -9.88 20.62 46.86
C SER I 99 -9.84 19.14 46.57
N GLY I 100 -10.74 18.69 45.68
CA GLY I 100 -10.67 17.35 45.04
C GLY I 100 -9.75 17.28 43.81
N TYR I 101 -9.18 16.11 43.55
CA TYR I 101 -8.32 15.87 42.39
C TYR I 101 -8.89 14.67 41.58
N GLY I 102 -8.43 14.52 40.36
CA GLY I 102 -8.92 13.45 39.49
C GLY I 102 -8.32 13.53 38.09
N VAL I 103 -8.47 12.46 37.29
CA VAL I 103 -7.72 12.32 36.04
C VAL I 103 -8.54 12.85 34.96
N LEU I 104 -7.85 13.24 33.87
CA LEU I 104 -8.43 13.94 32.71
C LEU I 104 -8.69 13.01 31.54
N LEU I 105 -9.93 12.92 31.15
CA LEU I 105 -10.22 11.83 30.32
C LEU I 105 -10.43 12.18 28.86
N ALA I 106 -10.94 13.37 28.54
CA ALA I 106 -10.94 13.79 27.13
C ALA I 106 -11.45 15.20 26.89
N THR I 107 -10.75 15.99 26.05
CA THR I 107 -11.21 17.35 25.70
C THR I 107 -12.52 17.28 24.94
N HIS I 108 -13.39 18.25 25.18
CA HIS I 108 -14.62 18.36 24.42
C HIS I 108 -14.71 19.69 23.62
N ASP I 109 -15.13 19.61 22.35
CA ASP I 109 -15.28 20.83 21.52
C ASP I 109 -16.43 21.71 22.01
N ASP I 110 -16.90 21.33 23.19
CA ASP I 110 -17.72 22.14 24.05
C ASP I 110 -16.70 22.91 24.87
N ASP I 111 -17.07 23.31 26.08
CA ASP I 111 -16.10 23.91 26.99
C ASP I 111 -15.75 22.91 28.10
N THR I 112 -16.29 21.70 28.00
CA THR I 112 -16.37 20.79 29.13
C THR I 112 -15.31 19.68 29.07
N VAL I 113 -15.04 19.06 30.21
CA VAL I 113 -14.19 17.86 30.24
C VAL I 113 -14.78 16.66 30.95
N ASP I 114 -14.39 15.50 30.43
CA ASP I 114 -14.60 14.21 31.01
C ASP I 114 -13.43 13.89 31.94
N VAL I 115 -13.56 14.15 33.23
CA VAL I 115 -12.49 13.82 34.18
C VAL I 115 -12.92 12.61 34.87
N PHE I 116 -12.13 12.18 35.85
CA PHE I 116 -12.43 11.00 36.61
C PHE I 116 -12.12 11.30 38.03
N THR I 117 -13.15 11.49 38.83
CA THR I 117 -12.88 12.07 40.13
C THR I 117 -13.03 11.10 41.34
N SER I 118 -13.93 11.40 42.23
CA SER I 118 -14.06 10.60 43.40
C SER I 118 -14.56 9.27 42.93
N GLY I 119 -13.71 8.50 42.30
CA GLY I 119 -14.10 7.18 41.83
C GLY I 119 -14.81 6.98 40.51
N ARG I 120 -15.73 7.86 40.16
CA ARG I 120 -16.47 7.67 38.91
C ARG I 120 -16.03 8.61 37.78
N LYS I 121 -16.88 8.74 36.75
CA LYS I 121 -16.49 9.38 35.52
C LYS I 121 -17.38 10.52 35.26
N MET I 122 -17.00 11.72 35.61
CA MET I 122 -17.92 12.81 35.34
C MET I 122 -17.47 13.82 34.30
N ARG I 123 -18.46 14.47 33.66
CA ARG I 123 -18.28 15.59 32.75
C ARG I 123 -18.65 16.85 33.48
N LEU I 124 -17.70 17.76 33.56
CA LEU I 124 -17.90 18.99 34.30
C LEU I 124 -17.11 20.15 33.69
N THR I 125 -17.52 21.38 34.01
CA THR I 125 -17.03 22.60 33.37
C THR I 125 -15.71 23.11 33.88
N CYS I 126 -15.02 23.85 33.03
CA CYS I 126 -13.76 24.47 33.37
C CYS I 126 -13.93 25.91 33.79
N SER I 127 -12.98 26.39 34.59
CA SER I 127 -13.03 27.75 35.11
C SER I 127 -12.51 28.72 34.09
N PRO I 128 -13.25 29.82 33.89
CA PRO I 128 -12.91 30.89 32.99
C PRO I 128 -11.43 31.25 33.00
N ASN I 129 -10.64 30.66 33.89
CA ASN I 129 -9.22 31.00 33.96
C ASN I 129 -8.18 29.99 33.45
N ILE I 130 -8.56 28.76 33.14
CA ILE I 130 -7.54 27.83 32.60
C ILE I 130 -7.64 27.53 31.13
N ASP I 131 -6.55 26.97 30.62
CA ASP I 131 -6.30 26.92 29.19
C ASP I 131 -7.31 26.06 28.43
N ALA I 132 -8.48 26.67 28.16
CA ALA I 132 -9.64 26.07 27.49
C ALA I 132 -9.53 24.65 26.84
N ALA I 133 -8.39 24.35 26.20
CA ALA I 133 -8.20 23.06 25.50
C ALA I 133 -6.75 22.54 25.44
N SER I 134 -5.77 23.37 25.83
CA SER I 134 -4.35 22.98 25.79
C SER I 134 -3.80 22.32 27.09
N LEU I 135 -4.65 21.49 27.72
CA LEU I 135 -4.25 20.47 28.72
C LEU I 135 -4.30 19.12 28.00
N LYS I 136 -3.45 18.20 28.40
CA LYS I 136 -3.20 16.99 27.62
C LYS I 136 -3.94 15.74 28.18
N LYS I 137 -4.45 14.90 27.28
CA LYS I 137 -5.25 13.73 27.65
C LYS I 137 -4.59 12.90 28.76
N GLY I 138 -5.21 12.95 29.91
CA GLY I 138 -4.86 12.07 30.98
C GLY I 138 -3.90 12.70 31.90
N GLN I 139 -4.00 14.00 32.14
CA GLN I 139 -3.17 14.57 33.20
C GLN I 139 -4.00 14.80 34.42
N THR I 140 -3.35 14.91 35.56
CA THR I 140 -3.97 14.99 36.86
C THR I 140 -4.53 16.37 37.09
N VAL I 141 -5.83 16.61 37.13
CA VAL I 141 -6.29 17.99 37.35
C VAL I 141 -6.84 18.17 38.75
N ARG I 142 -7.11 19.40 39.18
CA ARG I 142 -7.63 19.69 40.52
C ARG I 142 -9.02 20.20 40.41
N LEU I 143 -9.83 20.07 41.45
CA LEU I 143 -11.24 20.39 41.35
C LEU I 143 -11.74 21.01 42.63
N ASN I 144 -12.69 21.94 42.54
CA ASN I 144 -13.16 22.61 43.76
C ASN I 144 -14.33 21.92 44.41
N GLU I 145 -15.09 22.62 45.25
CA GLU I 145 -16.17 21.99 46.02
C GLU I 145 -17.36 21.68 45.16
N ALA I 146 -17.68 22.57 44.22
CA ALA I 146 -18.84 22.32 43.36
C ALA I 146 -18.40 21.59 42.10
N LEU I 147 -17.19 21.06 42.14
CA LEU I 147 -16.60 20.26 41.06
C LEU I 147 -16.54 21.06 39.75
N THR I 148 -15.42 21.75 39.54
CA THR I 148 -15.23 22.69 38.45
C THR I 148 -13.74 22.83 38.37
N VAL I 149 -13.14 22.32 37.30
CA VAL I 149 -11.68 22.18 37.24
C VAL I 149 -11.04 23.51 37.36
N VAL I 150 -9.80 23.58 37.83
CA VAL I 150 -9.16 24.87 38.08
C VAL I 150 -7.67 24.89 37.97
N GLU I 151 -7.05 23.83 37.48
CA GLU I 151 -5.59 23.81 37.34
C GLU I 151 -5.17 22.66 36.44
N ALA I 152 -3.88 22.49 36.21
CA ALA I 152 -3.45 21.30 35.53
C ALA I 152 -2.47 20.75 36.48
N GLY I 153 -1.83 19.66 36.13
CA GLY I 153 -0.87 19.06 37.05
C GLY I 153 0.21 18.21 36.41
N THR I 154 0.72 17.26 37.18
CA THR I 154 1.80 16.41 36.74
C THR I 154 1.18 15.20 36.13
N PHE I 155 1.88 14.09 36.24
CA PHE I 155 1.33 12.86 35.78
C PHE I 155 1.36 11.78 36.83
N GLU I 156 0.17 11.42 37.34
CA GLU I 156 0.06 10.37 38.35
C GLU I 156 1.16 9.37 38.11
N ALA I 157 1.99 9.20 39.12
CA ALA I 157 3.30 8.69 38.90
C ALA I 157 3.58 7.43 39.70
N VAL I 158 2.54 6.80 40.24
CA VAL I 158 2.73 5.69 41.13
C VAL I 158 1.55 4.83 40.88
N GLY I 159 1.73 3.53 40.77
CA GLY I 159 0.56 2.70 40.56
C GLY I 159 0.90 1.32 40.07
N GLU I 160 0.04 0.77 39.24
CA GLU I 160 0.25 -0.55 38.70
C GLU I 160 1.29 -0.54 37.58
N ILE I 161 1.98 -1.64 37.38
CA ILE I 161 2.85 -1.79 36.20
C ILE I 161 2.33 -2.94 35.38
N SER I 162 2.12 -2.71 34.11
CA SER I 162 1.65 -3.75 33.22
C SER I 162 2.66 -3.89 32.13
N THR I 163 2.59 -4.95 31.33
CA THR I 163 3.31 -4.88 30.09
C THR I 163 2.32 -4.61 29.00
N LEU I 164 2.90 -4.14 27.89
CA LEU I 164 2.22 -3.54 26.75
C LEU I 164 2.17 -4.51 25.63
N ARG I 165 0.98 -4.94 25.30
CA ARG I 165 0.91 -6.06 24.46
C ARG I 165 0.98 -5.62 23.00
N GLU I 166 0.12 -4.69 22.59
CA GLU I 166 0.25 -4.06 21.26
C GLU I 166 -0.53 -2.79 21.31
N ILE I 167 -0.02 -1.75 20.64
CA ILE I 167 -0.73 -0.48 20.62
C ILE I 167 -1.86 -0.72 19.71
N LEU I 168 -2.85 0.14 19.80
CA LEU I 168 -4.11 -0.29 19.28
C LEU I 168 -4.44 0.30 17.92
N ALA I 169 -5.26 -0.45 17.19
CA ALA I 169 -5.97 0.04 16.01
C ALA I 169 -5.61 1.51 15.64
N ASP I 170 -6.23 2.42 16.36
CA ASP I 170 -6.28 3.83 16.01
C ASP I 170 -5.18 4.71 16.58
N GLY I 171 -4.46 4.24 17.60
CA GLY I 171 -3.25 4.92 18.07
C GLY I 171 -3.41 5.76 19.31
N HIS I 172 -4.51 5.50 20.02
CA HIS I 172 -4.83 6.11 21.34
C HIS I 172 -4.99 5.13 22.55
N ARG I 173 -5.54 3.96 22.25
CA ARG I 173 -5.74 2.90 23.20
C ARG I 173 -4.61 1.87 23.08
N ALA I 174 -4.26 1.25 24.20
CA ALA I 174 -3.37 0.10 24.18
C ALA I 174 -4.10 -1.09 24.77
N LEU I 175 -3.66 -2.28 24.44
CA LEU I 175 -4.11 -3.41 25.20
C LEU I 175 -2.88 -3.84 25.97
N VAL I 176 -2.95 -3.75 27.33
CA VAL I 176 -1.84 -4.09 28.25
C VAL I 176 -2.23 -5.23 29.10
N VAL I 177 -1.25 -5.96 29.61
CA VAL I 177 -1.60 -7.10 30.44
C VAL I 177 -1.09 -6.80 31.80
N GLY I 178 -1.96 -7.01 32.79
CA GLY I 178 -1.71 -6.70 34.20
C GLY I 178 -0.82 -7.70 34.94
N HIS I 179 -1.08 -7.85 36.25
CA HIS I 179 -0.06 -8.47 37.08
C HIS I 179 -0.24 -9.96 37.19
N ALA I 180 -1.50 -10.37 37.27
CA ALA I 180 -1.85 -11.73 36.95
C ALA I 180 -2.54 -11.49 35.67
N ASP I 181 -2.65 -12.55 34.90
CA ASP I 181 -2.75 -12.45 33.46
C ASP I 181 -3.88 -11.64 32.79
N GLU I 182 -4.55 -10.69 33.48
CA GLU I 182 -5.74 -10.07 32.85
C GLU I 182 -5.41 -8.96 31.91
N GLU I 183 -6.14 -8.92 30.81
CA GLU I 183 -5.82 -8.02 29.74
C GLU I 183 -6.84 -6.89 29.69
N ARG I 184 -6.36 -5.66 29.80
CA ARG I 184 -7.26 -4.49 29.79
C ARG I 184 -6.81 -3.52 28.73
N VAL I 185 -7.71 -2.64 28.36
CA VAL I 185 -7.47 -1.80 27.23
C VAL I 185 -7.58 -0.35 27.65
N VAL I 186 -6.48 0.36 27.58
CA VAL I 186 -6.34 1.59 28.33
C VAL I 186 -6.19 2.69 27.37
N TRP I 187 -6.62 3.91 27.70
CA TRP I 187 -6.17 5.09 26.93
C TRP I 187 -4.70 5.35 27.28
N LEU I 188 -3.87 5.86 26.32
CA LEU I 188 -2.46 6.36 26.58
C LEU I 188 -2.47 7.82 26.71
N ALA I 189 -1.66 8.37 27.56
CA ALA I 189 -1.80 9.79 27.80
C ALA I 189 -0.78 10.46 26.97
N ASP I 190 -0.99 11.73 26.65
CA ASP I 190 -0.22 12.35 25.57
C ASP I 190 1.29 12.02 25.52
N PRO I 191 2.05 12.26 26.60
CA PRO I 191 3.47 12.08 26.54
C PRO I 191 3.87 10.65 26.35
N LEU I 192 3.02 9.84 25.76
CA LEU I 192 3.48 8.53 25.41
C LEU I 192 3.34 8.40 23.92
N ILE I 193 2.43 9.19 23.35
CA ILE I 193 2.30 9.37 21.89
C ILE I 193 2.34 10.83 21.41
N ALA I 194 3.16 11.66 22.04
CA ALA I 194 3.41 12.99 21.51
C ALA I 194 4.04 12.84 20.10
N GLU I 195 4.15 13.96 19.37
CA GLU I 195 4.66 13.91 18.00
C GLU I 195 6.16 13.61 17.85
N ASP I 196 7.01 14.32 18.60
CA ASP I 196 8.48 14.20 18.41
C ASP I 196 9.17 13.21 19.40
N LEU I 197 8.88 11.92 19.09
CA LEU I 197 9.56 10.86 19.84
C LEU I 197 10.42 9.92 18.93
N PRO I 198 11.73 9.87 19.21
CA PRO I 198 12.74 9.13 18.46
C PRO I 198 12.34 7.67 18.15
N ASP I 199 12.32 7.26 16.88
CA ASP I 199 12.11 5.84 16.52
C ASP I 199 12.70 4.85 17.54
N GLY I 200 13.89 5.18 18.08
CA GLY I 200 14.51 4.41 19.19
C GLY I 200 15.97 3.86 19.05
N LEU I 201 16.25 3.24 17.89
CA LEU I 201 17.40 2.31 17.66
C LEU I 201 16.99 0.86 18.11
N PRO I 202 17.74 -0.21 17.68
CA PRO I 202 17.25 -1.56 18.08
C PRO I 202 17.61 -1.99 19.53
N GLU I 203 18.88 -1.78 19.94
CA GLU I 203 19.36 -1.94 21.33
C GLU I 203 20.86 -2.28 21.41
N ALA I 204 21.57 -2.21 20.28
CA ALA I 204 22.97 -2.69 20.19
C ALA I 204 24.08 -1.87 20.93
N LEU I 205 23.68 -0.84 21.70
CA LEU I 205 24.49 -0.13 22.74
C LEU I 205 23.50 0.07 23.89
N ASN I 206 23.92 -0.22 25.14
CA ASN I 206 22.93 -0.21 26.22
C ASN I 206 22.65 1.09 26.99
N ASP I 207 21.46 1.10 27.59
CA ASP I 207 20.81 2.26 28.25
C ASP I 207 19.61 2.72 27.42
N ASP I 208 18.43 2.79 28.03
CA ASP I 208 17.17 3.12 27.35
C ASP I 208 16.41 4.24 28.00
N THR I 209 16.96 4.77 29.08
CA THR I 209 16.24 5.66 29.98
C THR I 209 15.65 6.92 29.33
N ARG I 210 15.95 7.17 28.05
CA ARG I 210 15.56 8.46 27.44
C ARG I 210 14.28 8.39 26.57
N PRO I 211 13.37 9.39 26.70
CA PRO I 211 12.07 9.45 26.02
C PRO I 211 12.06 8.71 24.65
N ARG I 212 10.99 7.93 24.36
CA ARG I 212 10.89 7.14 23.09
C ARG I 212 9.47 6.75 22.62
N LYS I 213 9.35 6.14 21.43
CA LYS I 213 8.07 5.71 20.89
C LYS I 213 7.87 4.39 21.53
N LEU I 214 6.62 4.08 21.76
CA LEU I 214 6.31 2.92 22.55
C LEU I 214 6.42 1.66 21.76
N ARG I 215 7.10 0.70 22.34
CA ARG I 215 7.36 -0.54 21.68
C ARG I 215 6.68 -1.61 22.46
N PRO I 216 6.13 -2.63 21.79
CA PRO I 216 5.53 -3.68 22.55
C PRO I 216 6.63 -4.33 23.33
N GLY I 217 6.28 -4.78 24.53
CA GLY I 217 7.27 -5.15 25.52
C GLY I 217 7.24 -4.17 26.68
N ASP I 218 7.64 -2.94 26.40
CA ASP I 218 7.78 -1.93 27.45
C ASP I 218 6.74 -2.02 28.53
N SER I 219 7.24 -1.92 29.75
CA SER I 219 6.48 -1.97 30.94
C SER I 219 6.06 -0.57 31.18
N LEU I 220 4.79 -0.29 31.13
CA LEU I 220 4.37 1.06 31.43
C LEU I 220 3.35 1.09 32.54
N LEU I 221 3.17 2.25 33.17
CA LEU I 221 2.47 2.34 34.43
C LEU I 221 1.07 2.85 34.19
N VAL I 222 0.08 2.31 34.89
CA VAL I 222 -1.29 2.47 34.47
C VAL I 222 -2.29 2.47 35.61
N ASP I 223 -3.47 3.06 35.40
CA ASP I 223 -4.45 3.22 36.51
C ASP I 223 -5.79 2.61 36.19
N THR I 224 -5.79 1.28 36.07
CA THR I 224 -6.90 0.50 35.51
C THR I 224 -8.29 0.93 35.85
N LYS I 225 -8.47 1.56 36.99
CA LYS I 225 -9.79 2.04 37.31
C LYS I 225 -10.10 3.37 36.69
N ALA I 226 -9.20 3.95 35.95
CA ALA I 226 -9.58 5.17 35.30
C ALA I 226 -9.40 5.05 33.80
N GLY I 227 -8.27 4.50 33.40
CA GLY I 227 -8.16 3.91 32.11
C GLY I 227 -6.94 4.33 31.41
N TYR I 228 -6.07 5.05 32.08
CA TYR I 228 -4.92 5.55 31.35
C TYR I 228 -3.65 4.78 31.64
N ALA I 229 -2.69 4.91 30.74
CA ALA I 229 -1.30 4.67 31.05
C ALA I 229 -0.62 6.07 31.12
N PHE I 230 0.56 6.21 31.69
CA PHE I 230 0.92 7.52 32.11
C PHE I 230 2.35 7.85 31.89
N GLU I 231 3.21 6.86 31.71
CA GLU I 231 4.63 7.10 31.60
C GLU I 231 5.19 5.73 31.46
N ARG I 232 6.48 5.57 31.27
CA ARG I 232 6.99 4.29 30.87
C ARG I 232 8.13 3.92 31.77
N ILE I 233 8.55 2.68 31.75
CA ILE I 233 9.56 2.30 32.68
C ILE I 233 10.77 1.64 32.06
N PRO I 234 11.93 2.24 32.31
CA PRO I 234 13.23 1.65 32.13
C PRO I 234 13.25 0.22 32.65
N LEU I 235 13.31 -0.73 31.71
CA LEU I 235 13.50 -2.12 32.06
C LEU I 235 14.97 -2.42 32.40
N VAL I 236 15.20 -3.52 33.15
CA VAL I 236 16.50 -4.27 33.29
C VAL I 236 16.19 -5.81 33.58
N PRO I 237 16.83 -6.77 32.83
CA PRO I 237 17.13 -8.09 33.44
C PRO I 237 18.66 -8.39 33.60
N SER J 52 0.71 85.61 81.83
CA SER J 52 -0.55 85.36 81.09
C SER J 52 -1.37 84.25 81.74
N ALA J 53 -2.67 84.27 81.46
CA ALA J 53 -3.60 83.27 81.99
C ALA J 53 -4.27 82.42 80.90
N ARG J 54 -3.82 82.52 79.65
CA ARG J 54 -4.36 81.72 78.54
C ARG J 54 -3.57 80.42 78.29
N ASP J 55 -2.25 80.47 78.52
CA ASP J 55 -1.35 79.31 78.37
C ASP J 55 -1.74 78.19 79.34
N ILE J 56 -1.98 78.56 80.61
CA ILE J 56 -2.40 77.63 81.65
C ILE J 56 -3.67 76.86 81.25
N HIS J 57 -4.69 77.58 80.77
CA HIS J 57 -5.94 76.96 80.29
C HIS J 57 -5.72 76.11 79.03
N GLN J 58 -4.68 76.43 78.25
CA GLN J 58 -4.35 75.71 77.01
C GLN J 58 -3.65 74.38 77.29
N LEU J 59 -2.95 74.30 78.41
CA LEU J 59 -2.29 73.06 78.79
C LEU J 59 -3.25 72.16 79.54
N GLU J 60 -3.95 72.72 80.52
CA GLU J 60 -4.97 72.01 81.28
C GLU J 60 -6.01 71.38 80.34
N ALA J 61 -5.99 71.81 79.08
CA ALA J 61 -6.89 71.28 78.07
C ALA J 61 -6.22 70.22 77.20
N ARG J 62 -4.91 70.35 77.01
CA ARG J 62 -4.18 69.32 76.29
C ARG J 62 -3.99 68.09 77.17
N ILE J 63 -3.76 68.31 78.46
CA ILE J 63 -3.62 67.21 79.40
C ILE J 63 -4.86 66.32 79.45
N ASP J 64 -6.04 66.92 79.33
CA ASP J 64 -7.27 66.15 79.28
C ASP J 64 -7.41 65.50 77.92
N SER J 65 -7.12 66.26 76.87
CA SER J 65 -7.13 65.74 75.51
C SER J 65 -6.11 64.62 75.33
N LEU J 66 -5.25 64.42 76.33
CA LEU J 66 -4.32 63.31 76.29
C LEU J 66 -4.65 62.24 77.31
N ALA J 67 -5.32 62.62 78.40
CA ALA J 67 -5.76 61.63 79.36
C ALA J 67 -6.87 60.79 78.76
N ALA J 68 -7.65 61.42 77.90
CA ALA J 68 -8.76 60.77 77.22
C ALA J 68 -8.27 59.79 76.19
N ARG J 69 -7.30 60.20 75.36
CA ARG J 69 -6.67 59.27 74.44
C ARG J 69 -5.91 58.19 75.19
N ASN J 70 -5.61 58.38 76.46
CA ASN J 70 -5.00 57.30 77.22
C ASN J 70 -5.97 56.32 77.85
N SER J 71 -7.14 56.80 78.22
CA SER J 71 -8.15 55.89 78.74
C SER J 71 -8.59 54.94 77.65
N LYS J 72 -8.86 55.47 76.45
CA LYS J 72 -9.43 54.70 75.33
C LYS J 72 -8.42 53.82 74.59
N LEU J 73 -7.14 54.11 74.73
CA LEU J 73 -6.17 53.23 74.12
C LEU J 73 -5.94 52.08 75.07
N MET J 74 -5.69 52.38 76.34
CA MET J 74 -5.45 51.32 77.29
C MET J 74 -6.56 50.30 77.25
N GLU J 75 -7.75 50.71 76.79
CA GLU J 75 -8.85 49.76 76.60
C GLU J 75 -8.79 48.99 75.26
N THR J 76 -8.52 49.66 74.14
CA THR J 76 -8.51 48.95 72.88
C THR J 76 -7.44 47.87 72.90
N LEU J 77 -6.35 48.06 73.64
CA LEU J 77 -5.39 46.95 73.81
C LEU J 77 -6.03 45.74 74.49
N LYS J 78 -6.69 45.96 75.62
CA LYS J 78 -7.36 44.85 76.30
C LYS J 78 -8.27 44.19 75.29
N GLU J 79 -8.93 44.98 74.45
CA GLU J 79 -9.81 44.44 73.42
C GLU J 79 -9.06 43.62 72.35
N ALA J 80 -7.86 44.04 71.99
CA ALA J 80 -7.11 43.19 71.11
C ALA J 80 -6.54 41.98 71.86
N ARG J 81 -6.01 42.15 73.07
CA ARG J 81 -5.40 41.00 73.78
C ARG J 81 -6.42 39.97 74.30
N GLN J 82 -7.67 40.40 74.56
CA GLN J 82 -8.78 39.45 74.82
C GLN J 82 -9.15 38.77 73.50
N GLN J 83 -9.20 39.50 72.40
CA GLN J 83 -9.49 38.88 71.11
C GLN J 83 -8.47 37.85 70.68
N LEU J 84 -7.19 38.18 70.65
CA LEU J 84 -6.21 37.15 70.35
C LEU J 84 -6.26 35.95 71.30
N LEU J 85 -6.49 36.14 72.60
CA LEU J 85 -6.58 34.93 73.46
C LEU J 85 -7.82 34.07 73.12
N ALA J 86 -8.75 34.63 72.33
CA ALA J 86 -9.91 33.87 71.88
C ALA J 86 -9.67 33.18 70.54
N LEU J 87 -8.97 33.85 69.64
CA LEU J 87 -8.66 33.24 68.36
C LEU J 87 -7.71 32.12 68.59
N ARG J 88 -6.64 32.35 69.34
CA ARG J 88 -5.71 31.26 69.59
C ARG J 88 -6.28 30.17 70.52
N GLU J 89 -7.27 30.49 71.36
CA GLU J 89 -7.98 29.43 72.11
C GLU J 89 -8.79 28.59 71.09
N GLU J 90 -9.19 29.22 69.96
CA GLU J 90 -10.00 28.56 68.92
C GLU J 90 -9.16 27.61 68.11
N VAL J 91 -7.93 27.96 67.92
CA VAL J 91 -7.12 27.14 67.11
C VAL J 91 -6.75 25.79 67.78
N ASP J 92 -6.87 25.71 69.10
CA ASP J 92 -6.72 24.41 69.77
C ASP J 92 -8.07 23.66 69.78
N ARG J 93 -9.18 24.39 69.60
CA ARG J 93 -10.55 23.80 69.47
C ARG J 93 -10.67 23.04 68.13
N LEU J 94 -9.76 23.36 67.22
CA LEU J 94 -9.66 22.72 65.91
C LEU J 94 -8.92 21.39 65.99
N GLY J 95 -8.00 21.28 66.93
CA GLY J 95 -7.26 20.05 67.08
C GLY J 95 -7.95 19.11 68.02
N GLN J 96 -9.22 19.39 68.26
CA GLN J 96 -9.99 18.59 69.18
C GLN J 96 -10.48 17.30 68.51
N PRO J 97 -10.47 16.16 69.24
CA PRO J 97 -11.10 14.91 68.89
C PRO J 97 -12.62 15.10 68.66
N PRO J 98 -13.27 14.28 67.79
CA PRO J 98 -12.89 13.11 67.00
C PRO J 98 -12.18 13.54 65.73
N SER J 99 -11.04 12.92 65.46
CA SER J 99 -10.23 13.35 64.32
C SER J 99 -9.71 12.21 63.53
N GLY J 100 -9.60 12.46 62.24
CA GLY J 100 -9.20 11.45 61.28
C GLY J 100 -7.80 11.58 60.72
N TYR J 101 -7.36 10.55 60.02
CA TYR J 101 -5.96 10.36 59.72
C TYR J 101 -5.67 10.08 58.23
N GLY J 102 -4.91 10.98 57.63
CA GLY J 102 -4.47 10.77 56.26
C GLY J 102 -2.95 10.82 56.07
N VAL J 103 -2.52 10.27 54.92
CA VAL J 103 -1.12 10.31 54.50
C VAL J 103 -0.93 11.59 53.76
N LEU J 104 0.26 12.17 53.99
CA LEU J 104 0.70 13.41 53.35
C LEU J 104 1.46 13.18 52.04
N LEU J 105 0.82 13.48 50.93
CA LEU J 105 1.43 13.30 49.62
C LEU J 105 2.45 14.38 49.25
N ALA J 106 2.03 15.62 49.00
CA ALA J 106 3.04 16.66 48.85
C ALA J 106 2.66 18.03 49.45
N THR J 107 3.68 18.75 49.93
CA THR J 107 3.59 20.11 50.51
C THR J 107 3.54 21.16 49.43
N HIS J 108 2.73 22.17 49.68
CA HIS J 108 2.72 23.35 48.82
C HIS J 108 3.42 24.51 49.46
N ASP J 109 3.71 25.51 48.63
CA ASP J 109 4.27 26.78 49.13
C ASP J 109 3.21 27.57 49.94
N ASP J 110 1.98 27.68 49.42
CA ASP J 110 0.94 28.52 50.06
C ASP J 110 0.19 27.93 51.29
N ASP J 111 0.84 26.96 51.92
CA ASP J 111 0.39 26.41 53.20
C ASP J 111 -0.82 25.50 53.06
N THR J 112 -0.78 24.72 51.97
CA THR J 112 -1.71 23.65 51.70
C THR J 112 -1.00 22.31 51.57
N VAL J 113 -1.79 21.27 51.62
CA VAL J 113 -1.24 19.96 51.47
C VAL J 113 -2.06 19.05 50.53
N ASP J 114 -1.32 18.32 49.69
CA ASP J 114 -1.80 17.09 49.09
C ASP J 114 -1.78 15.95 50.17
N VAL J 115 -2.91 15.69 50.82
CA VAL J 115 -2.99 14.53 51.69
C VAL J 115 -3.84 13.52 51.03
N PHE J 116 -3.83 12.32 51.58
CA PHE J 116 -4.61 11.31 50.99
C PHE J 116 -5.26 10.71 52.17
N THR J 117 -6.55 10.98 52.27
CA THR J 117 -7.41 10.49 53.34
C THR J 117 -8.63 9.78 52.68
N SER J 118 -9.40 8.94 53.36
CA SER J 118 -10.67 8.52 52.76
C SER J 118 -10.48 8.17 51.29
N GLY J 119 -9.33 7.61 50.96
CA GLY J 119 -9.13 7.07 49.62
C GLY J 119 -9.14 7.98 48.40
N ARG J 120 -9.16 9.29 48.56
CA ARG J 120 -8.81 10.17 47.41
C ARG J 120 -7.63 11.16 47.66
N LYS J 121 -7.23 11.91 46.63
CA LYS J 121 -6.16 12.85 46.80
C LYS J 121 -6.87 14.13 47.19
N MET J 122 -6.43 14.79 48.23
CA MET J 122 -7.06 16.06 48.54
C MET J 122 -6.11 17.18 48.86
N ARG J 123 -6.52 18.39 48.51
CA ARG J 123 -5.67 19.55 48.71
C ARG J 123 -6.19 20.42 49.83
N LEU J 124 -5.51 20.28 50.94
CA LEU J 124 -6.00 20.67 52.22
C LEU J 124 -5.30 21.86 52.85
N THR J 125 -6.11 22.70 53.50
CA THR J 125 -5.65 23.91 54.23
C THR J 125 -5.31 23.47 55.64
N CYS J 126 -4.21 23.97 56.18
CA CYS J 126 -3.84 23.53 57.55
C CYS J 126 -3.89 24.61 58.64
N SER J 127 -3.79 24.17 59.89
CA SER J 127 -3.91 25.08 61.01
C SER J 127 -2.64 25.86 61.16
N PRO J 128 -2.80 27.16 61.40
CA PRO J 128 -1.84 27.97 62.06
C PRO J 128 -0.80 27.12 62.79
N ASN J 129 -1.26 26.34 63.78
CA ASN J 129 -0.38 25.60 64.68
C ASN J 129 0.71 24.79 63.98
N ILE J 130 0.61 24.66 62.67
CA ILE J 130 1.39 23.63 62.03
C ILE J 130 2.56 24.02 61.16
N ASP J 131 3.72 23.54 61.58
CA ASP J 131 5.03 23.88 61.00
C ASP J 131 5.32 23.28 59.57
N ALA J 132 4.71 23.87 58.54
CA ALA J 132 4.69 23.27 57.18
C ALA J 132 6.08 23.05 56.51
N ALA J 133 7.11 23.56 57.16
CA ALA J 133 8.49 23.34 56.71
C ALA J 133 8.94 21.93 57.11
N SER J 134 8.57 21.53 58.32
CA SER J 134 9.03 20.23 58.83
C SER J 134 8.02 19.08 58.56
N LEU J 135 7.10 19.31 57.62
CA LEU J 135 6.24 18.25 57.09
C LEU J 135 7.04 17.38 56.14
N LYS J 136 7.05 16.06 56.37
CA LYS J 136 7.84 15.16 55.53
C LYS J 136 6.97 14.28 54.62
N LYS J 137 7.27 14.27 53.32
CA LYS J 137 6.55 13.46 52.31
C LYS J 137 6.30 12.07 52.86
N GLY J 138 5.02 11.80 53.06
CA GLY J 138 4.57 10.46 53.46
C GLY J 138 4.72 10.37 54.95
N GLN J 139 3.89 11.13 55.64
CA GLN J 139 3.93 11.13 57.06
C GLN J 139 2.49 11.29 57.37
N THR J 140 2.12 10.68 58.46
CA THR J 140 0.73 10.54 58.75
C THR J 140 0.31 11.78 59.46
N VAL J 141 -0.68 12.47 58.92
CA VAL J 141 -1.14 13.68 59.54
C VAL J 141 -2.47 13.38 60.27
N ARG J 142 -3.04 14.35 60.99
CA ARG J 142 -4.37 14.23 61.62
C ARG J 142 -5.37 15.27 61.05
N LEU J 143 -6.67 15.06 61.11
CA LEU J 143 -7.58 16.02 60.47
C LEU J 143 -8.94 16.06 61.13
N ASN J 144 -9.46 17.27 61.36
CA ASN J 144 -10.70 17.45 62.14
C ASN J 144 -11.96 17.18 61.34
N GLU J 145 -13.11 17.59 61.87
CA GLU J 145 -14.39 17.40 61.21
C GLU J 145 -14.30 17.73 59.71
N ALA J 146 -14.36 19.03 59.36
CA ALA J 146 -14.09 19.51 57.99
C ALA J 146 -12.61 19.35 57.84
N LEU J 147 -12.17 18.88 56.71
CA LEU J 147 -10.84 18.35 56.70
C LEU J 147 -9.87 19.50 56.70
N THR J 148 -9.01 19.57 57.72
CA THR J 148 -8.16 20.75 57.98
C THR J 148 -7.08 20.24 58.91
N VAL J 149 -5.85 20.21 58.44
CA VAL J 149 -4.82 19.38 59.09
C VAL J 149 -4.59 19.93 60.49
N VAL J 150 -4.18 19.12 61.46
CA VAL J 150 -3.94 19.65 62.79
C VAL J 150 -2.85 19.01 63.59
N GLU J 151 -1.98 18.23 62.98
CA GLU J 151 -0.80 17.67 63.69
C GLU J 151 0.11 17.00 62.65
N ALA J 152 1.36 16.68 63.01
CA ALA J 152 2.14 15.79 62.17
C ALA J 152 2.32 14.58 63.00
N GLY J 153 2.90 13.52 62.46
CA GLY J 153 2.92 12.26 63.22
C GLY J 153 3.93 11.26 62.74
N THR J 154 4.02 10.12 63.45
CA THR J 154 4.95 9.05 63.09
C THR J 154 4.75 8.66 61.63
N PHE J 155 5.09 7.41 61.36
CA PHE J 155 4.79 6.83 60.09
C PHE J 155 3.91 5.64 60.26
N GLU J 156 3.15 5.32 59.23
CA GLU J 156 2.32 4.16 59.42
C GLU J 156 3.28 3.00 59.70
N ALA J 157 2.88 2.12 60.61
CA ALA J 157 3.79 1.11 61.12
C ALA J 157 3.39 -0.29 60.75
N VAL J 158 2.18 -0.47 60.24
CA VAL J 158 1.68 -1.79 59.95
C VAL J 158 1.19 -1.83 58.54
N GLY J 159 1.15 -3.02 57.96
CA GLY J 159 0.61 -3.13 56.60
C GLY J 159 1.29 -4.11 55.68
N GLU J 160 1.16 -3.83 54.38
CA GLU J 160 1.69 -4.70 53.33
C GLU J 160 3.27 -4.64 53.33
N ILE J 161 3.87 -5.84 53.38
CA ILE J 161 5.28 -6.02 53.08
C ILE J 161 5.38 -6.37 51.59
N SER J 162 6.25 -5.66 50.89
CA SER J 162 6.77 -6.18 49.62
C SER J 162 8.24 -5.90 49.51
N THR J 163 8.88 -6.75 48.74
CA THR J 163 10.33 -6.70 48.53
C THR J 163 10.53 -5.72 47.39
N LEU J 164 11.72 -5.19 47.19
CA LEU J 164 11.74 -4.22 46.11
C LEU J 164 12.76 -4.56 45.08
N ARG J 165 12.44 -4.23 43.83
CA ARG J 165 13.30 -4.69 42.78
C ARG J 165 14.36 -3.71 42.37
N GLU J 166 14.03 -2.41 42.27
CA GLU J 166 15.05 -1.33 42.05
C GLU J 166 14.54 0.07 42.42
N ILE J 167 15.46 0.99 42.69
CA ILE J 167 15.08 2.37 42.92
C ILE J 167 15.04 2.96 41.54
N LEU J 168 14.39 4.10 41.36
CA LEU J 168 14.24 4.62 39.99
C LEU J 168 15.17 5.77 39.76
N ALA J 169 15.35 6.14 38.50
CA ALA J 169 16.23 7.25 38.18
C ALA J 169 15.86 8.51 38.96
N ASP J 170 14.58 8.66 39.27
CA ASP J 170 14.13 9.74 40.13
C ASP J 170 14.95 9.83 41.41
N GLY J 171 15.13 8.67 42.06
CA GLY J 171 15.78 8.57 43.37
C GLY J 171 14.78 8.74 44.50
N HIS J 172 13.51 8.73 44.12
CA HIS J 172 12.39 8.96 45.01
C HIS J 172 11.35 7.81 44.94
N ARG J 173 11.38 7.03 43.87
CA ARG J 173 10.34 6.08 43.64
C ARG J 173 10.88 4.68 43.47
N ALA J 174 10.13 3.69 43.92
CA ALA J 174 10.58 2.32 43.75
C ALA J 174 9.69 1.42 42.90
N LEU J 175 10.33 0.41 42.32
CA LEU J 175 9.67 -0.74 41.83
C LEU J 175 9.72 -1.70 42.98
N VAL J 176 8.59 -1.79 43.65
CA VAL J 176 8.37 -2.78 44.65
C VAL J 176 7.69 -3.96 44.02
N VAL J 177 7.93 -5.15 44.55
CA VAL J 177 7.13 -6.27 44.10
C VAL J 177 6.47 -7.03 45.24
N GLY J 178 5.17 -6.79 45.29
CA GLY J 178 4.27 -7.52 46.18
C GLY J 178 4.12 -9.03 45.99
N HIS J 179 3.03 -9.48 46.58
CA HIS J 179 2.95 -10.86 46.96
C HIS J 179 2.57 -11.83 45.81
N ALA J 180 1.80 -11.36 44.85
CA ALA J 180 1.51 -12.22 43.74
C ALA J 180 2.27 -11.67 42.57
N ASP J 181 3.60 -11.67 42.72
CA ASP J 181 4.45 -11.18 41.67
C ASP J 181 3.82 -9.96 41.04
N GLU J 182 3.22 -9.09 41.89
CA GLU J 182 2.56 -7.86 41.48
C GLU J 182 3.51 -6.68 41.61
N GLU J 183 3.55 -5.79 40.63
CA GLU J 183 4.59 -4.79 40.69
C GLU J 183 3.99 -3.46 40.64
N ARG J 184 4.41 -2.56 41.51
CA ARG J 184 3.71 -1.31 41.65
C ARG J 184 4.77 -0.34 41.91
N VAL J 185 4.43 0.94 41.93
CA VAL J 185 5.45 1.98 42.02
C VAL J 185 5.04 2.98 43.10
N VAL J 186 5.80 2.99 44.20
CA VAL J 186 5.50 3.86 45.32
C VAL J 186 6.50 4.94 45.42
N TRP J 187 6.09 6.07 45.98
CA TRP J 187 7.00 7.06 46.56
C TRP J 187 7.66 6.45 47.82
N LEU J 188 8.89 6.92 48.12
CA LEU J 188 9.70 6.53 49.28
C LEU J 188 9.61 7.56 50.34
N ALA J 189 9.32 7.12 51.55
CA ALA J 189 9.22 8.05 52.65
C ALA J 189 10.59 8.64 52.94
N ASP J 190 10.66 9.97 53.01
CA ASP J 190 11.95 10.69 53.12
C ASP J 190 13.07 9.93 53.87
N PRO J 191 12.70 9.26 54.96
CA PRO J 191 13.58 8.42 55.75
C PRO J 191 14.25 7.25 55.07
N LEU J 192 14.16 7.09 53.77
CA LEU J 192 14.73 5.85 53.22
C LEU J 192 15.71 6.15 52.11
N ILE J 193 15.68 7.43 51.71
CA ILE J 193 16.70 8.04 50.89
C ILE J 193 17.45 9.17 51.63
N ALA J 194 17.02 9.44 52.87
CA ALA J 194 17.59 10.50 53.71
C ALA J 194 19.09 10.70 53.49
N GLU J 195 19.51 11.96 53.57
CA GLU J 195 20.88 12.35 53.23
C GLU J 195 21.96 11.51 53.95
N ASP J 196 22.16 11.75 55.26
CA ASP J 196 23.15 10.99 56.03
C ASP J 196 22.63 9.62 56.47
N LEU J 197 22.77 8.70 55.50
CA LEU J 197 22.41 7.32 55.70
C LEU J 197 23.60 6.50 55.37
N PRO J 198 24.22 5.80 56.41
CA PRO J 198 25.50 5.08 56.28
C PRO J 198 25.49 3.97 55.20
N ASP J 199 25.70 4.39 53.96
CA ASP J 199 26.34 3.58 52.89
C ASP J 199 25.85 2.12 52.79
N GLY J 200 26.13 1.33 53.83
CA GLY J 200 25.74 -0.08 53.87
C GLY J 200 26.77 -0.97 54.56
N LEU J 201 27.97 -1.05 53.98
CA LEU J 201 28.99 -2.08 54.32
C LEU J 201 28.43 -3.47 53.86
N PRO J 202 29.29 -4.52 53.73
CA PRO J 202 28.74 -5.78 53.16
C PRO J 202 27.77 -6.54 54.10
N GLU J 203 27.85 -7.88 54.08
CA GLU J 203 27.09 -8.69 55.01
C GLU J 203 27.90 -9.88 55.50
N ALA J 204 29.03 -9.59 56.18
CA ALA J 204 30.01 -10.61 56.65
C ALA J 204 30.34 -10.65 58.17
N LEU J 205 29.92 -9.62 58.93
CA LEU J 205 29.81 -9.71 60.42
C LEU J 205 28.34 -9.94 60.85
N ASN J 206 27.59 -10.55 59.92
CA ASN J 206 26.16 -10.95 60.02
C ASN J 206 25.08 -9.89 60.32
N ASP J 207 23.96 -10.33 60.90
CA ASP J 207 22.76 -9.51 61.11
C ASP J 207 22.96 -8.33 62.06
N ASP J 208 22.69 -7.15 61.51
CA ASP J 208 22.83 -5.90 62.23
C ASP J 208 21.44 -5.22 62.23
N THR J 209 20.83 -5.04 61.05
CA THR J 209 19.52 -4.40 60.92
C THR J 209 19.49 -2.93 61.33
N ARG J 210 20.61 -2.38 61.78
CA ARG J 210 20.67 -0.96 62.14
C ARG J 210 20.54 -0.16 60.80
N PRO J 211 19.94 1.07 60.84
CA PRO J 211 19.60 1.85 59.64
C PRO J 211 20.68 1.98 58.54
N ARG J 212 20.35 1.51 57.33
CA ARG J 212 21.26 1.65 56.16
C ARG J 212 20.62 2.47 55.02
N LYS J 213 21.30 2.51 53.87
CA LYS J 213 20.73 3.01 52.62
C LYS J 213 20.26 1.78 51.86
N LEU J 214 19.35 2.01 50.92
CA LEU J 214 18.41 0.99 50.51
C LEU J 214 18.84 0.01 49.42
N ARG J 215 18.75 -1.29 49.72
CA ARG J 215 19.23 -2.33 48.78
C ARG J 215 18.15 -3.02 47.96
N PRO J 216 18.47 -3.46 46.73
CA PRO J 216 17.60 -4.36 45.97
C PRO J 216 17.67 -5.70 46.61
N GLY J 217 16.98 -5.83 47.73
CA GLY J 217 16.92 -7.06 48.47
C GLY J 217 15.78 -6.87 49.44
N ASP J 218 15.95 -5.85 50.28
CA ASP J 218 15.10 -5.62 51.45
C ASP J 218 13.62 -5.73 51.16
N SER J 219 12.90 -5.88 52.27
CA SER J 219 11.45 -5.84 52.28
C SER J 219 10.98 -4.53 52.89
N LEU J 220 10.04 -3.89 52.21
CA LEU J 220 9.41 -2.64 52.71
C LEU J 220 7.93 -2.75 53.15
N LEU J 221 7.65 -1.99 54.22
CA LEU J 221 6.31 -1.73 54.63
C LEU J 221 5.78 -0.65 53.69
N VAL J 222 4.64 -0.91 53.05
CA VAL J 222 4.10 0.06 52.08
C VAL J 222 2.58 0.32 52.21
N ASP J 223 2.10 1.40 51.58
CA ASP J 223 0.65 1.54 51.43
C ASP J 223 0.21 1.67 49.98
N THR J 224 -0.01 0.53 49.33
CA THR J 224 -0.41 0.55 47.92
C THR J 224 -1.57 1.52 47.68
N LYS J 225 -2.47 1.67 48.64
CA LYS J 225 -3.62 2.56 48.50
C LYS J 225 -3.23 4.02 48.31
N ALA J 226 -2.16 4.42 49.00
CA ALA J 226 -1.64 5.81 49.02
C ALA J 226 -0.60 6.03 47.94
N GLY J 227 0.60 5.58 48.26
CA GLY J 227 1.57 5.29 47.26
C GLY J 227 2.88 5.24 47.94
N TYR J 228 2.93 4.77 49.17
CA TYR J 228 4.18 4.93 49.94
C TYR J 228 4.85 3.67 50.44
N ALA J 229 6.19 3.76 50.40
CA ALA J 229 7.14 3.06 51.29
C ALA J 229 7.19 3.77 52.69
N PHE J 230 7.80 3.14 53.67
CA PHE J 230 7.73 3.71 55.00
C PHE J 230 8.90 3.26 55.85
N GLU J 231 9.39 2.05 55.62
CA GLU J 231 10.49 1.58 56.42
C GLU J 231 11.10 0.27 55.95
N ARG J 232 12.28 0.00 56.47
CA ARG J 232 13.01 -1.17 56.11
C ARG J 232 12.53 -2.28 57.02
N ILE J 233 12.84 -3.52 56.70
CA ILE J 233 12.59 -4.61 57.61
C ILE J 233 13.62 -5.71 57.50
N PRO J 234 14.01 -6.27 58.62
CA PRO J 234 14.76 -7.53 58.66
C PRO J 234 13.98 -8.87 58.48
N LEU J 235 13.64 -9.32 57.27
CA LEU J 235 13.16 -10.73 57.06
C LEU J 235 14.43 -11.62 57.10
N VAL J 236 14.28 -12.93 57.34
CA VAL J 236 15.43 -13.89 57.21
C VAL J 236 15.13 -15.23 56.44
N PRO J 237 15.00 -15.19 55.07
CA PRO J 237 14.25 -16.27 54.23
C PRO J 237 14.92 -17.66 53.89
N SER K 52 -73.23 59.71 3.20
CA SER K 52 -73.37 58.94 4.48
C SER K 52 -73.16 57.45 4.22
N ALA K 53 -72.81 57.09 2.99
CA ALA K 53 -72.74 55.69 2.59
C ALA K 53 -71.31 55.19 2.45
N ARG K 54 -70.36 56.10 2.38
CA ARG K 54 -68.96 55.70 2.47
C ARG K 54 -68.65 55.39 3.91
N ASP K 55 -69.21 56.17 4.82
CA ASP K 55 -69.00 55.87 6.21
C ASP K 55 -69.24 54.39 6.44
N ILE K 56 -70.31 53.85 5.88
CA ILE K 56 -70.61 52.46 6.19
C ILE K 56 -69.76 51.45 5.46
N HIS K 57 -69.01 51.87 4.45
CA HIS K 57 -68.07 50.92 3.86
C HIS K 57 -66.88 50.91 4.76
N GLN K 58 -66.34 52.09 5.03
CA GLN K 58 -65.22 52.20 5.91
C GLN K 58 -65.40 51.24 7.07
N LEU K 59 -66.47 51.40 7.83
CA LEU K 59 -66.68 50.53 8.95
C LEU K 59 -66.66 49.07 8.56
N GLU K 60 -67.63 48.62 7.78
CA GLU K 60 -67.70 47.22 7.39
C GLU K 60 -66.39 46.73 6.83
N ALA K 61 -65.43 47.61 6.62
CA ALA K 61 -64.18 47.17 6.03
C ALA K 61 -63.05 47.25 7.03
N ARG K 62 -63.27 47.94 8.14
CA ARG K 62 -62.35 47.81 9.25
C ARG K 62 -62.75 46.52 9.94
N ILE K 63 -64.03 46.38 10.25
CA ILE K 63 -64.54 45.16 10.87
C ILE K 63 -64.10 43.88 10.14
N ASP K 64 -64.61 43.67 8.94
CA ASP K 64 -64.27 42.48 8.14
C ASP K 64 -62.74 42.21 8.14
N SER K 65 -61.93 43.20 8.52
CA SER K 65 -60.47 43.04 8.53
C SER K 65 -59.93 42.67 9.89
N LEU K 66 -60.50 43.23 10.93
CA LEU K 66 -60.04 42.84 12.26
C LEU K 66 -60.47 41.41 12.49
N ALA K 67 -61.75 41.13 12.37
CA ALA K 67 -62.26 39.81 12.68
C ALA K 67 -61.55 38.67 11.97
N ALA K 68 -60.65 38.98 11.07
CA ALA K 68 -59.92 37.92 10.43
C ALA K 68 -58.45 38.12 10.68
N ARG K 69 -58.11 39.13 11.46
CA ARG K 69 -56.81 39.14 12.14
C ARG K 69 -57.08 38.47 13.48
N ASN K 70 -58.26 38.74 14.04
CA ASN K 70 -58.69 38.15 15.29
C ASN K 70 -58.81 36.64 15.18
N SER K 71 -59.02 36.14 13.99
CA SER K 71 -59.20 34.72 13.88
C SER K 71 -57.92 34.05 13.43
N LYS K 72 -56.93 34.82 13.00
CA LYS K 72 -55.63 34.22 12.71
C LYS K 72 -54.86 34.11 14.00
N LEU K 73 -55.11 35.03 14.92
CA LEU K 73 -54.46 34.97 16.22
C LEU K 73 -55.11 33.86 17.02
N MET K 74 -56.44 33.89 17.12
CA MET K 74 -57.16 32.77 17.72
C MET K 74 -56.48 31.45 17.47
N GLU K 75 -56.14 31.21 16.20
CA GLU K 75 -55.62 29.92 15.72
C GLU K 75 -54.15 29.72 16.06
N THR K 76 -53.31 30.74 15.93
CA THR K 76 -51.91 30.58 16.38
C THR K 76 -51.78 30.55 17.92
N LEU K 77 -52.63 31.25 18.67
CA LEU K 77 -52.55 31.21 20.13
C LEU K 77 -52.99 29.86 20.63
N LYS K 78 -53.86 29.21 19.86
CA LYS K 78 -54.29 27.89 20.24
C LYS K 78 -53.08 26.98 20.10
N GLU K 79 -52.41 27.09 18.97
CA GLU K 79 -51.24 26.26 18.71
C GLU K 79 -49.99 26.67 19.49
N ALA K 80 -50.06 27.74 20.28
CA ALA K 80 -49.00 28.01 21.23
C ALA K 80 -49.34 27.35 22.55
N ARG K 81 -50.58 27.47 23.00
CA ARG K 81 -51.01 26.79 24.21
C ARG K 81 -50.82 25.26 24.14
N GLN K 82 -51.06 24.67 22.97
CA GLN K 82 -50.91 23.20 22.74
C GLN K 82 -49.45 22.69 22.73
N GLN K 83 -48.48 23.60 22.59
CA GLN K 83 -47.06 23.23 22.67
C GLN K 83 -46.48 23.59 24.01
N LEU K 84 -47.08 24.57 24.69
CA LEU K 84 -46.62 25.01 26.00
C LEU K 84 -47.22 24.13 27.05
N LEU K 85 -48.25 23.36 26.70
CA LEU K 85 -48.76 22.41 27.68
C LEU K 85 -48.17 21.00 27.54
N ALA K 86 -47.99 20.53 26.30
CA ALA K 86 -47.28 19.26 26.05
C ALA K 86 -45.79 19.26 26.47
N LEU K 87 -45.16 20.43 26.43
CA LEU K 87 -43.85 20.57 27.02
C LEU K 87 -44.05 20.58 28.51
N ARG K 88 -44.84 21.49 29.05
CA ARG K 88 -44.87 21.58 30.51
C ARG K 88 -45.14 20.23 31.24
N GLU K 89 -45.92 19.31 30.64
CA GLU K 89 -46.10 17.98 31.27
C GLU K 89 -44.80 17.11 31.25
N GLU K 90 -44.12 17.02 30.09
CA GLU K 90 -42.79 16.35 30.06
C GLU K 90 -41.92 16.83 31.18
N VAL K 91 -41.76 18.16 31.33
CA VAL K 91 -40.92 18.70 32.41
C VAL K 91 -41.47 18.43 33.82
N ASP K 92 -42.80 18.45 33.95
CA ASP K 92 -43.44 18.16 35.26
C ASP K 92 -43.16 16.71 35.72
N ARG K 93 -42.95 15.81 34.75
CA ARG K 93 -42.49 14.41 34.98
C ARG K 93 -41.05 14.27 35.53
N LEU K 94 -40.18 15.19 35.14
CA LEU K 94 -38.80 15.08 35.53
C LEU K 94 -38.60 15.32 37.01
N GLY K 95 -39.56 16.04 37.59
CA GLY K 95 -39.61 16.29 39.04
C GLY K 95 -39.76 15.04 39.93
N GLN K 96 -40.70 14.15 39.55
CA GLN K 96 -40.97 12.89 40.27
C GLN K 96 -39.73 11.96 40.23
N PRO K 97 -39.26 11.53 41.41
CA PRO K 97 -38.03 10.77 41.55
C PRO K 97 -38.08 9.43 40.86
N PRO K 98 -36.88 8.88 40.51
CA PRO K 98 -36.58 7.71 39.69
C PRO K 98 -36.99 6.41 40.33
N SER K 99 -36.49 5.29 39.80
CA SER K 99 -36.92 4.03 40.32
C SER K 99 -35.73 3.11 40.54
N GLY K 100 -35.65 2.54 41.78
CA GLY K 100 -34.76 1.42 42.13
C GLY K 100 -35.28 0.02 41.73
N TYR K 101 -34.36 -0.93 41.53
CA TYR K 101 -34.72 -2.32 41.22
C TYR K 101 -33.94 -3.27 42.17
N GLY K 102 -34.41 -4.50 42.30
CA GLY K 102 -33.79 -5.45 43.19
C GLY K 102 -34.46 -6.81 43.05
N VAL K 103 -33.82 -7.86 43.59
CA VAL K 103 -34.22 -9.25 43.36
C VAL K 103 -35.16 -9.64 44.45
N LEU K 104 -36.05 -10.59 44.15
CA LEU K 104 -37.13 -11.01 45.05
C LEU K 104 -36.77 -12.25 45.85
N LEU K 105 -36.75 -12.11 47.15
CA LEU K 105 -36.19 -13.16 47.89
C LEU K 105 -37.18 -14.11 48.55
N ALA K 106 -38.31 -13.63 49.04
CA ALA K 106 -39.33 -14.58 49.52
C ALA K 106 -40.70 -13.96 49.79
N THR K 107 -41.78 -14.63 49.38
CA THR K 107 -43.13 -14.20 49.72
C THR K 107 -43.33 -14.36 51.22
N HIS K 108 -43.97 -13.38 51.83
CA HIS K 108 -44.40 -13.52 53.22
C HIS K 108 -45.94 -13.59 53.36
N ASP K 109 -46.43 -14.49 54.23
CA ASP K 109 -47.89 -14.63 54.47
C ASP K 109 -48.41 -13.44 55.25
N ASP K 110 -47.60 -12.39 55.20
CA ASP K 110 -47.95 -11.06 55.57
C ASP K 110 -48.35 -10.45 54.24
N ASP K 111 -48.15 -9.15 54.08
CA ASP K 111 -48.24 -8.53 52.75
C ASP K 111 -46.85 -8.17 52.23
N THR K 112 -45.82 -8.56 52.98
CA THR K 112 -44.48 -8.02 52.82
C THR K 112 -43.57 -8.90 51.99
N VAL K 113 -42.51 -8.30 51.43
CA VAL K 113 -41.46 -9.08 50.76
C VAL K 113 -40.05 -8.78 51.20
N ASP K 114 -39.24 -9.84 51.14
CA ASP K 114 -37.83 -9.83 51.35
C ASP K 114 -37.19 -9.68 49.98
N VAL K 115 -36.85 -8.46 49.57
CA VAL K 115 -36.18 -8.25 48.30
C VAL K 115 -34.75 -8.01 48.59
N PHE K 116 -33.99 -7.69 47.55
CA PHE K 116 -32.58 -7.43 47.72
C PHE K 116 -32.26 -6.31 46.82
N THR K 117 -31.97 -5.16 47.41
CA THR K 117 -31.98 -3.96 46.59
C THR K 117 -30.60 -3.27 46.36
N SER K 118 -30.36 -2.19 47.06
CA SER K 118 -29.21 -1.40 46.79
C SER K 118 -28.07 -2.11 47.43
N GLY K 119 -27.99 -3.41 47.20
CA GLY K 119 -26.95 -4.20 47.80
C GLY K 119 -27.23 -4.90 49.12
N ARG K 120 -28.19 -4.41 49.88
CA ARG K 120 -28.54 -5.13 51.09
C ARG K 120 -29.86 -5.90 50.98
N LYS K 121 -30.28 -6.53 52.11
CA LYS K 121 -31.42 -7.41 52.08
C LYS K 121 -32.51 -6.76 52.81
N MET K 122 -33.49 -6.21 52.14
CA MET K 122 -34.56 -5.61 52.93
C MET K 122 -35.95 -6.20 52.78
N ARG K 123 -36.77 -6.01 53.84
CA ARG K 123 -38.18 -6.38 53.86
C ARG K 123 -39.02 -5.15 53.80
N LEU K 124 -39.86 -5.08 52.78
CA LEU K 124 -40.64 -3.89 52.49
C LEU K 124 -41.98 -4.21 51.83
N THR K 125 -42.93 -3.29 51.97
CA THR K 125 -44.34 -3.49 51.61
C THR K 125 -44.61 -3.40 50.13
N CYS K 126 -45.70 -4.02 49.71
CA CYS K 126 -46.12 -3.94 48.33
C CYS K 126 -47.21 -2.92 48.13
N SER K 127 -47.28 -2.42 46.90
CA SER K 127 -48.27 -1.42 46.53
C SER K 127 -49.60 -2.10 46.30
N PRO K 128 -50.64 -1.55 46.96
CA PRO K 128 -52.02 -1.96 46.82
C PRO K 128 -52.38 -2.55 45.46
N ASN K 129 -51.56 -2.35 44.43
CA ASN K 129 -51.98 -2.83 43.11
C ASN K 129 -51.17 -3.90 42.37
N ILE K 130 -50.22 -4.54 43.03
CA ILE K 130 -49.61 -5.73 42.39
C ILE K 130 -49.93 -7.02 43.09
N ASP K 131 -49.73 -8.11 42.35
CA ASP K 131 -50.39 -9.36 42.69
C ASP K 131 -49.89 -10.01 43.98
N ALA K 132 -50.44 -9.49 45.10
CA ALA K 132 -50.21 -9.94 46.49
C ALA K 132 -49.18 -11.06 46.75
N ALA K 133 -49.34 -12.21 46.10
CA ALA K 133 -48.46 -13.37 46.36
C ALA K 133 -48.09 -14.17 45.10
N SER K 134 -48.70 -13.81 43.95
CA SER K 134 -48.47 -14.53 42.69
C SER K 134 -47.27 -14.02 41.83
N LEU K 135 -46.30 -13.39 42.50
CA LEU K 135 -44.96 -13.11 41.93
C LEU K 135 -44.05 -14.24 42.35
N LYS K 136 -43.06 -14.56 41.53
CA LYS K 136 -42.28 -15.80 41.70
C LYS K 136 -40.89 -15.57 42.36
N LYS K 137 -40.53 -16.46 43.29
CA LYS K 137 -39.26 -16.38 44.03
C LYS K 137 -38.07 -16.11 43.12
N GLY K 138 -37.63 -14.87 43.12
CA GLY K 138 -36.39 -14.56 42.51
C GLY K 138 -36.57 -13.79 41.24
N GLN K 139 -37.69 -13.13 41.02
CA GLN K 139 -37.76 -12.27 39.83
C GLN K 139 -37.25 -10.90 40.13
N THR K 140 -37.00 -10.09 39.12
CA THR K 140 -36.48 -8.76 39.33
C THR K 140 -37.62 -7.81 39.49
N VAL K 141 -37.72 -7.06 40.58
CA VAL K 141 -38.85 -6.14 40.75
C VAL K 141 -38.38 -4.69 40.76
N ARG K 142 -39.29 -3.72 40.75
CA ARG K 142 -38.93 -2.30 40.67
C ARG K 142 -39.38 -1.68 41.95
N LEU K 143 -38.83 -0.54 42.32
CA LEU K 143 -39.08 -0.01 43.65
C LEU K 143 -39.01 1.49 43.64
N ASN K 144 -39.98 2.16 44.26
CA ASN K 144 -40.01 3.60 44.14
C ASN K 144 -39.10 4.28 45.14
N GLU K 145 -39.31 5.58 45.40
CA GLU K 145 -38.35 6.33 46.18
C GLU K 145 -38.31 5.87 47.61
N ALA K 146 -39.47 5.64 48.21
CA ALA K 146 -39.48 5.21 49.61
C ALA K 146 -39.48 3.71 49.74
N LEU K 147 -39.07 3.05 48.66
CA LEU K 147 -38.89 1.60 48.62
C LEU K 147 -40.18 0.88 48.97
N THR K 148 -40.94 0.52 47.95
CA THR K 148 -42.27 -0.03 48.07
C THR K 148 -42.50 -0.59 46.71
N VAL K 149 -42.46 -1.91 46.59
CA VAL K 149 -42.38 -2.55 45.28
C VAL K 149 -43.54 -2.12 44.44
N VAL K 150 -43.43 -2.18 43.12
CA VAL K 150 -44.52 -1.73 42.27
C VAL K 150 -44.71 -2.49 40.99
N GLU K 151 -43.90 -3.50 40.71
CA GLU K 151 -44.09 -4.28 39.48
C GLU K 151 -43.38 -5.60 39.57
N ALA K 152 -43.64 -6.51 38.65
CA ALA K 152 -42.78 -7.68 38.55
C ALA K 152 -42.01 -7.44 37.30
N GLY K 153 -41.19 -8.41 36.94
CA GLY K 153 -40.33 -8.24 35.78
C GLY K 153 -39.83 -9.55 35.26
N THR K 154 -38.70 -9.50 34.57
CA THR K 154 -38.13 -10.66 33.93
C THR K 154 -37.25 -11.38 34.90
N PHE K 155 -36.30 -12.12 34.35
CA PHE K 155 -35.29 -12.71 35.17
C PHE K 155 -33.88 -12.19 34.83
N GLU K 156 -33.19 -11.64 35.84
CA GLU K 156 -31.81 -11.16 35.61
C GLU K 156 -31.09 -12.15 34.70
N ALA K 157 -30.64 -11.66 33.57
CA ALA K 157 -30.31 -12.54 32.50
C ALA K 157 -28.84 -12.59 32.19
N VAL K 158 -28.00 -12.04 33.08
CA VAL K 158 -26.59 -11.84 32.78
C VAL K 158 -25.89 -11.95 34.08
N GLY K 159 -24.74 -12.61 34.14
CA GLY K 159 -24.05 -12.65 35.42
C GLY K 159 -23.03 -13.75 35.44
N GLU K 160 -22.80 -14.33 36.60
CA GLU K 160 -21.86 -15.42 36.74
C GLU K 160 -22.39 -16.75 36.20
N ILE K 161 -21.53 -17.66 35.78
CA ILE K 161 -21.94 -19.01 35.40
C ILE K 161 -21.25 -20.02 36.27
N SER K 162 -22.01 -20.91 36.88
CA SER K 162 -21.45 -21.87 37.80
C SER K 162 -21.89 -23.23 37.38
N THR K 163 -21.20 -24.28 37.81
CA THR K 163 -21.81 -25.59 37.66
C THR K 163 -22.48 -26.02 38.92
N LEU K 164 -23.44 -26.93 38.72
CA LEU K 164 -24.42 -27.34 39.71
C LEU K 164 -24.02 -28.65 40.30
N ARG K 165 -23.75 -28.62 41.58
CA ARG K 165 -23.08 -29.72 42.12
C ARG K 165 -24.08 -30.75 42.63
N GLU K 166 -25.15 -30.29 43.28
CA GLU K 166 -26.31 -31.17 43.59
C GLU K 166 -27.38 -30.30 44.17
N ILE K 167 -28.65 -30.58 43.81
CA ILE K 167 -29.76 -29.82 44.37
C ILE K 167 -29.85 -30.24 45.79
N LEU K 168 -30.60 -29.48 46.56
CA LEU K 168 -30.40 -29.63 47.97
C LEU K 168 -31.52 -30.33 48.74
N ALA K 169 -31.13 -30.94 49.87
CA ALA K 169 -32.06 -31.41 50.89
C ALA K 169 -33.54 -31.16 50.52
N ASP K 170 -33.99 -29.92 50.76
CA ASP K 170 -35.40 -29.56 50.68
C ASP K 170 -35.94 -29.29 49.30
N GLY K 171 -35.10 -28.93 48.35
CA GLY K 171 -35.51 -28.84 46.94
C GLY K 171 -35.71 -27.43 46.45
N HIS K 172 -35.12 -26.50 47.20
CA HIS K 172 -35.16 -25.04 46.99
C HIS K 172 -33.78 -24.32 46.84
N ARG K 173 -32.79 -24.84 47.55
CA ARG K 173 -31.45 -24.34 47.52
C ARG K 173 -30.56 -25.29 46.70
N ALA K 174 -29.65 -24.75 45.89
CA ALA K 174 -28.61 -25.58 45.29
C ALA K 174 -27.25 -25.34 45.95
N LEU K 175 -26.35 -26.30 45.78
CA LEU K 175 -24.97 -26.07 46.10
C LEU K 175 -24.27 -26.04 44.77
N VAL K 176 -23.71 -24.86 44.39
CA VAL K 176 -23.02 -24.66 43.09
C VAL K 176 -21.61 -24.34 43.33
N VAL K 177 -20.75 -24.71 42.37
CA VAL K 177 -19.37 -24.28 42.47
C VAL K 177 -19.33 -23.17 41.49
N GLY K 178 -18.40 -22.24 41.76
CA GLY K 178 -18.22 -20.99 41.02
C GLY K 178 -17.02 -21.06 40.09
N HIS K 179 -16.33 -19.93 39.94
CA HIS K 179 -15.47 -19.77 38.78
C HIS K 179 -14.04 -20.19 39.04
N ALA K 180 -13.57 -19.87 40.24
CA ALA K 180 -12.50 -20.64 40.82
C ALA K 180 -13.28 -21.33 41.88
N ASP K 181 -12.65 -22.35 42.44
CA ASP K 181 -13.40 -23.44 43.03
C ASP K 181 -14.38 -23.19 44.20
N GLU K 182 -14.72 -21.95 44.55
CA GLU K 182 -15.54 -21.77 45.76
C GLU K 182 -16.95 -22.25 45.61
N GLU K 183 -17.44 -22.87 46.67
CA GLU K 183 -18.73 -23.48 46.63
C GLU K 183 -19.70 -22.69 47.48
N ARG K 184 -20.80 -22.25 46.87
CA ARG K 184 -21.83 -21.46 47.58
C ARG K 184 -23.16 -22.11 47.34
N VAL K 185 -24.10 -21.71 48.17
CA VAL K 185 -25.38 -22.39 48.24
C VAL K 185 -26.49 -21.41 47.97
N VAL K 186 -27.22 -21.62 46.91
CA VAL K 186 -28.00 -20.54 46.37
C VAL K 186 -29.43 -20.93 46.37
N TRP K 187 -30.37 -19.99 46.49
CA TRP K 187 -31.78 -20.28 46.20
C TRP K 187 -31.96 -20.49 44.68
N LEU K 188 -32.87 -21.40 44.23
CA LEU K 188 -33.29 -21.50 42.80
C LEU K 188 -34.51 -20.71 42.61
N ALA K 189 -34.71 -20.16 41.44
CA ALA K 189 -35.85 -19.27 41.32
C ALA K 189 -36.90 -20.01 40.57
N ASP K 190 -38.15 -19.66 40.79
CA ASP K 190 -39.21 -20.58 40.39
C ASP K 190 -38.97 -21.38 39.08
N PRO K 191 -38.81 -20.71 37.94
CA PRO K 191 -38.65 -21.38 36.67
C PRO K 191 -37.52 -22.36 36.61
N LEU K 192 -36.92 -22.70 37.72
CA LEU K 192 -35.91 -23.71 37.61
C LEU K 192 -36.46 -24.96 38.20
N ILE K 193 -37.44 -24.80 39.09
CA ILE K 193 -38.17 -25.93 39.72
C ILE K 193 -39.71 -25.88 39.69
N ALA K 194 -40.30 -25.16 38.74
CA ALA K 194 -41.74 -25.21 38.55
C ALA K 194 -42.20 -26.67 38.38
N GLU K 195 -43.52 -26.91 38.35
CA GLU K 195 -44.05 -28.29 38.31
C GLU K 195 -43.88 -29.05 36.96
N ASP K 196 -44.30 -28.43 35.85
CA ASP K 196 -44.31 -29.11 34.55
C ASP K 196 -42.98 -29.01 33.74
N LEU K 197 -42.02 -29.77 34.23
CA LEU K 197 -40.74 -29.83 33.54
C LEU K 197 -40.26 -31.28 33.19
N PRO K 198 -40.24 -31.57 31.85
CA PRO K 198 -39.86 -32.86 31.27
C PRO K 198 -38.71 -33.52 32.02
N ASP K 199 -38.81 -34.77 32.47
CA ASP K 199 -37.63 -35.51 33.09
C ASP K 199 -36.32 -35.39 32.33
N GLY K 200 -36.40 -35.09 31.02
CA GLY K 200 -35.19 -34.82 30.18
C GLY K 200 -34.91 -35.81 29.01
N LEU K 201 -34.89 -37.10 29.37
CA LEU K 201 -34.37 -38.23 28.55
C LEU K 201 -32.84 -38.43 28.83
N PRO K 202 -32.21 -39.54 28.33
CA PRO K 202 -30.80 -39.78 28.76
C PRO K 202 -29.71 -38.94 28.03
N GLU K 203 -29.87 -38.77 26.70
CA GLU K 203 -29.06 -37.85 25.84
C GLU K 203 -28.65 -38.48 24.48
N ALA K 204 -29.22 -39.65 24.15
CA ALA K 204 -28.81 -40.42 22.96
C ALA K 204 -29.32 -39.93 21.56
N LEU K 205 -29.96 -38.73 21.55
CA LEU K 205 -30.18 -37.87 20.34
C LEU K 205 -29.83 -36.46 20.85
N ASN K 206 -29.16 -35.63 20.03
CA ASN K 206 -28.63 -34.37 20.59
C ASN K 206 -29.40 -33.08 20.37
N ASP K 207 -29.18 -32.16 21.31
CA ASP K 207 -29.86 -30.87 21.46
C ASP K 207 -30.67 -30.87 22.76
N ASP K 208 -30.31 -29.95 23.67
CA ASP K 208 -30.87 -29.85 25.04
C ASP K 208 -31.55 -28.53 25.32
N THR K 209 -31.62 -27.68 24.31
CA THR K 209 -31.94 -26.28 24.49
C THR K 209 -33.34 -26.00 25.07
N ARG K 210 -34.17 -27.04 25.19
CA ARG K 210 -35.56 -26.84 25.63
C ARG K 210 -35.80 -27.12 27.14
N PRO K 211 -36.64 -26.29 27.84
CA PRO K 211 -36.93 -26.38 29.27
C PRO K 211 -36.80 -27.81 29.85
N ARG K 212 -36.17 -27.96 31.05
CA ARG K 212 -36.02 -29.29 31.72
C ARG K 212 -35.83 -29.26 33.26
N LYS K 213 -35.70 -30.43 33.90
CA LYS K 213 -35.51 -30.51 35.35
C LYS K 213 -34.03 -30.52 35.49
N LEU K 214 -33.55 -29.96 36.59
CA LEU K 214 -32.14 -29.71 36.69
C LEU K 214 -31.36 -30.93 37.08
N ARG K 215 -30.31 -31.19 36.32
CA ARG K 215 -29.53 -32.36 36.53
C ARG K 215 -28.21 -31.90 36.99
N PRO K 216 -27.60 -32.61 37.94
CA PRO K 216 -26.29 -32.18 38.32
C PRO K 216 -25.48 -32.19 37.08
N GLY K 217 -24.56 -31.23 36.99
CA GLY K 217 -23.81 -31.00 35.79
C GLY K 217 -24.13 -29.64 35.23
N ASP K 218 -25.40 -29.44 34.89
CA ASP K 218 -25.78 -28.24 34.18
C ASP K 218 -25.20 -26.96 34.74
N SER K 219 -24.70 -26.16 33.82
CA SER K 219 -24.20 -24.86 34.11
C SER K 219 -25.38 -23.96 34.16
N LEU K 220 -25.63 -23.36 35.31
CA LEU K 220 -26.71 -22.41 35.41
C LEU K 220 -26.19 -21.08 35.96
N LEU K 221 -26.88 -19.98 35.66
CA LEU K 221 -26.39 -18.63 35.89
C LEU K 221 -26.86 -18.09 37.23
N VAL K 222 -26.03 -17.34 37.94
CA VAL K 222 -26.30 -17.08 39.34
C VAL K 222 -25.78 -15.73 39.84
N ASP K 223 -26.36 -15.19 40.91
CA ASP K 223 -25.97 -13.83 41.40
C ASP K 223 -25.54 -13.86 42.85
N THR K 224 -24.40 -14.50 43.10
CA THR K 224 -23.95 -14.87 44.46
C THR K 224 -24.11 -13.84 45.56
N LYS K 225 -24.12 -12.57 45.20
CA LYS K 225 -24.35 -11.54 46.20
C LYS K 225 -25.79 -11.42 46.61
N ALA K 226 -26.68 -12.15 45.98
CA ALA K 226 -28.06 -11.99 46.31
C ALA K 226 -28.59 -13.33 46.77
N GLY K 227 -28.38 -14.33 45.96
CA GLY K 227 -28.42 -15.66 46.41
C GLY K 227 -29.09 -16.56 45.45
N TYR K 228 -29.51 -16.07 44.32
CA TYR K 228 -30.34 -16.91 43.48
C TYR K 228 -29.61 -17.47 42.30
N ALA K 229 -30.20 -18.49 41.69
CA ALA K 229 -29.87 -18.90 40.34
C ALA K 229 -31.10 -18.56 39.47
N PHE K 230 -30.99 -18.48 38.16
CA PHE K 230 -31.99 -17.70 37.50
C PHE K 230 -32.45 -18.30 36.24
N GLU K 231 -31.67 -19.19 35.65
CA GLU K 231 -31.98 -19.73 34.34
C GLU K 231 -30.89 -20.71 34.07
N ARG K 232 -30.91 -21.44 32.98
CA ARG K 232 -29.94 -22.49 32.80
C ARG K 232 -29.31 -22.37 31.44
N ILE K 233 -28.22 -23.06 31.23
CA ILE K 233 -27.49 -22.87 30.02
C ILE K 233 -27.22 -24.13 29.22
N PRO K 234 -27.62 -24.11 27.95
CA PRO K 234 -27.15 -25.02 26.93
C PRO K 234 -25.66 -25.21 27.03
N LEU K 235 -25.24 -26.46 27.25
CA LEU K 235 -23.83 -26.77 27.12
C LEU K 235 -23.48 -27.11 25.66
N VAL K 236 -22.16 -27.12 25.35
CA VAL K 236 -21.51 -27.78 24.17
C VAL K 236 -19.94 -27.99 24.41
N PRO K 237 -19.44 -29.26 24.52
CA PRO K 237 -18.06 -29.54 24.02
C PRO K 237 -18.00 -30.21 22.60
N SER L 52 -80.80 55.66 9.24
CA SER L 52 -80.84 55.45 10.72
C SER L 52 -79.52 55.82 11.37
N ALA L 53 -79.59 56.11 12.66
CA ALA L 53 -78.42 56.49 13.45
C ALA L 53 -78.09 55.52 14.59
N ARG L 54 -78.76 54.35 14.62
CA ARG L 54 -78.48 53.31 15.64
C ARG L 54 -77.46 52.26 15.17
N ASP L 55 -77.46 51.96 13.86
CA ASP L 55 -76.53 51.01 13.25
C ASP L 55 -75.08 51.49 13.39
N ILE L 56 -74.86 52.77 13.08
CA ILE L 56 -73.54 53.40 13.20
C ILE L 56 -72.97 53.24 14.62
N HIS L 57 -73.77 53.56 15.63
CA HIS L 57 -73.36 53.39 17.04
C HIS L 57 -73.15 51.92 17.42
N GLN L 58 -73.83 51.01 16.71
CA GLN L 58 -73.73 49.57 16.97
C GLN L 58 -72.45 48.96 16.38
N LEU L 59 -71.93 49.58 15.34
CA LEU L 59 -70.68 49.13 14.75
C LEU L 59 -69.50 49.74 15.47
N GLU L 60 -69.55 51.05 15.66
CA GLU L 60 -68.54 51.77 16.44
C GLU L 60 -68.32 51.15 17.82
N ALA L 61 -69.26 50.28 18.21
CA ALA L 61 -69.18 49.57 19.48
C ALA L 61 -68.64 48.16 19.32
N ARG L 62 -68.90 47.55 18.17
CA ARG L 62 -68.32 46.24 17.90
C ARG L 62 -66.83 46.38 17.57
N ILE L 63 -66.48 47.44 16.85
CA ILE L 63 -65.09 47.70 16.50
C ILE L 63 -64.20 47.85 17.74
N ASP L 64 -64.74 48.47 18.79
CA ASP L 64 -64.01 48.58 20.04
C ASP L 64 -64.00 47.24 20.76
N SER L 65 -65.16 46.58 20.77
CA SER L 65 -65.28 45.25 21.36
C SER L 65 -64.40 44.25 20.65
N LEU L 66 -63.83 44.64 19.51
CA LEU L 66 -62.90 43.77 18.81
C LEU L 66 -61.47 44.30 18.87
N ALA L 67 -61.31 45.61 19.03
CA ALA L 67 -59.98 46.17 19.21
C ALA L 67 -59.45 45.76 20.57
N ALA L 68 -60.35 45.63 21.53
CA ALA L 68 -60.00 45.23 22.88
C ALA L 68 -59.58 43.78 22.92
N ARG L 69 -60.35 42.91 22.28
CA ARG L 69 -59.95 41.50 22.16
C ARG L 69 -58.68 41.37 21.34
N ASN L 70 -58.32 42.38 20.56
CA ASN L 70 -57.04 42.31 19.86
C ASN L 70 -55.85 42.80 20.65
N SER L 71 -56.07 43.76 21.52
CA SER L 71 -54.98 44.22 22.36
C SER L 71 -54.58 43.10 23.31
N LYS L 72 -55.56 42.44 23.92
CA LYS L 72 -55.32 41.42 24.97
C LYS L 72 -54.89 40.05 24.43
N LEU L 73 -55.16 39.78 23.17
CA LEU L 73 -54.68 38.55 22.60
C LEU L 73 -53.25 38.75 22.18
N MET L 74 -52.96 39.81 21.44
CA MET L 74 -51.60 40.06 21.02
C MET L 74 -50.66 40.05 22.20
N GLU L 75 -51.16 40.30 23.40
CA GLU L 75 -50.33 40.17 24.62
C GLU L 75 -50.23 38.73 25.15
N THR L 76 -51.34 37.99 25.23
CA THR L 76 -51.24 36.65 25.78
C THR L 76 -50.31 35.80 24.94
N LEU L 77 -50.22 36.05 23.63
CA LEU L 77 -49.18 35.36 22.84
C LEU L 77 -47.78 35.67 23.33
N LYS L 78 -47.44 36.96 23.48
CA LYS L 78 -46.12 37.30 24.00
C LYS L 78 -45.92 36.56 25.30
N GLU L 79 -46.97 36.46 26.10
CA GLU L 79 -46.90 35.73 27.36
C GLU L 79 -46.65 34.22 27.17
N ALA L 80 -47.24 33.63 26.15
CA ALA L 80 -46.89 32.26 25.89
C ALA L 80 -45.51 32.14 25.26
N ARG L 81 -45.17 32.99 24.29
CA ARG L 81 -43.86 32.86 23.63
C ARG L 81 -42.66 33.26 24.51
N GLN L 82 -42.88 34.15 25.50
CA GLN L 82 -41.86 34.39 26.55
C GLN L 82 -41.79 33.17 27.46
N GLN L 83 -42.94 32.58 27.81
CA GLN L 83 -42.92 31.38 28.65
C GLN L 83 -42.21 30.20 28.01
N LEU L 84 -42.56 29.84 26.80
CA LEU L 84 -41.83 28.77 26.16
C LEU L 84 -40.34 29.07 26.02
N LEU L 85 -39.91 30.30 25.69
CA LEU L 85 -38.46 30.53 25.62
C LEU L 85 -37.77 30.40 26.99
N ALA L 86 -38.56 30.34 28.07
CA ALA L 86 -38.02 30.11 29.41
C ALA L 86 -38.00 28.62 29.78
N LEU L 87 -39.04 27.89 29.39
CA LEU L 87 -39.06 26.46 29.64
C LEU L 87 -37.98 25.80 28.84
N ARG L 88 -37.92 26.09 27.55
CA ARG L 88 -36.86 25.49 26.74
C ARG L 88 -35.46 26.04 27.05
N GLU L 89 -35.36 27.24 27.60
CA GLU L 89 -34.04 27.68 28.11
C GLU L 89 -33.69 26.82 29.34
N GLU L 90 -34.71 26.31 30.04
CA GLU L 90 -34.54 25.49 31.26
C GLU L 90 -34.08 24.11 30.91
N VAL L 91 -34.55 23.62 29.79
CA VAL L 91 -34.20 22.29 29.46
C VAL L 91 -32.71 22.14 29.03
N ASP L 92 -32.06 23.24 28.67
CA ASP L 92 -30.61 23.20 28.48
C ASP L 92 -29.85 23.41 29.80
N ARG L 93 -30.52 24.02 30.81
CA ARG L 93 -29.98 24.19 32.19
C ARG L 93 -29.87 22.81 32.90
N LEU L 94 -30.60 21.85 32.35
CA LEU L 94 -30.60 20.47 32.81
C LEU L 94 -29.39 19.69 32.29
N GLY L 95 -28.94 20.04 31.10
CA GLY L 95 -27.80 19.35 30.53
C GLY L 95 -26.52 20.00 30.95
N GLN L 96 -26.60 20.82 31.98
CA GLN L 96 -25.45 21.55 32.46
C GLN L 96 -24.55 20.67 33.33
N PRO L 97 -23.22 20.78 33.17
CA PRO L 97 -22.22 20.23 34.07
C PRO L 97 -22.43 20.71 35.51
N PRO L 98 -22.04 19.91 36.53
CA PRO L 98 -21.34 18.63 36.59
C PRO L 98 -22.29 17.49 36.36
N SER L 99 -21.87 16.50 35.58
CA SER L 99 -22.77 15.42 35.23
C SER L 99 -22.12 14.12 35.11
N GLY L 100 -22.90 13.10 35.45
CA GLY L 100 -22.39 11.75 35.56
C GLY L 100 -22.87 10.84 34.47
N TYR L 101 -22.27 9.66 34.40
CA TYR L 101 -22.34 8.81 33.24
C TYR L 101 -22.72 7.34 33.59
N GLY L 102 -23.86 6.92 33.10
CA GLY L 102 -24.26 5.53 33.26
C GLY L 102 -24.38 4.81 31.93
N VAL L 103 -24.50 3.47 32.00
CA VAL L 103 -24.74 2.64 30.83
C VAL L 103 -26.21 2.46 30.73
N LEU L 104 -26.69 2.39 29.49
CA LEU L 104 -28.11 2.20 29.17
C LEU L 104 -28.52 0.75 28.94
N LEU L 105 -29.29 0.19 29.87
CA LEU L 105 -29.71 -1.21 29.81
C LEU L 105 -30.83 -1.53 28.82
N ALA L 106 -32.06 -1.07 29.10
CA ALA L 106 -33.04 -1.10 28.02
C ALA L 106 -34.01 0.08 28.10
N THR L 107 -34.65 0.36 26.96
CA THR L 107 -35.62 1.47 26.76
C THR L 107 -37.03 1.03 27.06
N HIS L 108 -37.80 1.98 27.58
CA HIS L 108 -39.23 1.78 27.72
C HIS L 108 -40.01 2.62 26.75
N ASP L 109 -41.27 2.27 26.59
CA ASP L 109 -42.19 3.04 25.77
C ASP L 109 -42.40 4.44 26.38
N ASP L 110 -42.65 4.54 27.69
CA ASP L 110 -43.09 5.83 28.27
C ASP L 110 -42.01 6.92 28.61
N ASP L 111 -40.86 6.80 27.95
CA ASP L 111 -39.78 7.79 28.05
C ASP L 111 -38.87 7.57 29.27
N THR L 112 -38.85 6.31 29.71
CA THR L 112 -37.99 5.91 30.78
C THR L 112 -36.82 5.07 30.27
N VAL L 113 -35.77 5.07 31.04
CA VAL L 113 -34.69 4.19 30.75
C VAL L 113 -34.21 3.38 31.98
N ASP L 114 -33.94 2.10 31.73
CA ASP L 114 -33.10 1.29 32.57
C ASP L 114 -31.62 1.67 32.26
N VAL L 115 -31.07 2.58 33.06
CA VAL L 115 -29.67 2.85 32.94
C VAL L 115 -29.03 2.18 34.09
N PHE L 116 -27.74 2.01 34.00
CA PHE L 116 -27.04 1.42 35.09
C PHE L 116 -25.94 2.40 35.34
N THR L 117 -25.98 3.02 36.51
CA THR L 117 -25.03 4.04 36.92
C THR L 117 -24.68 3.78 38.38
N SER L 118 -23.55 4.24 38.92
CA SER L 118 -23.36 4.11 40.37
C SER L 118 -23.78 2.73 40.84
N GLY L 119 -23.51 1.72 40.03
CA GLY L 119 -23.61 0.36 40.50
C GLY L 119 -24.96 -0.29 40.72
N ARG L 120 -26.06 0.43 40.57
CA ARG L 120 -27.38 -0.28 40.54
C ARG L 120 -28.20 -0.16 39.21
N LYS L 121 -29.36 -0.80 39.13
CA LYS L 121 -30.14 -0.72 37.93
C LYS L 121 -31.15 0.35 38.22
N MET L 122 -31.19 1.44 37.48
CA MET L 122 -32.21 2.41 37.78
C MET L 122 -33.10 2.73 36.60
N ARG L 123 -34.33 3.10 36.92
CA ARG L 123 -35.30 3.38 35.88
C ARG L 123 -35.63 4.85 35.86
N LEU L 124 -35.19 5.46 34.80
CA LEU L 124 -34.95 6.87 34.78
C LEU L 124 -35.70 7.68 33.71
N THR L 125 -36.15 8.86 34.11
CA THR L 125 -36.90 9.80 33.24
C THR L 125 -35.91 10.65 32.49
N CYS L 126 -36.14 10.87 31.21
CA CYS L 126 -35.17 11.71 30.45
C CYS L 126 -35.69 13.06 29.94
N SER L 127 -34.75 13.85 29.46
CA SER L 127 -35.06 15.19 29.03
C SER L 127 -35.76 15.11 27.70
N PRO L 128 -36.83 15.92 27.58
CA PRO L 128 -37.33 16.40 26.35
C PRO L 128 -36.34 16.27 25.20
N ASN L 129 -35.18 16.92 25.32
CA ASN L 129 -34.19 17.00 24.22
C ASN L 129 -33.74 15.64 23.66
N ILE L 130 -34.17 14.57 24.31
CA ILE L 130 -33.63 13.28 24.02
C ILE L 130 -34.46 12.41 23.12
N ASP L 131 -33.82 11.96 22.04
CA ASP L 131 -34.47 11.16 21.00
C ASP L 131 -34.58 9.62 21.31
N ALA L 132 -35.65 9.21 21.99
CA ALA L 132 -35.73 7.85 22.60
C ALA L 132 -35.68 6.67 21.61
N ALA L 133 -35.84 7.00 20.33
CA ALA L 133 -35.82 6.03 19.22
C ALA L 133 -34.39 5.71 18.81
N SER L 134 -33.53 6.72 18.90
CA SER L 134 -32.15 6.56 18.51
C SER L 134 -31.28 6.03 19.69
N LEU L 135 -31.89 5.83 20.87
CA LEU L 135 -31.18 5.22 21.99
C LEU L 135 -30.85 3.77 21.67
N LYS L 136 -29.58 3.39 21.80
CA LYS L 136 -29.12 2.03 21.47
C LYS L 136 -28.71 1.27 22.73
N LYS L 137 -29.31 0.10 22.95
CA LYS L 137 -28.94 -0.77 24.11
C LYS L 137 -27.44 -0.86 24.31
N GLY L 138 -27.02 -0.32 25.45
CA GLY L 138 -25.63 -0.45 25.86
C GLY L 138 -24.86 0.71 25.29
N GLN L 139 -25.36 1.89 25.58
CA GLN L 139 -24.78 3.08 25.05
C GLN L 139 -24.63 3.92 26.26
N THR L 140 -23.51 4.61 26.27
CA THR L 140 -23.12 5.35 27.42
C THR L 140 -23.95 6.60 27.40
N VAL L 141 -24.73 6.84 28.43
CA VAL L 141 -25.54 8.05 28.46
C VAL L 141 -24.93 9.03 29.49
N ARG L 142 -25.44 10.27 29.55
CA ARG L 142 -25.05 11.29 30.57
C ARG L 142 -26.19 11.61 31.57
N LEU L 143 -25.91 12.08 32.78
CA LEU L 143 -27.02 12.36 33.72
C LEU L 143 -26.69 13.47 34.68
N ASN L 144 -27.66 14.35 34.92
CA ASN L 144 -27.45 15.55 35.75
C ASN L 144 -27.52 15.20 37.21
N GLU L 145 -27.63 16.22 38.07
CA GLU L 145 -27.60 15.98 39.50
C GLU L 145 -28.63 14.94 39.95
N ALA L 146 -29.91 15.32 39.96
CA ALA L 146 -30.99 14.33 40.11
C ALA L 146 -30.89 13.56 38.85
N LEU L 147 -31.01 12.25 38.92
CA LEU L 147 -30.64 11.49 37.77
C LEU L 147 -31.76 11.63 36.77
N THR L 148 -31.42 12.10 35.57
CA THR L 148 -32.40 12.50 34.54
C THR L 148 -31.52 12.56 33.32
N VAL L 149 -31.77 11.73 32.33
CA VAL L 149 -30.77 11.57 31.27
C VAL L 149 -30.63 12.87 30.47
N VAL L 150 -29.50 13.12 29.81
CA VAL L 150 -29.44 14.34 29.03
C VAL L 150 -28.66 14.32 27.75
N GLU L 151 -28.10 13.19 27.36
CA GLU L 151 -27.39 13.09 26.07
C GLU L 151 -27.28 11.60 25.79
N ALA L 152 -26.86 11.22 24.58
CA ALA L 152 -26.43 9.83 24.38
C ALA L 152 -25.02 10.00 23.96
N GLY L 153 -24.29 8.91 23.85
CA GLY L 153 -22.84 9.05 23.64
C GLY L 153 -22.25 7.85 22.94
N THR L 154 -20.94 7.93 22.71
CA THR L 154 -20.16 6.82 22.13
C THR L 154 -20.41 5.52 22.88
N PHE L 155 -19.45 4.62 22.75
CA PHE L 155 -19.42 3.45 23.59
C PHE L 155 -18.22 3.46 24.50
N GLU L 156 -18.40 2.88 25.68
CA GLU L 156 -17.28 2.83 26.60
C GLU L 156 -16.17 2.12 25.84
N ALA L 157 -14.96 2.66 25.93
CA ALA L 157 -13.93 2.18 25.03
C ALA L 157 -12.72 1.63 25.73
N VAL L 158 -12.74 1.56 27.04
CA VAL L 158 -11.59 1.03 27.73
C VAL L 158 -12.10 0.03 28.69
N GLY L 159 -11.25 -0.92 29.09
CA GLY L 159 -11.61 -1.83 30.17
C GLY L 159 -11.22 -3.27 30.01
N GLU L 160 -12.13 -4.13 30.46
CA GLU L 160 -11.85 -5.56 30.53
C GLU L 160 -11.95 -6.24 29.10
N ILE L 161 -10.87 -6.89 28.69
CA ILE L 161 -10.89 -7.82 27.56
C ILE L 161 -11.23 -9.20 28.09
N SER L 162 -12.16 -9.84 27.41
CA SER L 162 -12.36 -11.28 27.58
C SER L 162 -12.78 -11.87 26.26
N THR L 163 -12.44 -13.14 26.11
CA THR L 163 -12.56 -13.84 24.82
C THR L 163 -13.94 -14.51 24.82
N LEU L 164 -14.54 -14.80 23.69
CA LEU L 164 -15.90 -15.29 23.88
C LEU L 164 -16.10 -16.70 23.37
N ARG L 165 -16.92 -17.46 24.07
CA ARG L 165 -16.92 -18.87 23.81
C ARG L 165 -18.08 -19.33 22.98
N GLU L 166 -19.18 -18.55 22.95
CA GLU L 166 -20.31 -18.74 21.99
C GLU L 166 -21.42 -17.69 22.16
N ILE L 167 -22.25 -17.54 21.14
CA ILE L 167 -23.34 -16.60 21.22
C ILE L 167 -24.48 -17.45 21.63
N LEU L 168 -25.54 -16.85 22.16
CA LEU L 168 -26.61 -17.67 22.74
C LEU L 168 -27.82 -17.79 21.85
N ALA L 169 -28.71 -18.69 22.24
CA ALA L 169 -29.97 -18.86 21.54
C ALA L 169 -30.64 -17.51 21.35
N ASP L 170 -30.65 -16.72 22.41
CA ASP L 170 -31.24 -15.39 22.34
C ASP L 170 -30.78 -14.64 21.08
N GLY L 171 -29.48 -14.71 20.79
CA GLY L 171 -28.84 -13.96 19.70
C GLY L 171 -28.46 -12.55 20.13
N HIS L 172 -28.43 -12.35 21.43
CA HIS L 172 -28.15 -11.08 22.09
C HIS L 172 -27.09 -11.20 23.22
N ARG L 173 -26.98 -12.38 23.80
CA ARG L 173 -26.17 -12.55 24.95
C ARG L 173 -25.06 -13.52 24.65
N ALA L 174 -23.87 -13.20 25.10
CA ALA L 174 -22.76 -14.12 24.90
C ALA L 174 -22.22 -14.80 26.16
N LEU L 175 -21.65 -15.99 25.94
CA LEU L 175 -20.80 -16.62 26.89
C LEU L 175 -19.43 -16.06 26.59
N VAL L 176 -18.98 -15.25 27.52
CA VAL L 176 -17.70 -14.65 27.45
C VAL L 176 -16.89 -15.33 28.49
N VAL L 177 -15.60 -15.44 28.24
CA VAL L 177 -14.72 -15.94 29.29
C VAL L 177 -13.53 -15.05 29.55
N GLY L 178 -13.65 -14.37 30.68
CA GLY L 178 -12.56 -13.57 31.27
C GLY L 178 -11.24 -14.26 31.65
N HIS L 179 -10.53 -13.55 32.52
CA HIS L 179 -9.13 -13.85 32.69
C HIS L 179 -8.79 -15.14 33.45
N ALA L 180 -9.37 -15.38 34.61
CA ALA L 180 -9.07 -16.65 35.27
C ALA L 180 -10.14 -17.64 34.90
N ASP L 181 -10.11 -18.09 33.66
CA ASP L 181 -11.05 -19.09 33.21
C ASP L 181 -12.41 -18.86 33.84
N GLU L 182 -12.84 -17.59 33.91
CA GLU L 182 -14.11 -17.18 34.54
C GLU L 182 -15.18 -16.88 33.50
N GLU L 183 -16.38 -17.43 33.63
CA GLU L 183 -17.32 -17.32 32.54
C GLU L 183 -18.46 -16.54 33.02
N ARG L 184 -19.02 -15.68 32.20
CA ARG L 184 -20.03 -14.75 32.65
C ARG L 184 -20.87 -14.54 31.47
N VAL L 185 -21.98 -13.83 31.62
CA VAL L 185 -22.91 -13.70 30.49
C VAL L 185 -23.31 -12.23 30.35
N VAL L 186 -22.94 -11.64 29.20
CA VAL L 186 -23.22 -10.24 28.94
C VAL L 186 -24.21 -10.07 27.84
N TRP L 187 -24.96 -8.96 27.91
CA TRP L 187 -25.64 -8.40 26.73
C TRP L 187 -24.58 -7.87 25.73
N LEU L 188 -24.88 -8.00 24.42
CA LEU L 188 -24.05 -7.53 23.29
C LEU L 188 -24.53 -6.19 22.83
N ALA L 189 -23.61 -5.26 22.75
CA ALA L 189 -23.98 -3.92 22.32
C ALA L 189 -24.51 -3.98 20.90
N ASP L 190 -25.67 -3.38 20.64
CA ASP L 190 -26.33 -3.48 19.30
C ASP L 190 -25.37 -3.60 18.06
N PRO L 191 -24.25 -2.86 18.08
CA PRO L 191 -23.23 -2.90 17.07
C PRO L 191 -22.42 -4.17 16.94
N LEU L 192 -22.92 -5.33 17.33
CA LEU L 192 -22.05 -6.49 17.20
C LEU L 192 -22.83 -7.68 16.72
N ILE L 193 -24.15 -7.51 16.80
CA ILE L 193 -25.11 -8.32 16.07
C ILE L 193 -25.81 -7.50 14.99
N ALA L 194 -25.32 -6.27 14.81
CA ALA L 194 -25.86 -5.33 13.82
C ALA L 194 -26.26 -6.02 12.51
N GLU L 195 -27.32 -5.46 11.92
CA GLU L 195 -27.95 -6.01 10.72
C GLU L 195 -26.97 -6.20 9.55
N ASP L 196 -26.59 -5.10 8.89
CA ASP L 196 -25.64 -5.16 7.77
C ASP L 196 -24.18 -5.30 8.23
N LEU L 197 -23.93 -6.45 8.87
CA LEU L 197 -22.58 -6.82 9.21
C LEU L 197 -22.17 -7.91 8.29
N PRO L 198 -21.10 -7.67 7.43
CA PRO L 198 -20.62 -8.58 6.39
C PRO L 198 -20.05 -9.89 6.90
N ASP L 199 -20.92 -10.91 6.90
CA ASP L 199 -20.54 -12.32 6.74
C ASP L 199 -19.32 -12.73 7.57
N GLY L 200 -18.14 -12.30 7.13
CA GLY L 200 -16.89 -12.66 7.80
C GLY L 200 -15.75 -12.93 6.83
N LEU L 201 -15.98 -13.86 5.88
CA LEU L 201 -14.92 -14.38 4.97
C LEU L 201 -13.87 -15.20 5.77
N PRO L 202 -13.04 -16.04 5.09
CA PRO L 202 -12.09 -16.88 5.87
C PRO L 202 -10.91 -16.10 6.49
N GLU L 203 -9.79 -16.79 6.68
CA GLU L 203 -8.59 -16.15 7.19
C GLU L 203 -7.32 -16.53 6.42
N ALA L 204 -7.32 -16.25 5.11
CA ALA L 204 -6.17 -16.57 4.21
C ALA L 204 -5.63 -15.41 3.30
N LEU L 205 -6.23 -14.21 3.41
CA LEU L 205 -5.64 -12.95 2.89
C LEU L 205 -5.16 -12.05 4.06
N ASN L 206 -4.77 -12.74 5.15
CA ASN L 206 -4.32 -12.19 6.46
C ASN L 206 -5.24 -11.25 7.27
N ASP L 207 -4.63 -10.43 8.15
CA ASP L 207 -5.36 -9.51 9.02
C ASP L 207 -6.01 -8.37 8.26
N ASP L 208 -7.16 -7.97 8.77
CA ASP L 208 -7.98 -6.98 8.14
C ASP L 208 -8.64 -6.12 9.24
N THR L 209 -9.17 -6.77 10.30
CA THR L 209 -9.73 -6.07 11.45
C THR L 209 -10.95 -5.18 11.11
N ARG L 210 -11.26 -5.04 9.82
CA ARG L 210 -12.42 -4.24 9.39
C ARG L 210 -13.69 -5.01 9.87
N PRO L 211 -14.75 -4.29 10.30
CA PRO L 211 -15.92 -4.86 10.98
C PRO L 211 -16.52 -6.14 10.39
N ARG L 212 -16.54 -7.22 11.19
CA ARG L 212 -17.20 -8.51 10.81
C ARG L 212 -18.40 -8.85 11.71
N LYS L 213 -18.98 -10.04 11.50
CA LYS L 213 -19.96 -10.61 12.44
C LYS L 213 -19.18 -11.54 13.36
N LEU L 214 -19.72 -11.73 14.55
CA LEU L 214 -18.94 -12.15 15.69
C LEU L 214 -18.51 -13.61 15.77
N ARG L 215 -17.22 -13.87 15.96
CA ARG L 215 -16.71 -15.26 15.96
C ARG L 215 -16.34 -15.86 17.32
N PRO L 216 -16.59 -17.18 17.51
CA PRO L 216 -16.03 -17.92 18.65
C PRO L 216 -14.54 -17.95 18.51
N GLY L 217 -13.94 -16.83 18.88
CA GLY L 217 -12.53 -16.60 18.69
C GLY L 217 -12.27 -15.24 19.31
N ASP L 218 -12.71 -14.19 18.61
CA ASP L 218 -12.38 -12.80 18.92
C ASP L 218 -12.33 -12.47 20.41
N SER L 219 -11.66 -11.36 20.69
CA SER L 219 -11.65 -10.81 22.02
C SER L 219 -12.56 -9.58 22.12
N LEU L 220 -13.41 -9.59 23.15
CA LEU L 220 -14.28 -8.44 23.47
C LEU L 220 -13.95 -7.56 24.68
N LEU L 221 -14.37 -6.32 24.52
CA LEU L 221 -14.21 -5.36 25.53
C LEU L 221 -15.57 -5.31 26.23
N VAL L 222 -15.55 -5.57 27.53
CA VAL L 222 -16.81 -5.70 28.29
C VAL L 222 -16.91 -4.86 29.60
N ASP L 223 -18.15 -4.72 30.09
CA ASP L 223 -18.29 -4.24 31.44
C ASP L 223 -19.02 -5.22 32.34
N THR L 224 -18.26 -6.14 32.94
CA THR L 224 -18.88 -7.14 33.81
C THR L 224 -19.85 -6.50 34.80
N LYS L 225 -19.50 -5.34 35.33
CA LYS L 225 -20.32 -4.65 36.32
C LYS L 225 -21.73 -4.40 35.81
N ALA L 226 -21.82 -4.00 34.54
CA ALA L 226 -23.07 -3.62 33.85
C ALA L 226 -23.78 -4.82 33.22
N GLY L 227 -23.28 -5.21 32.07
CA GLY L 227 -23.43 -6.53 31.62
C GLY L 227 -23.17 -6.48 30.16
N TYR L 228 -22.28 -5.60 29.74
CA TYR L 228 -22.16 -5.38 28.29
C TYR L 228 -20.84 -5.73 27.68
N ALA L 229 -20.96 -6.26 26.45
CA ALA L 229 -19.95 -6.21 25.39
C ALA L 229 -20.02 -4.84 24.64
N PHE L 230 -19.09 -4.56 23.75
CA PHE L 230 -19.00 -3.20 23.28
C PHE L 230 -18.29 -3.10 21.92
N GLU L 231 -17.33 -3.99 21.69
CA GLU L 231 -16.53 -3.87 20.49
C GLU L 231 -15.62 -5.06 20.31
N ARG L 232 -15.13 -5.22 19.10
CA ARG L 232 -14.32 -6.34 18.75
C ARG L 232 -12.90 -5.90 19.02
N ILE L 233 -11.94 -6.80 18.95
CA ILE L 233 -10.58 -6.37 19.00
C ILE L 233 -9.66 -7.33 18.27
N PRO L 234 -8.81 -6.78 17.41
CA PRO L 234 -7.65 -7.53 16.89
C PRO L 234 -6.59 -7.93 17.95
N LEU L 235 -6.57 -9.18 18.41
CA LEU L 235 -5.40 -9.68 19.18
C LEU L 235 -4.65 -10.52 18.14
N VAL L 236 -3.33 -10.61 18.25
CA VAL L 236 -2.54 -11.55 17.38
C VAL L 236 -1.59 -12.46 18.21
N PRO L 237 -2.08 -13.63 18.72
CA PRO L 237 -1.44 -14.46 19.84
C PRO L 237 -0.45 -15.64 19.48
#